data_7SN8
#
_entry.id   7SN8
#
_cell.length_a   1.00
_cell.length_b   1.00
_cell.length_c   1.00
_cell.angle_alpha   90.00
_cell.angle_beta   90.00
_cell.angle_gamma   90.00
#
_symmetry.space_group_name_H-M   'P 1'
#
loop_
_entity.id
_entity.type
_entity.pdbx_description
1 polymer 'Integrator complex subunit 4'
2 polymer 'Integrator complex subunit 11'
3 polymer 'Integrator complex subunit 9'
4 non-polymer 'ZINC ION'
5 non-polymer 'INOSITOL HEXAKISPHOSPHATE'
#
loop_
_entity_poly.entity_id
_entity_poly.type
_entity_poly.pdbx_seq_one_letter_code
_entity_poly.pdbx_strand_id
1 'polypeptide(L)'
;MHHHHHHGSGMALAIKKRVGTYVETVDGSPPVKKLRLQTLAADAKGGKSGKVGNVERKLTALNQLDAYVGNLPAGALVLP
TGTPVASTGAPSTGVIGNPPAAATGAPPMTAANSRELLELLVKITDEISYEDVEMGELKEVASKIFQLYQLQERDSDTSI
RVKLLELLSGLGCECATEQALTMIIDYFIFLLRKEVSQKVLAQGMMCLFRIGERRKHMLPISYKTQVAHLAKEQLRSGSA
HTQKNAMLVIGRFATKMEGERHYVWKLAFYIDSQDSSVRAQALHALLTLGERGSQLPAVLYKRAVEAMKDDYECVRKEAL
QLVFMLGNRHPDYILPSDRQQEELRMIDAAFSKVCEALCDLSLQIRVLAAELLGGMTAVSREFLHQTLDKKLMSNLRRKR
TAHERGARLVASGEWSSGKRWADDAPQEHLDAQSISIIASGACGALIHGLEDEFLEVRTAAVASMCKLALSRPDFAVTSL
DFLVDMFNDEIEDVRLKAIYSLTAIAKHIVLREDQLEIMLGSLEDYSVDVREGLHLMLGACRVSTQTCLLMVVQKLLDVL
AKYPQDRNSTYACMRKIGQKHPHLVMAVAVHLLYVHPFFETPERDVEDPAYLCVLILVFNAAEHLVPIISLLPTATHRHY
AYLRDSMPNLVPQLPIEGASSASATHRIDSAMHQAGSSAEYLQMILSHIEEIFTMTDERLELLQTAQSNLQRLGSIDAGM
YGTSNFLETFLAAQIQIEQMQRCASTQRSRVPLKESLAALIRNCLKLQHTFSGLNYGDILQVKQLRLRACALHLVLVVRD
RSQSALGPCQMLLQTAGDISEFIKANTKDEEEKPPVVETDMPMKESVSRDAQPDSFTRQLLIKLDGISDPKPGRVFREIL
PLVQQAPPLALPPANDKIRRCVANILEPCPLQSQDNVIKVTAGLIAAVPFVAEIDNLLESQKADMRIKIKYPDQHMHTVV
PKQSDFKPIMTEQGEHKTNVRLRTTILLSHSVWTESSLVEIQLCLAVRPGSELELCKPAKVLFAPKPVRRGI
;
D
2 'polypeptide(L)'
;MPDIKITPLGAGQDVGRSCLLLSMGGKNIMLDCGMHMGYNDERRFPDFSYIVPEGPITSHIDCVIISHFHLDHCGALPYM
SEIVGYTGPIYMTHPTKAIAPILLEDMRKVAVERKGESNFFTTQMIKDCMKKVIPVTLHQSMMVDTDLEIKAYYAGHVLG
AAMFWIKVGSQSVVYTGDYNMTPDRHLGAAWIDKCRPDLLISESTYATTIRDSKRCRERDFLKKVHECVAKGGKVLIPVF
ALGRAQELCILLETYWERMNLKYPIYFALGLTEKANTYYKMFITWTNQKIRKTFVHRNMFDFKHIKPFDKAYIDNPGAMV
VFATPGMLHAGLSLQIFKKWAPNENNMVIMPGYCVQGTVGNKILGGAKKVEFENRQVVEVKMAVEYMSFSAHADAKGIMQ
LIQNCEPKNVMLVHGEAGKMKFLRSKIKDEFNLETYMPANGETCVISTPVKIPVDASVSLLKAEARSYNAQPPDPKRRRL
IHGVLVMKDNRIMLQNLTDALKEIGINRHVMRFTSKVKMDDSGPVIRTSERLKTLLEEKLAGWTVTMQENGSIAIESVEV
KVEEDEKDPKQKNILISWTNQDEDIGAYILNVLQNMC
;
K
3 'polypeptide(L)'
;MRLYCLSGDLAKPCYIITFKGLRIMLDCGLTEQTVLNFLPLPFVQSLKWSNLPNFVPSRDHDPQMDGELKDCCGRVFVDS
TPEFNLPMDKMLDFSEVDVILISNYLNMLALPYITENTGFKGKVYATEPTLQIGRFFLEELVDYIEVSPKACTARLWKEK
LHLLPSPLSEAFRAKKWRTIFSLKDVQGSLSKVTIMGYDEKLDILGAFIATPVSSGYCLGSSNWVLSTAHEKICYVSGSS
TLTTHPRPINQSALKHADVLIMTGLTQAPTVNPDTKLGELCMNVALTIRNNGSALIPCYPSGVVYDLFECLTQNLENAGL
NNVPMFFISPVADSSLAYSNILAEWLSSAKQNKVYLPDDPFPHAFYLRNNKLKHYNHVFSEGFSKDFRQPCVVFCGHPSL
RFGDAVHFIEMWGNNPNNSIIFTEPDFPYLQVLAPFQPLAMKAFYCPIDTSLNYQQANKLIKELKPNVLVIPEAYTKPHP
SAPNLFIEQPDKKIITFKCGEIIRLPLKRKLDRIYITSELAQKISPKEVAAGVTFSTLTGVLQVKDKVHCIQPCADSVKD
ETISSNSAPTKEDVLKNVKYEYGSIDVDAVMKKLAQDGFSNIKLDRTGGALTLNLVNEDTVIKFEDNETHIICGGKPTTR
LKLRDTIMKCLQSF
;
I
#
loop_
_chem_comp.id
_chem_comp.type
_chem_comp.name
_chem_comp.formula
IHP non-polymer 'INOSITOL HEXAKISPHOSPHATE' 'C6 H18 O24 P6'
ZN non-polymer 'ZINC ION' 'Zn 2'
#
# COMPACT_ATOMS: atom_id res chain seq x y z
N ASN A 113 8.30 -40.82 -5.56
CA ASN A 113 9.22 -40.83 -6.69
C ASN A 113 9.13 -39.51 -7.45
N SER A 114 7.91 -38.99 -7.60
CA SER A 114 7.72 -37.68 -8.21
C SER A 114 8.36 -36.58 -7.38
N ARG A 115 8.20 -36.67 -6.05
CA ARG A 115 8.82 -35.70 -5.15
C ARG A 115 10.34 -35.73 -5.26
N GLU A 116 10.92 -36.91 -5.42
CA GLU A 116 12.36 -37.02 -5.56
C GLU A 116 12.86 -36.38 -6.85
N LEU A 117 12.11 -36.56 -7.95
CA LEU A 117 12.48 -35.90 -9.20
C LEU A 117 12.35 -34.39 -9.08
N LEU A 118 11.31 -33.90 -8.38
CA LEU A 118 11.18 -32.47 -8.16
C LEU A 118 12.35 -31.92 -7.34
N GLU A 119 12.75 -32.65 -6.30
CA GLU A 119 13.89 -32.24 -5.48
C GLU A 119 15.18 -32.19 -6.30
N LEU A 120 15.38 -33.21 -7.13
CA LEU A 120 16.55 -33.24 -8.00
C LEU A 120 16.53 -32.07 -8.98
N LEU A 121 15.35 -31.75 -9.52
CA LEU A 121 15.24 -30.64 -10.44
C LEU A 121 15.57 -29.31 -9.77
N VAL A 122 15.06 -29.10 -8.56
CA VAL A 122 15.35 -27.86 -7.83
C VAL A 122 16.84 -27.75 -7.54
N LYS A 123 17.46 -28.84 -7.09
CA LYS A 123 18.89 -28.83 -6.81
C LYS A 123 19.70 -28.57 -8.08
N ILE A 124 19.32 -29.20 -9.20
CA ILE A 124 20.06 -29.02 -10.44
C ILE A 124 19.96 -27.58 -10.92
N THR A 125 18.74 -27.03 -10.97
CA THR A 125 18.58 -25.67 -11.47
C THR A 125 19.21 -24.65 -10.54
N ASP A 126 19.35 -24.98 -9.25
CA ASP A 126 20.10 -24.10 -8.37
C ASP A 126 21.60 -24.14 -8.69
N GLU A 127 22.14 -25.35 -8.86
CA GLU A 127 23.58 -25.50 -9.07
C GLU A 127 24.03 -25.42 -10.52
N ILE A 128 23.11 -25.35 -11.48
CA ILE A 128 23.45 -25.37 -12.90
C ILE A 128 24.18 -24.08 -13.27
N SER A 129 24.86 -24.09 -14.42
CA SER A 129 25.39 -22.89 -15.03
C SER A 129 25.28 -23.07 -16.53
N TYR A 130 24.44 -22.26 -17.18
CA TYR A 130 24.20 -22.40 -18.61
C TYR A 130 25.34 -21.83 -19.44
N GLU A 131 26.12 -20.90 -18.89
CA GLU A 131 27.24 -20.33 -19.64
C GLU A 131 28.31 -21.38 -19.92
N ASP A 132 28.61 -22.22 -18.94
CA ASP A 132 29.65 -23.22 -19.08
C ASP A 132 29.05 -24.62 -19.25
N GLY A 136 27.71 -28.22 -28.15
CA GLY A 136 28.28 -29.56 -28.14
C GLY A 136 27.31 -30.63 -27.69
N GLU A 137 27.12 -30.74 -26.39
CA GLU A 137 26.18 -31.68 -25.79
C GLU A 137 24.79 -31.09 -25.64
N LEU A 138 24.56 -29.89 -26.16
CA LEU A 138 23.30 -29.20 -25.99
C LEU A 138 22.14 -29.96 -26.62
N LYS A 139 22.39 -30.62 -27.76
CA LYS A 139 21.35 -31.40 -28.41
C LYS A 139 20.90 -32.55 -27.53
N GLU A 140 21.84 -33.24 -26.89
CA GLU A 140 21.50 -34.41 -26.09
C GLU A 140 20.73 -34.03 -24.84
N VAL A 141 21.18 -33.01 -24.12
CA VAL A 141 20.49 -32.60 -22.90
C VAL A 141 19.14 -31.99 -23.23
N ALA A 142 19.04 -31.24 -24.34
CA ALA A 142 17.76 -30.71 -24.76
C ALA A 142 16.78 -31.82 -25.10
N SER A 143 17.26 -32.87 -25.77
CA SER A 143 16.39 -33.99 -26.10
C SER A 143 15.99 -34.78 -24.86
N LYS A 144 16.90 -34.91 -23.89
CA LYS A 144 16.55 -35.60 -22.65
C LYS A 144 15.50 -34.82 -21.85
N ILE A 145 15.62 -33.50 -21.83
CA ILE A 145 14.60 -32.67 -21.18
C ILE A 145 13.27 -32.82 -21.91
N PHE A 146 13.31 -32.85 -23.25
CA PHE A 146 12.08 -33.03 -24.03
C PHE A 146 11.43 -34.37 -23.70
N GLN A 147 12.21 -35.44 -23.66
CA GLN A 147 11.67 -36.77 -23.38
C GLN A 147 11.12 -36.87 -21.97
N LEU A 148 11.83 -36.28 -21.00
CA LEU A 148 11.34 -36.29 -19.62
C LEU A 148 10.07 -35.45 -19.47
N TYR A 149 9.93 -34.40 -20.28
CA TYR A 149 8.67 -33.68 -20.33
C TYR A 149 7.55 -34.53 -20.92
N GLN A 150 7.88 -35.36 -21.91
CA GLN A 150 6.86 -36.14 -22.61
C GLN A 150 6.21 -37.17 -21.70
N LEU A 151 7.00 -37.83 -20.86
CA LEU A 151 6.46 -38.93 -20.05
C LEU A 151 5.46 -38.46 -19.00
N GLN A 152 5.64 -37.22 -18.49
CA GLN A 152 4.76 -36.65 -17.47
C GLN A 152 3.28 -36.78 -17.81
N GLU A 153 2.52 -37.44 -16.93
CA GLU A 153 1.11 -37.62 -17.14
C GLU A 153 0.35 -36.33 -16.84
N ARG A 154 -0.87 -36.25 -17.37
CA ARG A 154 -1.78 -35.20 -16.93
C ARG A 154 -2.16 -35.45 -15.47
N ASP A 155 -2.38 -34.36 -14.74
CA ASP A 155 -2.61 -34.38 -13.29
C ASP A 155 -1.42 -34.99 -12.55
N SER A 156 -0.23 -34.72 -13.05
CA SER A 156 1.00 -34.88 -12.29
C SER A 156 1.34 -33.52 -11.67
N ASP A 157 2.54 -33.37 -11.13
CA ASP A 157 2.99 -32.10 -10.58
C ASP A 157 3.41 -31.18 -11.72
N THR A 158 2.71 -30.05 -11.87
CA THR A 158 3.06 -29.10 -12.91
C THR A 158 4.41 -28.42 -12.65
N SER A 159 4.88 -28.45 -11.40
CA SER A 159 6.14 -27.80 -11.08
C SER A 159 7.32 -28.50 -11.73
N ILE A 160 7.22 -29.82 -11.97
CA ILE A 160 8.26 -30.53 -12.70
C ILE A 160 8.35 -30.02 -14.14
N ARG A 161 7.20 -29.86 -14.79
CA ARG A 161 7.18 -29.33 -16.15
C ARG A 161 7.68 -27.90 -16.21
N VAL A 162 7.33 -27.09 -15.21
CA VAL A 162 7.82 -25.71 -15.14
C VAL A 162 9.34 -25.69 -14.98
N LYS A 163 9.87 -26.56 -14.11
CA LYS A 163 11.31 -26.65 -13.93
C LYS A 163 12.01 -27.04 -15.22
N LEU A 164 11.46 -28.01 -15.95
CA LEU A 164 12.10 -28.44 -17.20
C LEU A 164 12.03 -27.34 -18.26
N LEU A 165 10.91 -26.63 -18.35
CA LEU A 165 10.82 -25.52 -19.30
C LEU A 165 11.82 -24.42 -18.98
N GLU A 166 11.95 -24.04 -17.70
CA GLU A 166 12.88 -22.96 -17.39
C GLU A 166 14.33 -23.41 -17.51
N LEU A 167 14.59 -24.70 -17.32
CA LEU A 167 15.90 -25.25 -17.63
C LEU A 167 16.24 -25.09 -19.11
N LEU A 168 15.30 -25.51 -19.98
CA LEU A 168 15.48 -25.35 -21.41
C LEU A 168 15.61 -23.87 -21.79
N SER A 169 14.88 -23.01 -21.09
CA SER A 169 14.89 -21.58 -21.39
C SER A 169 16.23 -20.94 -21.08
N GLY A 170 16.77 -21.19 -19.89
CA GLY A 170 18.10 -20.67 -19.59
C GLY A 170 19.15 -21.26 -20.51
N LEU A 171 19.00 -22.54 -20.84
CA LEU A 171 19.95 -23.20 -21.72
C LEU A 171 19.93 -22.61 -23.13
N GLY A 172 18.77 -22.10 -23.56
CA GLY A 172 18.72 -21.36 -24.81
C GLY A 172 19.08 -19.89 -24.68
N CYS A 173 18.91 -19.32 -23.49
CA CYS A 173 19.36 -17.95 -23.24
C CYS A 173 20.87 -17.85 -23.35
N GLU A 174 21.59 -18.92 -23.03
CA GLU A 174 23.03 -18.97 -23.29
C GLU A 174 23.30 -20.04 -24.35
N CYS A 175 23.15 -19.66 -25.62
CA CYS A 175 23.31 -20.60 -26.73
C CYS A 175 24.48 -20.25 -27.64
N ALA A 176 24.46 -19.06 -28.26
CA ALA A 176 25.52 -18.56 -29.13
C ALA A 176 25.89 -19.55 -30.24
N THR A 177 24.88 -20.03 -30.97
CA THR A 177 25.14 -20.95 -32.08
C THR A 177 24.32 -20.66 -33.34
N GLU A 178 23.22 -19.91 -33.23
CA GLU A 178 22.32 -19.47 -34.31
C GLU A 178 21.48 -20.59 -34.89
N GLN A 179 21.75 -21.83 -34.51
CA GLN A 179 20.86 -22.94 -34.83
C GLN A 179 20.40 -23.71 -33.60
N ALA A 180 21.21 -23.73 -32.55
CA ALA A 180 20.74 -24.26 -31.28
C ALA A 180 19.61 -23.41 -30.73
N LEU A 181 19.69 -22.10 -30.93
CA LEU A 181 18.60 -21.21 -30.56
C LEU A 181 17.31 -21.58 -31.28
N THR A 182 17.39 -21.84 -32.58
CA THR A 182 16.19 -22.20 -33.33
C THR A 182 15.68 -23.57 -32.95
N MET A 183 16.57 -24.51 -32.62
CA MET A 183 16.12 -25.82 -32.17
C MET A 183 15.39 -25.74 -30.83
N ILE A 184 15.92 -24.95 -29.90
CA ILE A 184 15.26 -24.79 -28.61
C ILE A 184 13.95 -24.03 -28.75
N ILE A 185 13.90 -23.03 -29.64
CA ILE A 185 12.66 -22.31 -29.90
C ILE A 185 11.62 -23.26 -30.50
N ASP A 186 12.06 -24.17 -31.37
CA ASP A 186 11.17 -25.17 -31.93
C ASP A 186 10.63 -26.10 -30.86
N TYR A 187 11.48 -26.49 -29.90
CA TYR A 187 11.01 -27.30 -28.78
C TYR A 187 9.96 -26.57 -27.97
N PHE A 188 10.16 -25.28 -27.70
CA PHE A 188 9.16 -24.49 -26.99
C PHE A 188 7.86 -24.41 -27.76
N ILE A 189 7.93 -24.19 -29.07
CA ILE A 189 6.72 -24.09 -29.89
C ILE A 189 5.95 -25.41 -29.87
N PHE A 190 6.68 -26.53 -30.05
CA PHE A 190 6.05 -27.84 -30.05
C PHE A 190 5.41 -28.17 -28.71
N LEU A 191 6.10 -27.86 -27.61
CA LEU A 191 5.57 -28.22 -26.30
C LEU A 191 4.42 -27.32 -25.88
N LEU A 192 4.47 -26.03 -26.20
CA LEU A 192 3.42 -25.13 -25.77
C LEU A 192 2.21 -25.15 -26.69
N ARG A 193 2.35 -25.66 -27.92
CA ARG A 193 1.18 -25.76 -28.78
C ARG A 193 0.23 -26.87 -28.35
N LYS A 194 0.71 -27.86 -27.61
CA LYS A 194 -0.12 -28.94 -27.12
C LYS A 194 -0.39 -28.85 -25.61
N GLU A 195 0.19 -27.87 -24.93
CA GLU A 195 -0.02 -27.72 -23.50
C GLU A 195 -1.45 -27.31 -23.18
N VAL A 196 -1.97 -27.81 -22.07
CA VAL A 196 -3.33 -27.50 -21.64
C VAL A 196 -3.40 -26.81 -20.29
N SER A 197 -2.40 -26.98 -19.42
CA SER A 197 -2.45 -26.36 -18.10
C SER A 197 -1.97 -24.91 -18.20
N GLN A 198 -2.70 -24.00 -17.56
CA GLN A 198 -2.43 -22.58 -17.71
C GLN A 198 -1.16 -22.15 -16.97
N LYS A 199 -0.81 -22.82 -15.88
CA LYS A 199 0.39 -22.45 -15.14
C LYS A 199 1.65 -22.69 -15.98
N VAL A 200 1.72 -23.86 -16.60
CA VAL A 200 2.84 -24.17 -17.49
C VAL A 200 2.86 -23.26 -18.71
N LEU A 201 1.68 -22.87 -19.21
CA LEU A 201 1.62 -21.98 -20.36
C LEU A 201 2.12 -20.59 -20.02
N ALA A 202 1.73 -20.05 -18.87
CA ALA A 202 2.22 -18.73 -18.46
C ALA A 202 3.72 -18.76 -18.19
N GLN A 203 4.21 -19.83 -17.56
CA GLN A 203 5.65 -19.93 -17.35
C GLN A 203 6.40 -20.07 -18.67
N GLY A 204 5.82 -20.77 -19.65
CA GLY A 204 6.46 -20.87 -20.95
C GLY A 204 6.51 -19.55 -21.68
N MET A 205 5.43 -18.75 -21.55
CA MET A 205 5.46 -17.39 -22.07
C MET A 205 6.59 -16.58 -21.45
N MET A 206 6.74 -16.66 -20.13
CA MET A 206 7.83 -15.92 -19.47
C MET A 206 9.20 -16.43 -19.92
N CYS A 207 9.32 -17.73 -20.14
CA CYS A 207 10.58 -18.30 -20.63
C CYS A 207 10.93 -17.80 -22.03
N LEU A 208 9.94 -17.77 -22.92
CA LEU A 208 10.15 -17.22 -24.25
C LEU A 208 10.50 -15.74 -24.19
N PHE A 209 9.89 -15.02 -23.25
CA PHE A 209 10.18 -13.61 -23.04
C PHE A 209 11.63 -13.40 -22.59
N ARG A 210 12.11 -14.25 -21.68
CA ARG A 210 13.50 -14.12 -21.23
C ARG A 210 14.48 -14.48 -22.35
N ILE A 211 14.13 -15.47 -23.18
CA ILE A 211 14.97 -15.78 -24.34
C ILE A 211 15.00 -14.59 -25.28
N GLY A 212 13.85 -13.96 -25.51
CA GLY A 212 13.78 -12.89 -26.48
C GLY A 212 14.61 -11.68 -26.11
N GLU A 213 14.45 -11.19 -24.88
CA GLU A 213 15.19 -10.00 -24.48
C GLU A 213 16.66 -10.27 -24.26
N ARG A 214 17.05 -11.53 -24.04
CA ARG A 214 18.45 -11.85 -23.89
C ARG A 214 19.16 -11.80 -25.24
N ARG A 215 18.46 -12.15 -26.31
CA ARG A 215 19.09 -12.13 -27.62
C ARG A 215 18.71 -10.88 -28.44
N LYS A 216 17.43 -10.76 -28.81
CA LYS A 216 16.87 -9.62 -29.53
C LYS A 216 17.51 -9.35 -30.90
N HIS A 217 18.47 -10.17 -31.31
CA HIS A 217 19.19 -9.94 -32.56
C HIS A 217 19.45 -11.20 -33.36
N MET A 218 19.15 -12.37 -32.82
CA MET A 218 19.66 -13.63 -33.33
C MET A 218 18.57 -14.53 -33.89
N LEU A 219 17.31 -14.16 -33.74
CA LEU A 219 16.20 -14.97 -34.21
C LEU A 219 15.82 -14.52 -35.62
N PRO A 220 15.75 -15.44 -36.59
CA PRO A 220 15.21 -15.07 -37.90
C PRO A 220 13.78 -14.58 -37.80
N ILE A 221 13.42 -13.67 -38.72
CA ILE A 221 12.14 -12.96 -38.64
C ILE A 221 10.96 -13.92 -38.71
N SER A 222 11.13 -15.06 -39.39
CA SER A 222 10.07 -16.06 -39.39
C SER A 222 9.83 -16.62 -38.00
N TYR A 223 10.90 -16.85 -37.25
CA TYR A 223 10.77 -17.34 -35.88
C TYR A 223 10.15 -16.28 -34.97
N LYS A 224 10.51 -15.01 -35.16
CA LYS A 224 9.88 -13.94 -34.41
C LYS A 224 8.38 -13.88 -34.70
N THR A 225 8.00 -14.02 -35.97
CA THR A 225 6.59 -14.02 -36.34
C THR A 225 5.86 -15.22 -35.74
N GLN A 226 6.50 -16.40 -35.75
CA GLN A 226 5.87 -17.59 -35.18
C GLN A 226 5.68 -17.46 -33.67
N VAL A 227 6.67 -16.90 -32.98
CA VAL A 227 6.55 -16.72 -31.53
C VAL A 227 5.48 -15.68 -31.21
N ALA A 228 5.42 -14.60 -31.99
CA ALA A 228 4.37 -13.61 -31.79
C ALA A 228 2.99 -14.20 -32.02
N HIS A 229 2.84 -15.02 -33.07
CA HIS A 229 1.56 -15.67 -33.33
C HIS A 229 1.19 -16.64 -32.23
N LEU A 230 2.17 -17.40 -31.74
CA LEU A 230 1.92 -18.35 -30.66
C LEU A 230 1.50 -17.63 -29.38
N ALA A 231 2.12 -16.49 -29.08
CA ALA A 231 1.70 -15.68 -27.94
C ALA A 231 0.31 -15.12 -28.16
N LYS A 232 -0.02 -14.73 -29.39
CA LYS A 232 -1.35 -14.17 -29.67
C LYS A 232 -2.44 -15.22 -29.49
N GLU A 233 -2.16 -16.47 -29.84
CA GLU A 233 -3.17 -17.51 -29.71
C GLU A 233 -3.57 -17.79 -28.27
N GLN A 234 -2.74 -17.43 -27.29
CA GLN A 234 -3.08 -17.61 -25.89
C GLN A 234 -3.82 -16.43 -25.28
N LEU A 235 -4.09 -15.39 -26.07
CA LEU A 235 -4.77 -14.23 -25.53
C LEU A 235 -6.24 -14.52 -25.24
N ARG A 236 -6.85 -15.45 -25.96
CA ARG A 236 -8.27 -15.73 -25.77
C ARG A 236 -8.51 -16.69 -24.61
N SER A 237 -7.80 -17.81 -24.60
CA SER A 237 -8.00 -18.86 -23.60
C SER A 237 -7.19 -18.63 -22.33
N GLY A 238 -6.51 -17.50 -22.21
CA GLY A 238 -5.63 -17.26 -21.08
C GLY A 238 -6.37 -17.12 -19.78
N SER A 239 -5.59 -17.15 -18.69
CA SER A 239 -6.12 -17.16 -17.33
C SER A 239 -5.68 -15.93 -16.55
N ALA A 240 -5.47 -14.81 -17.26
CA ALA A 240 -5.12 -13.48 -16.75
C ALA A 240 -3.68 -13.41 -16.26
N HIS A 241 -2.99 -14.54 -16.19
CA HIS A 241 -1.54 -14.59 -16.06
C HIS A 241 -0.89 -14.95 -17.37
N THR A 242 -1.47 -15.92 -18.08
CA THR A 242 -1.06 -16.23 -19.44
C THR A 242 -1.28 -15.05 -20.36
N GLN A 243 -2.40 -14.34 -20.19
CA GLN A 243 -2.68 -13.17 -21.04
C GLN A 243 -1.66 -12.08 -20.83
N LYS A 244 -1.29 -11.81 -19.58
CA LYS A 244 -0.31 -10.78 -19.28
C LYS A 244 1.07 -11.14 -19.84
N ASN A 245 1.50 -12.40 -19.62
CA ASN A 245 2.79 -12.81 -20.15
C ASN A 245 2.78 -12.89 -21.68
N ALA A 246 1.63 -13.21 -22.26
CA ALA A 246 1.51 -13.26 -23.71
C ALA A 246 1.62 -11.86 -24.31
N MET A 247 1.01 -10.87 -23.67
CA MET A 247 1.18 -9.50 -24.17
C MET A 247 2.60 -9.00 -23.97
N LEU A 248 3.30 -9.50 -22.95
CA LEU A 248 4.72 -9.19 -22.81
C LEU A 248 5.52 -9.75 -23.99
N VAL A 249 5.25 -11.01 -24.36
CA VAL A 249 5.96 -11.63 -25.47
C VAL A 249 5.61 -10.95 -26.79
N ILE A 250 4.34 -10.57 -26.97
CA ILE A 250 3.93 -9.80 -28.15
C ILE A 250 4.67 -8.47 -28.18
N GLY A 251 4.82 -7.84 -27.01
CA GLY A 251 5.53 -6.56 -26.95
C GLY A 251 6.96 -6.65 -27.45
N ARG A 252 7.69 -7.69 -27.05
CA ARG A 252 9.07 -7.77 -27.56
C ARG A 252 9.18 -8.40 -28.95
N PHE A 253 8.30 -9.34 -29.32
CA PHE A 253 8.54 -10.11 -30.53
C PHE A 253 7.85 -9.56 -31.78
N ALA A 254 6.79 -8.77 -31.63
CA ALA A 254 6.14 -8.18 -32.79
C ALA A 254 7.03 -7.13 -33.44
N THR A 255 7.17 -7.20 -34.76
CA THR A 255 8.02 -6.28 -35.49
C THR A 255 7.22 -5.08 -35.97
N LYS A 256 7.90 -4.15 -36.61
CA LYS A 256 7.22 -3.05 -37.28
C LYS A 256 6.49 -3.57 -38.52
N MET A 257 5.46 -2.82 -38.92
CA MET A 257 4.54 -3.10 -40.03
C MET A 257 3.64 -4.30 -39.80
N GLU A 258 3.78 -5.04 -38.71
CA GLU A 258 2.83 -6.10 -38.40
C GLU A 258 2.23 -5.87 -37.04
N GLY A 259 2.97 -5.19 -36.15
CA GLY A 259 2.34 -4.58 -35.00
C GLY A 259 1.42 -3.46 -35.41
N GLU A 260 1.80 -2.71 -36.46
CA GLU A 260 1.00 -1.59 -36.92
C GLU A 260 -0.35 -2.04 -37.47
N ARG A 261 -0.36 -3.11 -38.27
CA ARG A 261 -1.58 -3.51 -38.97
C ARG A 261 -2.47 -4.43 -38.13
N HIS A 262 -1.91 -5.21 -37.21
CA HIS A 262 -2.77 -6.12 -36.48
C HIS A 262 -2.70 -6.00 -34.96
N TYR A 263 -1.50 -5.78 -34.41
CA TYR A 263 -1.33 -5.92 -32.97
C TYR A 263 -1.75 -4.69 -32.18
N VAL A 264 -1.74 -3.50 -32.80
CA VAL A 264 -2.17 -2.30 -32.08
C VAL A 264 -3.64 -2.42 -31.69
N TRP A 265 -4.49 -2.84 -32.62
CA TRP A 265 -5.91 -2.98 -32.33
C TRP A 265 -6.18 -4.14 -31.37
N LYS A 266 -5.46 -5.26 -31.57
CA LYS A 266 -5.64 -6.42 -30.72
C LYS A 266 -5.28 -6.13 -29.27
N LEU A 267 -4.18 -5.40 -29.05
CA LEU A 267 -3.83 -5.00 -27.69
C LEU A 267 -4.73 -3.88 -27.19
N ALA A 268 -5.18 -2.99 -28.07
CA ALA A 268 -6.03 -1.88 -27.65
C ALA A 268 -7.37 -2.35 -27.13
N PHE A 269 -7.85 -3.49 -27.63
CA PHE A 269 -9.06 -4.08 -27.06
C PHE A 269 -8.88 -4.47 -25.60
N TYR A 270 -7.66 -4.81 -25.18
CA TYR A 270 -7.42 -5.31 -23.83
C TYR A 270 -7.16 -4.21 -22.81
N ILE A 271 -7.25 -2.94 -23.23
CA ILE A 271 -7.28 -1.84 -22.27
C ILE A 271 -8.57 -1.88 -21.45
N ASP A 272 -9.65 -2.45 -22.01
CA ASP A 272 -10.92 -2.58 -21.32
C ASP A 272 -11.06 -3.93 -20.61
N SER A 273 -9.94 -4.60 -20.34
CA SER A 273 -9.97 -5.90 -19.69
C SER A 273 -10.48 -5.77 -18.25
N GLN A 274 -10.90 -6.90 -17.70
CA GLN A 274 -11.46 -6.92 -16.35
C GLN A 274 -10.40 -6.86 -15.26
N ASP A 275 -9.14 -7.14 -15.57
CA ASP A 275 -8.09 -7.21 -14.57
C ASP A 275 -7.11 -6.06 -14.72
N SER A 276 -6.66 -5.53 -13.58
CA SER A 276 -5.75 -4.40 -13.58
C SER A 276 -4.40 -4.75 -14.19
N SER A 277 -3.89 -5.95 -13.89
CA SER A 277 -2.63 -6.38 -14.47
C SER A 277 -2.72 -6.50 -15.99
N VAL A 278 -3.84 -7.02 -16.50
CA VAL A 278 -4.00 -7.17 -17.93
C VAL A 278 -4.16 -5.82 -18.61
N ARG A 279 -4.88 -4.89 -17.98
CA ARG A 279 -5.02 -3.53 -18.54
C ARG A 279 -3.67 -2.82 -18.58
N ALA A 280 -2.92 -2.90 -17.48
CA ALA A 280 -1.61 -2.27 -17.41
C ALA A 280 -0.66 -2.88 -18.43
N GLN A 281 -0.70 -4.21 -18.60
CA GLN A 281 0.17 -4.86 -19.57
C GLN A 281 -0.24 -4.52 -21.00
N ALA A 282 -1.53 -4.35 -21.28
CA ALA A 282 -1.96 -3.93 -22.61
C ALA A 282 -1.43 -2.53 -22.94
N LEU A 283 -1.54 -1.60 -22.00
CA LEU A 283 -1.00 -0.26 -22.22
C LEU A 283 0.51 -0.29 -22.36
N HIS A 284 1.19 -1.10 -21.54
CA HIS A 284 2.63 -1.20 -21.62
C HIS A 284 3.10 -1.79 -22.93
N ALA A 285 2.37 -2.78 -23.47
CA ALA A 285 2.72 -3.37 -24.74
C ALA A 285 2.49 -2.40 -25.89
N LEU A 286 1.42 -1.61 -25.82
CA LEU A 286 1.22 -0.56 -26.82
C LEU A 286 2.35 0.46 -26.77
N LEU A 287 2.80 0.82 -25.57
CA LEU A 287 3.94 1.72 -25.42
C LEU A 287 5.20 1.13 -26.01
N THR A 288 5.46 -0.16 -25.75
CA THR A 288 6.66 -0.81 -26.26
C THR A 288 6.64 -0.89 -27.78
N LEU A 289 5.48 -1.18 -28.36
CA LEU A 289 5.36 -1.14 -29.81
C LEU A 289 5.58 0.28 -30.35
N GLY A 290 5.07 1.28 -29.64
CA GLY A 290 5.28 2.66 -30.06
C GLY A 290 6.73 3.10 -29.99
N GLU A 291 7.50 2.53 -29.06
CA GLU A 291 8.90 2.93 -28.91
C GLU A 291 9.72 2.55 -30.14
N ARG A 292 9.81 1.26 -30.44
CA ARG A 292 10.71 0.80 -31.51
C ARG A 292 10.01 0.74 -32.86
N GLY A 293 9.28 1.80 -33.19
CA GLY A 293 8.72 1.95 -34.51
C GLY A 293 7.36 1.29 -34.64
N SER A 294 6.30 2.12 -34.69
CA SER A 294 4.94 1.71 -35.02
C SER A 294 4.11 2.98 -35.07
N GLN A 295 3.21 3.04 -36.04
CA GLN A 295 2.31 4.20 -36.16
C GLN A 295 1.12 3.94 -35.24
N LEU A 296 1.16 4.54 -34.06
CA LEU A 296 -0.01 4.52 -33.19
C LEU A 296 -0.98 5.58 -33.66
N PRO A 297 -2.21 5.23 -34.01
CA PRO A 297 -3.16 6.24 -34.49
C PRO A 297 -3.55 7.23 -33.40
N ALA A 298 -3.97 8.41 -33.84
CA ALA A 298 -4.38 9.47 -32.92
C ALA A 298 -5.67 9.12 -32.18
N VAL A 299 -6.51 8.24 -32.74
CA VAL A 299 -7.73 7.81 -32.06
C VAL A 299 -7.45 7.03 -30.80
N LEU A 300 -6.21 6.55 -30.63
CA LEU A 300 -5.81 5.94 -29.36
C LEU A 300 -5.83 6.93 -28.21
N TYR A 301 -5.76 8.23 -28.49
CA TYR A 301 -5.63 9.22 -27.43
C TYR A 301 -6.82 9.16 -26.47
N LYS A 302 -8.03 9.08 -27.02
CA LYS A 302 -9.21 8.98 -26.17
C LYS A 302 -9.18 7.73 -25.30
N ARG A 303 -8.56 6.66 -25.78
CA ARG A 303 -8.47 5.44 -24.96
C ARG A 303 -7.45 5.57 -23.86
N ALA A 304 -6.45 6.45 -24.02
CA ALA A 304 -5.45 6.61 -22.97
C ALA A 304 -5.94 7.52 -21.86
N VAL A 305 -6.65 8.59 -22.23
CA VAL A 305 -7.18 9.53 -21.24
C VAL A 305 -8.13 8.83 -20.29
N GLU A 306 -9.05 8.03 -20.84
CA GLU A 306 -9.97 7.27 -19.99
C GLU A 306 -9.26 6.24 -19.14
N ALA A 307 -8.03 5.86 -19.50
CA ALA A 307 -7.29 4.92 -18.68
C ALA A 307 -6.53 5.60 -17.54
N MET A 308 -6.61 6.93 -17.45
CA MET A 308 -6.02 7.65 -16.33
C MET A 308 -6.96 7.79 -15.15
N LYS A 309 -8.17 7.25 -15.25
CA LYS A 309 -9.13 7.25 -14.15
C LYS A 309 -9.17 5.91 -13.44
N ASP A 310 -8.21 5.03 -13.72
CA ASP A 310 -8.25 3.70 -13.13
C ASP A 310 -7.93 3.75 -11.64
N ASP A 311 -8.55 2.83 -10.90
CA ASP A 311 -8.36 2.77 -9.45
C ASP A 311 -6.99 2.25 -9.05
N TYR A 312 -6.19 1.76 -9.99
CA TYR A 312 -4.91 1.14 -9.70
C TYR A 312 -3.79 1.95 -10.32
N GLU A 313 -2.75 2.21 -9.54
CA GLU A 313 -1.66 3.07 -9.94
C GLU A 313 -0.86 2.47 -11.10
N CYS A 314 -0.79 1.14 -11.17
CA CYS A 314 -0.04 0.47 -12.22
C CYS A 314 -0.66 0.65 -13.60
N VAL A 315 -1.95 1.03 -13.67
CA VAL A 315 -2.58 1.32 -14.95
C VAL A 315 -2.50 2.80 -15.29
N ARG A 316 -2.70 3.65 -14.28
CA ARG A 316 -2.58 5.09 -14.48
C ARG A 316 -1.18 5.49 -14.93
N LYS A 317 -0.16 4.76 -14.46
CA LYS A 317 1.21 5.07 -14.83
C LYS A 317 1.45 4.86 -16.33
N GLU A 318 1.03 3.70 -16.86
CA GLU A 318 1.19 3.44 -18.28
C GLU A 318 0.26 4.30 -19.12
N ALA A 319 -0.91 4.63 -18.61
CA ALA A 319 -1.81 5.54 -19.33
C ALA A 319 -1.19 6.91 -19.48
N LEU A 320 -0.55 7.42 -18.42
CA LEU A 320 0.12 8.72 -18.50
C LEU A 320 1.31 8.68 -19.46
N GLN A 321 2.08 7.59 -19.45
CA GLN A 321 3.10 7.39 -20.48
C GLN A 321 2.51 7.45 -21.88
N LEU A 322 1.37 6.81 -22.10
CA LEU A 322 0.79 6.76 -23.44
C LEU A 322 0.25 8.11 -23.86
N VAL A 323 -0.32 8.88 -22.92
CA VAL A 323 -0.77 10.23 -23.23
C VAL A 323 0.41 11.11 -23.62
N PHE A 324 1.51 11.01 -22.87
CA PHE A 324 2.74 11.73 -23.20
C PHE A 324 3.22 11.38 -24.62
N MET A 325 3.30 10.08 -24.93
CA MET A 325 3.79 9.65 -26.23
C MET A 325 2.87 10.09 -27.37
N LEU A 326 1.56 9.99 -27.18
CA LEU A 326 0.62 10.34 -28.23
C LEU A 326 0.59 11.85 -28.48
N GLY A 327 0.69 12.65 -27.41
CA GLY A 327 0.76 14.08 -27.58
C GLY A 327 2.07 14.57 -28.15
N ASN A 328 3.16 13.82 -27.97
CA ASN A 328 4.42 14.29 -28.50
C ASN A 328 4.57 14.06 -30.01
N ARG A 329 3.99 13.00 -30.55
CA ARG A 329 4.24 12.67 -31.95
C ARG A 329 3.09 13.10 -32.87
N HIS A 330 1.95 13.50 -32.31
CA HIS A 330 0.90 14.10 -33.12
C HIS A 330 0.62 15.53 -32.67
N PRO A 331 1.61 16.42 -32.65
CA PRO A 331 1.46 17.67 -31.89
C PRO A 331 0.45 18.64 -32.47
N ASP A 332 0.07 18.49 -33.74
CA ASP A 332 -0.81 19.47 -34.38
C ASP A 332 -2.18 18.90 -34.75
N TYR A 333 -2.51 17.72 -34.25
CA TYR A 333 -3.85 17.17 -34.43
C TYR A 333 -4.87 18.05 -33.69
N ILE A 334 -6.14 17.90 -34.05
CA ILE A 334 -7.22 18.74 -33.54
C ILE A 334 -8.17 17.87 -32.72
N LEU A 335 -8.50 18.34 -31.52
CA LEU A 335 -9.39 17.64 -30.58
C LEU A 335 -8.82 16.28 -30.20
N LEU A 344 -7.35 22.33 -27.77
CA LEU A 344 -7.90 21.75 -28.99
C LEU A 344 -6.82 21.39 -30.00
N ARG A 345 -5.57 21.32 -29.55
CA ARG A 345 -4.43 21.14 -30.44
C ARG A 345 -3.65 19.87 -30.11
N MET A 346 -4.17 19.03 -29.21
CA MET A 346 -3.73 17.65 -28.99
C MET A 346 -2.37 17.56 -28.30
N ILE A 347 -1.65 18.67 -28.20
CA ILE A 347 -0.55 18.76 -27.26
C ILE A 347 -0.80 19.81 -26.18
N ASP A 348 -1.67 20.78 -26.42
CA ASP A 348 -2.24 21.55 -25.31
C ASP A 348 -3.12 20.67 -24.45
N ALA A 349 -3.89 19.77 -25.07
CA ALA A 349 -4.68 18.80 -24.32
C ALA A 349 -3.79 17.84 -23.53
N ALA A 350 -2.71 17.37 -24.13
CA ALA A 350 -1.81 16.47 -23.43
C ALA A 350 -1.08 17.19 -22.30
N PHE A 351 -0.71 18.46 -22.54
CA PHE A 351 -0.08 19.26 -21.49
C PHE A 351 -1.02 19.45 -20.32
N SER A 352 -2.28 19.77 -20.58
CA SER A 352 -3.25 19.92 -19.50
C SER A 352 -3.46 18.60 -18.77
N LYS A 353 -3.46 17.48 -19.50
CA LYS A 353 -3.73 16.19 -18.89
C LYS A 353 -2.57 15.75 -18.00
N VAL A 354 -1.33 16.01 -18.41
CA VAL A 354 -0.19 15.70 -17.54
C VAL A 354 -0.10 16.71 -16.40
N CYS A 355 -0.55 17.96 -16.60
CA CYS A 355 -0.60 18.93 -15.52
C CYS A 355 -1.57 18.49 -14.43
N GLU A 356 -2.70 17.90 -14.82
CA GLU A 356 -3.66 17.40 -13.84
C GLU A 356 -3.15 16.19 -13.07
N ALA A 357 -2.08 15.54 -13.54
CA ALA A 357 -1.53 14.37 -12.86
C ALA A 357 -0.52 14.74 -11.80
N LEU A 358 -0.34 16.02 -11.52
CA LEU A 358 0.47 16.46 -10.38
C LEU A 358 -0.29 16.42 -9.08
N CYS A 359 -1.59 16.11 -9.11
CA CYS A 359 -2.41 15.95 -7.93
C CYS A 359 -2.83 14.50 -7.72
N ASP A 360 -2.00 13.56 -8.17
CA ASP A 360 -2.33 12.15 -8.11
C ASP A 360 -2.23 11.63 -6.67
N LEU A 361 -2.99 10.56 -6.40
CA LEU A 361 -3.01 9.97 -5.07
C LEU A 361 -1.76 9.18 -4.74
N SER A 362 -0.93 8.86 -5.73
CA SER A 362 0.29 8.11 -5.49
C SER A 362 1.50 8.99 -5.77
N LEU A 363 2.55 8.76 -4.98
CA LEU A 363 3.75 9.58 -5.10
C LEU A 363 4.49 9.32 -6.40
N GLN A 364 4.55 8.05 -6.83
CA GLN A 364 5.32 7.71 -8.02
C GLN A 364 4.74 8.33 -9.29
N ILE A 365 3.41 8.31 -9.42
CA ILE A 365 2.77 8.94 -10.57
C ILE A 365 2.96 10.46 -10.52
N ARG A 366 2.96 11.04 -9.33
CA ARG A 366 3.18 12.48 -9.21
C ARG A 366 4.59 12.87 -9.61
N VAL A 367 5.59 12.09 -9.18
CA VAL A 367 6.98 12.31 -9.58
C VAL A 367 7.12 12.15 -11.09
N LEU A 368 6.50 11.12 -11.64
CA LEU A 368 6.59 10.85 -13.06
C LEU A 368 5.93 11.95 -13.89
N ALA A 369 4.79 12.46 -13.45
CA ALA A 369 4.13 13.55 -14.15
C ALA A 369 4.96 14.82 -14.11
N ALA A 370 5.57 15.11 -12.95
CA ALA A 370 6.44 16.27 -12.86
C ALA A 370 7.65 16.13 -13.77
N GLU A 371 8.18 14.91 -13.93
CA GLU A 371 9.29 14.70 -14.86
C GLU A 371 8.83 14.80 -16.31
N LEU A 372 7.63 14.32 -16.62
CA LEU A 372 7.15 14.32 -17.99
C LEU A 372 6.77 15.71 -18.47
N LEU A 373 6.35 16.58 -17.56
CA LEU A 373 5.81 17.88 -17.94
C LEU A 373 6.84 18.74 -18.67
N GLY A 374 8.12 18.55 -18.38
CA GLY A 374 9.14 19.33 -19.05
C GLY A 374 9.59 18.81 -20.38
N GLY A 375 9.18 17.60 -20.76
CA GLY A 375 9.63 16.98 -21.99
C GLY A 375 8.79 17.25 -23.21
N MET A 376 7.62 17.88 -23.06
CA MET A 376 6.79 18.22 -24.20
C MET A 376 7.07 19.67 -24.60
N THR A 377 8.15 19.83 -25.35
CA THR A 377 8.68 21.16 -25.66
C THR A 377 7.74 21.96 -26.56
N ALA A 378 7.14 21.31 -27.56
CA ALA A 378 6.36 22.02 -28.56
C ALA A 378 4.92 22.24 -28.13
N VAL A 379 4.70 22.80 -26.94
CA VAL A 379 3.32 22.92 -26.48
C VAL A 379 2.62 24.18 -26.99
N SER A 380 3.02 25.37 -26.54
CA SER A 380 2.37 26.63 -26.86
C SER A 380 3.08 27.76 -26.13
N ARG A 381 2.57 28.98 -26.29
CA ARG A 381 2.84 30.05 -25.34
C ARG A 381 1.69 30.23 -24.36
N GLU A 382 0.46 30.32 -24.88
CA GLU A 382 -0.70 30.61 -24.06
C GLU A 382 -0.97 29.52 -23.04
N PHE A 383 -0.61 28.27 -23.33
CA PHE A 383 -0.82 27.19 -22.39
C PHE A 383 0.33 27.05 -21.40
N LEU A 384 1.57 27.22 -21.86
CA LEU A 384 2.71 27.15 -20.98
C LEU A 384 2.69 28.25 -19.93
N HIS A 385 2.32 29.47 -20.33
CA HIS A 385 2.32 30.59 -19.42
C HIS A 385 1.22 30.53 -18.37
N GLN A 386 0.30 29.57 -18.47
CA GLN A 386 -0.71 29.41 -17.44
C GLN A 386 -0.15 28.78 -16.18
N THR A 387 0.92 27.98 -16.29
CA THR A 387 1.36 27.16 -15.16
C THR A 387 1.78 27.99 -13.97
N LEU A 388 2.52 29.07 -14.21
CA LEU A 388 2.92 29.97 -13.13
C LEU A 388 1.95 31.12 -12.92
N ASP A 389 0.94 31.25 -13.78
CA ASP A 389 -0.06 32.30 -13.66
C ASP A 389 -1.30 31.70 -13.01
N LYS A 390 -1.25 31.60 -11.68
CA LYS A 390 -2.28 30.91 -10.91
C LYS A 390 -3.63 31.60 -11.05
N LYS A 391 -4.68 30.86 -10.72
CA LYS A 391 -6.05 31.38 -10.74
C LYS A 391 -6.23 32.48 -9.70
N SER A 440 -7.58 24.11 -18.92
CA SER A 440 -8.10 24.58 -17.63
C SER A 440 -7.50 23.78 -16.49
N GLY A 441 -6.70 22.78 -16.83
CA GLY A 441 -6.05 21.96 -15.84
C GLY A 441 -4.61 22.35 -15.59
N ALA A 442 -4.10 23.28 -16.40
CA ALA A 442 -2.72 23.73 -16.28
C ALA A 442 -2.58 25.06 -15.53
N CYS A 443 -3.68 25.60 -15.02
CA CYS A 443 -3.71 27.00 -14.59
C CYS A 443 -2.82 27.30 -13.40
N GLY A 444 -2.43 26.31 -12.62
CA GLY A 444 -1.47 26.56 -11.55
C GLY A 444 -0.51 25.43 -11.30
N ALA A 445 -0.27 24.60 -12.32
CA ALA A 445 0.30 23.28 -12.10
C ALA A 445 1.72 23.33 -11.56
N LEU A 446 2.56 24.20 -12.11
CA LEU A 446 3.94 24.23 -11.66
C LEU A 446 4.07 24.86 -10.28
N ILE A 447 3.20 25.81 -9.95
CA ILE A 447 3.16 26.35 -8.59
C ILE A 447 2.76 25.27 -7.60
N HIS A 448 1.77 24.45 -7.98
CA HIS A 448 1.36 23.32 -7.13
C HIS A 448 2.50 22.31 -6.97
N GLY A 449 3.27 22.10 -8.02
CA GLY A 449 4.37 21.15 -7.92
C GLY A 449 5.57 21.66 -7.16
N LEU A 450 5.78 22.98 -7.17
CA LEU A 450 6.89 23.55 -6.41
C LEU A 450 6.60 23.59 -4.93
N GLU A 451 5.34 23.73 -4.55
CA GLU A 451 4.93 23.63 -3.14
C GLU A 451 4.46 22.23 -2.81
N ASP A 452 5.30 21.23 -3.05
CA ASP A 452 4.96 19.85 -2.75
C ASP A 452 5.72 19.39 -1.52
N GLU A 453 5.05 18.53 -0.75
CA GLU A 453 5.61 18.05 0.53
C GLU A 453 6.61 16.94 0.36
N PHE A 454 6.94 16.58 -0.87
CA PHE A 454 7.71 15.33 -0.98
C PHE A 454 9.09 15.34 -1.57
N LEU A 455 9.79 16.43 -1.81
CA LEU A 455 11.24 16.40 -2.18
C LEU A 455 11.47 15.90 -3.60
N GLU A 456 11.02 14.69 -3.94
CA GLU A 456 11.23 14.07 -5.25
C GLU A 456 10.28 14.68 -6.27
N VAL A 457 9.20 15.35 -5.86
CA VAL A 457 8.25 16.07 -6.70
C VAL A 457 8.72 17.50 -6.90
N ARG A 458 9.21 18.13 -5.82
CA ARG A 458 9.77 19.49 -5.93
C ARG A 458 10.98 19.51 -6.84
N THR A 459 11.88 18.54 -6.71
CA THR A 459 13.07 18.48 -7.55
C THR A 459 12.70 18.31 -9.02
N ALA A 460 11.77 17.39 -9.30
CA ALA A 460 11.34 17.17 -10.68
C ALA A 460 10.65 18.39 -11.25
N ALA A 461 9.85 19.09 -10.44
CA ALA A 461 9.20 20.31 -10.90
C ALA A 461 10.22 21.38 -11.24
N VAL A 462 11.26 21.53 -10.42
CA VAL A 462 12.30 22.52 -10.69
C VAL A 462 13.03 22.17 -11.98
N ALA A 463 13.39 20.90 -12.17
CA ALA A 463 14.11 20.50 -13.38
C ALA A 463 13.25 20.67 -14.63
N SER A 464 11.96 20.32 -14.55
CA SER A 464 11.08 20.47 -15.71
C SER A 464 10.85 21.94 -16.05
N MET A 465 10.71 22.79 -15.04
CA MET A 465 10.57 24.22 -15.28
C MET A 465 11.84 24.80 -15.90
N CYS A 466 13.01 24.32 -15.46
CA CYS A 466 14.27 24.71 -16.09
C CYS A 466 14.30 24.31 -17.56
N LYS A 467 13.88 23.09 -17.87
CA LYS A 467 13.87 22.64 -19.27
C LYS A 467 12.91 23.46 -20.11
N LEU A 468 11.72 23.75 -19.58
CA LEU A 468 10.74 24.53 -20.33
C LEU A 468 11.20 25.97 -20.53
N ALA A 469 11.94 26.52 -19.58
CA ALA A 469 12.42 27.90 -19.67
C ALA A 469 13.74 28.03 -20.41
N LEU A 470 14.46 26.93 -20.65
CA LEU A 470 15.74 27.02 -21.33
C LEU A 470 15.61 27.55 -22.75
N SER A 471 14.60 27.10 -23.49
CA SER A 471 14.41 27.55 -24.85
C SER A 471 13.58 28.82 -24.94
N ARG A 472 12.53 28.93 -24.14
CA ARG A 472 11.65 30.09 -24.21
C ARG A 472 12.21 31.22 -23.35
N PRO A 473 12.42 32.41 -23.92
CA PRO A 473 12.98 33.52 -23.13
C PRO A 473 11.96 34.14 -22.17
N ASP A 474 10.74 34.36 -22.65
CA ASP A 474 9.73 35.04 -21.84
C ASP A 474 9.35 34.20 -20.62
N PHE A 475 9.20 32.89 -20.80
CA PHE A 475 8.91 32.02 -19.68
C PHE A 475 10.05 32.05 -18.67
N ALA A 476 11.30 32.04 -19.16
CA ALA A 476 12.45 32.16 -18.26
C ALA A 476 12.45 33.47 -17.50
N VAL A 477 11.93 34.54 -18.11
CA VAL A 477 11.77 35.79 -17.38
C VAL A 477 10.72 35.63 -16.28
N THR A 478 9.56 35.06 -16.61
CA THR A 478 8.51 34.92 -15.60
C THR A 478 8.77 33.79 -14.63
N SER A 479 9.67 32.85 -14.94
CA SER A 479 10.00 31.76 -14.03
C SER A 479 11.23 32.06 -13.19
N LEU A 480 11.49 33.33 -12.89
CA LEU A 480 12.67 33.69 -12.12
C LEU A 480 12.37 33.78 -10.63
N ASP A 481 11.22 34.34 -10.27
CA ASP A 481 10.89 34.56 -8.87
C ASP A 481 10.66 33.24 -8.14
N PHE A 482 10.04 32.28 -8.82
CA PHE A 482 9.76 30.98 -8.20
C PHE A 482 11.05 30.20 -7.94
N LEU A 483 11.95 30.19 -8.91
CA LEU A 483 13.18 29.45 -8.74
C LEU A 483 14.14 30.18 -7.81
N VAL A 484 14.01 31.51 -7.68
CA VAL A 484 14.72 32.23 -6.62
C VAL A 484 14.14 31.87 -5.25
N ASP A 485 12.82 31.70 -5.17
CA ASP A 485 12.19 31.22 -3.94
C ASP A 485 12.77 29.88 -3.52
N MET A 486 12.95 28.96 -4.46
CA MET A 486 13.40 27.62 -4.09
C MET A 486 14.83 27.60 -3.51
N PHE A 487 15.47 28.77 -3.43
CA PHE A 487 16.78 28.87 -2.79
C PHE A 487 16.71 28.62 -1.29
N ASN A 488 15.69 29.15 -0.62
CA ASN A 488 15.60 29.02 0.84
C ASN A 488 14.70 27.84 1.23
N ASP A 489 15.06 26.69 0.69
CA ASP A 489 14.41 25.42 0.96
C ASP A 489 15.32 24.61 1.88
N GLU A 490 14.74 24.01 2.92
CA GLU A 490 15.58 23.34 3.93
C GLU A 490 15.79 21.87 3.59
N ILE A 491 16.13 21.61 2.33
CA ILE A 491 16.62 20.32 1.86
C ILE A 491 17.77 20.60 0.91
N GLU A 492 18.88 19.86 1.07
CA GLU A 492 20.09 20.15 0.31
C GLU A 492 19.87 19.96 -1.19
N ASP A 493 19.18 18.88 -1.57
CA ASP A 493 19.10 18.52 -2.98
C ASP A 493 18.19 19.48 -3.75
N VAL A 494 17.11 19.95 -3.14
CA VAL A 494 16.24 20.92 -3.80
C VAL A 494 16.98 22.24 -3.97
N ARG A 495 17.77 22.64 -2.98
CA ARG A 495 18.58 23.84 -3.07
C ARG A 495 19.58 23.73 -4.21
N LEU A 496 20.29 22.59 -4.29
CA LEU A 496 21.27 22.39 -5.35
C LEU A 496 20.62 22.38 -6.72
N LYS A 497 19.45 21.77 -6.83
CA LYS A 497 18.74 21.73 -8.11
C LYS A 497 18.32 23.13 -8.54
N ALA A 498 17.82 23.94 -7.61
CA ALA A 498 17.44 25.31 -7.94
C ALA A 498 18.67 26.12 -8.37
N ILE A 499 19.79 25.95 -7.68
CA ILE A 499 20.99 26.71 -7.99
C ILE A 499 21.53 26.33 -9.38
N TYR A 500 21.59 25.03 -9.67
CA TYR A 500 22.07 24.60 -10.98
C TYR A 500 21.11 25.00 -12.09
N SER A 501 19.80 24.99 -11.83
CA SER A 501 18.86 25.43 -12.84
C SER A 501 19.01 26.91 -13.12
N LEU A 502 19.32 27.71 -12.09
CA LEU A 502 19.55 29.13 -12.32
C LEU A 502 20.87 29.34 -13.06
N THR A 503 21.87 28.50 -12.79
CA THR A 503 23.11 28.55 -13.55
C THR A 503 22.86 28.31 -15.04
N ALA A 504 22.08 27.27 -15.34
CA ALA A 504 21.83 26.91 -16.73
C ALA A 504 20.91 27.90 -17.43
N ILE A 505 19.97 28.51 -16.71
CA ILE A 505 19.04 29.45 -17.32
C ILE A 505 19.64 30.82 -17.53
N ALA A 506 20.83 31.09 -16.97
CA ALA A 506 21.33 32.45 -16.79
C ALA A 506 21.82 33.07 -18.11
N LYS A 507 20.91 33.15 -19.07
CA LYS A 507 21.14 33.92 -20.29
C LYS A 507 19.95 34.75 -20.71
N HIS A 508 18.77 34.51 -20.16
CA HIS A 508 17.56 35.24 -20.53
C HIS A 508 17.10 36.17 -19.42
N ILE A 509 17.92 36.39 -18.40
CA ILE A 509 17.47 37.06 -17.18
C ILE A 509 18.44 38.18 -16.82
N VAL A 510 17.90 39.19 -16.16
CA VAL A 510 18.68 40.29 -15.57
C VAL A 510 18.42 40.27 -14.07
N LEU A 511 19.48 40.15 -13.28
CA LEU A 511 19.32 40.09 -11.84
C LEU A 511 18.91 41.46 -11.30
N ARG A 512 18.51 41.48 -10.03
CA ARG A 512 17.88 42.67 -9.48
C ARG A 512 18.08 42.64 -7.97
N GLU A 513 18.00 43.82 -7.35
CA GLU A 513 18.41 43.98 -5.96
C GLU A 513 17.54 43.14 -5.01
N ASP A 514 16.23 43.18 -5.19
CA ASP A 514 15.34 42.42 -4.30
C ASP A 514 15.56 40.93 -4.48
N GLN A 515 15.76 40.47 -5.72
CA GLN A 515 16.07 39.07 -5.94
C GLN A 515 17.43 38.71 -5.36
N LEU A 516 18.41 39.62 -5.48
CA LEU A 516 19.73 39.37 -4.92
C LEU A 516 19.70 39.27 -3.40
N GLU A 517 18.72 39.91 -2.75
CA GLU A 517 18.60 39.78 -1.30
C GLU A 517 18.39 38.31 -0.89
N ILE A 518 17.29 37.71 -1.35
CA ILE A 518 17.00 36.31 -1.05
C ILE A 518 18.10 35.41 -1.60
N MET A 519 18.62 35.74 -2.78
CA MET A 519 19.62 34.89 -3.42
C MET A 519 20.92 34.84 -2.62
N LEU A 520 21.38 35.99 -2.15
CA LEU A 520 22.63 36.11 -1.43
C LEU A 520 22.50 35.76 0.05
N GLY A 521 21.27 35.69 0.57
CA GLY A 521 21.10 35.20 1.92
C GLY A 521 21.49 33.74 2.11
N SER A 522 21.68 33.00 1.02
CA SER A 522 22.02 31.58 1.08
C SER A 522 23.51 31.31 0.96
N LEU A 523 24.34 32.36 1.03
CA LEU A 523 25.80 32.22 0.97
C LEU A 523 26.41 31.76 2.29
N GLU A 524 25.61 31.25 3.22
CA GLU A 524 26.12 30.96 4.56
C GLU A 524 25.85 29.50 4.92
N ASP A 525 26.21 28.60 4.02
CA ASP A 525 25.95 27.18 4.20
C ASP A 525 27.17 26.47 4.77
N TYR A 526 26.92 25.46 5.60
CA TYR A 526 28.00 24.70 6.23
C TYR A 526 28.64 23.72 5.26
N SER A 527 27.86 23.08 4.39
CA SER A 527 28.37 22.07 3.49
C SER A 527 28.99 22.71 2.26
N VAL A 528 30.10 22.14 1.78
CA VAL A 528 30.72 22.66 0.57
C VAL A 528 30.14 21.90 -0.61
N ASP A 529 28.89 22.22 -0.98
CA ASP A 529 28.32 21.94 -2.29
C ASP A 529 27.57 23.18 -2.76
N VAL A 530 26.89 23.82 -1.81
CA VAL A 530 26.03 24.95 -2.13
C VAL A 530 26.85 26.18 -2.49
N ARG A 531 27.93 26.43 -1.74
CA ARG A 531 28.73 27.63 -1.97
C ARG A 531 29.45 27.57 -3.31
N GLU A 532 29.97 26.39 -3.68
CA GLU A 532 30.63 26.25 -4.98
C GLU A 532 29.66 26.49 -6.13
N GLY A 533 28.51 25.81 -6.09
CA GLY A 533 27.53 25.97 -7.14
C GLY A 533 26.97 27.38 -7.20
N LEU A 534 26.84 28.05 -6.05
CA LEU A 534 26.28 29.39 -6.06
C LEU A 534 27.31 30.41 -6.51
N HIS A 535 28.61 30.16 -6.25
CA HIS A 535 29.67 30.92 -6.90
C HIS A 535 29.58 30.77 -8.41
N LEU A 536 29.41 29.53 -8.88
CA LEU A 536 29.27 29.27 -10.31
C LEU A 536 28.05 29.98 -10.89
N MET A 537 26.98 30.08 -10.09
CA MET A 537 25.78 30.80 -10.53
C MET A 537 26.06 32.29 -10.67
N LEU A 538 26.70 32.90 -9.67
CA LEU A 538 26.95 34.33 -9.73
C LEU A 538 27.96 34.69 -10.80
N GLY A 539 28.88 33.78 -11.11
CA GLY A 539 29.83 34.03 -12.19
C GLY A 539 29.14 34.18 -13.54
N ALA A 540 28.23 33.26 -13.84
CA ALA A 540 27.55 33.28 -15.14
C ALA A 540 26.46 34.35 -15.22
N CYS A 541 25.89 34.74 -14.08
CA CYS A 541 24.75 35.66 -14.11
C CYS A 541 25.21 37.09 -14.39
N ARG A 542 24.25 37.92 -14.77
CA ARG A 542 24.51 39.32 -15.11
C ARG A 542 24.09 40.25 -13.97
N THR A 547 25.36 49.48 -8.05
CA THR A 547 24.71 49.25 -6.76
C THR A 547 24.60 47.75 -6.47
N CYS A 548 23.99 47.04 -7.42
CA CYS A 548 23.86 45.59 -7.29
C CYS A 548 25.23 44.90 -7.35
N LEU A 549 26.18 45.49 -8.08
CA LEU A 549 27.51 44.92 -8.15
C LEU A 549 28.21 44.95 -6.80
N LEU A 550 27.90 45.95 -5.97
CA LEU A 550 28.51 46.05 -4.64
C LEU A 550 28.08 44.89 -3.75
N MET A 551 26.77 44.61 -3.69
CA MET A 551 26.24 43.65 -2.74
C MET A 551 26.77 42.24 -2.97
N VAL A 552 27.04 41.88 -4.23
CA VAL A 552 27.70 40.61 -4.51
C VAL A 552 29.12 40.62 -3.94
N VAL A 553 29.86 41.71 -4.17
CA VAL A 553 31.20 41.84 -3.62
C VAL A 553 31.15 41.95 -2.10
N GLN A 554 30.12 42.61 -1.57
CA GLN A 554 29.98 42.73 -0.12
C GLN A 554 29.76 41.37 0.55
N LYS A 555 28.94 40.51 -0.07
CA LYS A 555 28.65 39.21 0.54
C LYS A 555 29.73 38.18 0.27
N LEU A 556 30.36 38.22 -0.92
CA LEU A 556 31.42 37.26 -1.22
C LEU A 556 32.65 37.48 -0.36
N LEU A 557 32.95 38.73 -0.02
CA LEU A 557 34.15 39.02 0.77
C LEU A 557 34.02 38.49 2.20
N ASP A 558 32.79 38.38 2.71
CA ASP A 558 32.59 37.91 4.08
C ASP A 558 32.87 36.41 4.20
N VAL A 559 32.43 35.63 3.20
CA VAL A 559 32.49 34.17 3.30
C VAL A 559 33.94 33.69 3.33
N LEU A 560 34.80 34.27 2.51
CA LEU A 560 36.22 33.92 2.55
C LEU A 560 36.83 34.34 3.88
N ALA A 561 36.46 35.51 4.39
CA ALA A 561 36.95 35.97 5.68
C ALA A 561 36.09 35.43 6.82
N ASN A 568 39.97 29.92 -3.57
CA ASN A 568 39.98 29.29 -4.88
C ASN A 568 38.68 29.54 -5.63
N SER A 569 37.57 29.13 -5.00
CA SER A 569 36.26 29.28 -5.63
C SER A 569 35.88 30.75 -5.80
N THR A 570 36.19 31.58 -4.80
CA THR A 570 35.84 32.99 -4.88
C THR A 570 36.68 33.72 -5.92
N TYR A 571 37.98 33.39 -6.00
CA TYR A 571 38.86 34.05 -6.97
C TYR A 571 38.44 33.74 -8.40
N ALA A 572 38.09 32.48 -8.69
CA ALA A 572 37.60 32.14 -10.01
C ALA A 572 36.27 32.83 -10.29
N CYS A 573 35.39 32.91 -9.29
CA CYS A 573 34.16 33.69 -9.43
C CYS A 573 34.46 35.17 -9.58
N MET A 574 35.56 35.64 -8.96
CA MET A 574 35.95 37.05 -9.13
C MET A 574 36.53 37.31 -10.51
N ARG A 575 37.19 36.31 -11.10
CA ARG A 575 37.73 36.48 -12.45
C ARG A 575 36.61 36.65 -13.47
N LYS A 576 35.55 35.85 -13.35
CA LYS A 576 34.49 35.86 -14.36
C LYS A 576 33.59 37.09 -14.22
N ILE A 577 33.31 37.51 -13.00
CA ILE A 577 32.42 38.67 -12.82
C ILE A 577 33.10 39.95 -13.29
N GLY A 578 34.43 40.03 -13.18
CA GLY A 578 35.13 41.19 -13.70
C GLY A 578 35.10 41.27 -15.21
N GLN A 579 35.22 40.11 -15.88
CA GLN A 579 35.20 40.06 -17.33
C GLN A 579 33.85 40.42 -17.93
N LYS A 580 32.79 40.50 -17.12
CA LYS A 580 31.49 40.94 -17.61
C LYS A 580 30.85 41.93 -16.64
N PRO B 2 -31.89 1.42 3.24
CA PRO B 2 -31.21 2.05 4.38
C PRO B 2 -30.99 3.54 4.15
N ASP B 3 -30.97 4.31 5.23
CA ASP B 3 -30.81 5.76 5.16
C ASP B 3 -29.72 6.21 6.11
N ILE B 4 -29.05 7.29 5.74
CA ILE B 4 -28.02 7.94 6.55
C ILE B 4 -28.60 9.27 7.01
N LYS B 5 -28.72 9.46 8.33
CA LYS B 5 -29.35 10.65 8.87
C LYS B 5 -28.35 11.43 9.72
N ILE B 6 -28.26 12.73 9.46
CA ILE B 6 -27.27 13.59 10.10
C ILE B 6 -28.00 14.78 10.70
N THR B 7 -27.79 15.03 11.99
CA THR B 7 -28.27 16.25 12.61
C THR B 7 -27.13 17.02 13.26
N PRO B 8 -26.88 18.26 12.85
CA PRO B 8 -25.79 19.03 13.47
C PRO B 8 -26.22 19.80 14.70
N LEU B 9 -25.62 19.49 15.85
CA LEU B 9 -25.80 20.32 17.03
C LEU B 9 -24.89 21.55 17.01
N GLY B 10 -23.98 21.62 16.06
CA GLY B 10 -23.15 22.80 15.87
C GLY B 10 -22.53 22.77 14.49
N ALA B 11 -22.03 23.93 14.08
CA ALA B 11 -21.43 24.14 12.76
C ALA B 11 -22.40 23.78 11.63
N GLY B 12 -23.62 24.27 11.74
CA GLY B 12 -24.57 24.21 10.65
C GLY B 12 -24.88 25.59 10.11
N GLN B 13 -24.37 25.90 8.91
CA GLN B 13 -24.41 27.25 8.34
C GLN B 13 -23.78 28.27 9.28
N ASP B 14 -22.71 27.86 9.95
CA ASP B 14 -22.03 28.66 10.95
C ASP B 14 -20.68 28.02 11.22
N VAL B 15 -19.84 28.72 11.98
CA VAL B 15 -18.52 28.24 12.38
C VAL B 15 -18.46 28.21 13.90
N GLY B 16 -17.86 27.17 14.43
CA GLY B 16 -17.69 27.08 15.87
C GLY B 16 -18.75 26.22 16.52
N ARG B 17 -18.40 25.65 17.68
CA ARG B 17 -19.26 24.80 18.49
C ARG B 17 -19.67 23.56 17.69
N SER B 18 -18.77 23.13 16.80
CA SER B 18 -19.01 22.00 15.91
C SER B 18 -19.35 20.74 16.70
N CYS B 19 -20.38 20.02 16.25
CA CYS B 19 -20.80 18.72 16.76
C CYS B 19 -21.84 18.13 15.84
N LEU B 20 -21.67 16.88 15.41
CA LEU B 20 -22.61 16.22 14.52
C LEU B 20 -23.08 14.92 15.12
N LEU B 21 -24.32 14.54 14.82
CA LEU B 21 -24.84 13.23 15.18
C LEU B 21 -25.15 12.48 13.88
N LEU B 22 -24.47 11.37 13.67
CA LEU B 22 -24.56 10.56 12.47
C LEU B 22 -25.18 9.23 12.83
N SER B 23 -26.26 8.85 12.16
CA SER B 23 -26.91 7.57 12.41
C SER B 23 -27.09 6.81 11.11
N MET B 24 -26.63 5.56 11.11
CA MET B 24 -26.79 4.66 9.97
C MET B 24 -26.63 3.22 10.46
N GLY B 25 -27.54 2.35 10.03
CA GLY B 25 -27.41 0.93 10.29
C GLY B 25 -27.68 0.51 11.71
N GLY B 26 -28.40 1.29 12.47
CA GLY B 26 -28.66 0.97 13.86
C GLY B 26 -27.64 1.50 14.85
N LYS B 27 -26.69 2.32 14.39
CA LYS B 27 -25.69 2.92 15.26
C LYS B 27 -25.90 4.42 15.33
N ASN B 28 -25.31 5.03 16.37
CA ASN B 28 -25.29 6.47 16.52
C ASN B 28 -23.89 6.90 16.91
N ILE B 29 -23.34 7.87 16.20
CA ILE B 29 -21.97 8.33 16.38
C ILE B 29 -21.97 9.84 16.56
N MET B 30 -21.22 10.31 17.56
CA MET B 30 -21.03 11.74 17.79
C MET B 30 -19.69 12.16 17.20
N LEU B 31 -19.72 13.09 16.25
CA LEU B 31 -18.52 13.59 15.60
C LEU B 31 -18.17 14.96 16.17
N ASP B 32 -16.98 15.05 16.78
CA ASP B 32 -16.39 16.31 17.24
C ASP B 32 -17.23 17.08 18.25
N CYS B 33 -17.32 16.61 19.50
CA CYS B 33 -17.92 17.41 20.55
C CYS B 33 -17.12 18.68 20.84
N GLY B 34 -17.61 19.86 20.42
CA GLY B 34 -16.85 21.10 20.53
C GLY B 34 -17.61 22.17 21.30
N MET B 35 -17.03 23.37 21.33
CA MET B 35 -17.63 24.48 22.09
C MET B 35 -17.50 25.80 21.32
N HIS B 36 -18.22 26.81 21.81
CA HIS B 36 -18.35 28.10 21.16
C HIS B 36 -17.53 29.17 21.89
N MET B 37 -16.72 29.91 21.12
CA MET B 37 -15.94 31.03 21.67
C MET B 37 -16.70 32.33 21.76
N GLY B 38 -17.61 32.60 20.81
CA GLY B 38 -18.29 33.88 20.78
C GLY B 38 -19.28 34.09 21.91
N TYR B 39 -19.78 33.01 22.50
CA TYR B 39 -20.79 33.09 23.54
C TYR B 39 -20.32 32.37 24.79
N ASN B 40 -20.94 32.72 25.91
CA ASN B 40 -20.65 32.06 27.18
C ASN B 40 -21.91 31.74 27.98
N ASP B 41 -23.10 31.96 27.40
CA ASP B 41 -24.35 31.49 27.96
C ASP B 41 -24.58 30.02 27.64
N GLU B 42 -25.82 29.55 27.78
CA GLU B 42 -26.13 28.13 27.61
C GLU B 42 -25.73 27.60 26.24
N ARG B 43 -25.78 28.43 25.19
CA ARG B 43 -25.44 27.99 23.85
C ARG B 43 -23.94 28.06 23.56
N ARG B 44 -23.11 28.13 24.61
CA ARG B 44 -21.67 27.95 24.43
C ARG B 44 -21.33 26.50 24.12
N PHE B 45 -22.09 25.56 24.69
CA PHE B 45 -21.92 24.12 24.56
C PHE B 45 -23.05 23.54 23.70
N PRO B 46 -22.83 22.41 23.05
CA PRO B 46 -23.90 21.82 22.22
C PRO B 46 -25.05 21.31 23.06
N ASP B 47 -26.24 21.40 22.49
CA ASP B 47 -27.48 21.02 23.17
C ASP B 47 -27.62 19.51 23.08
N PHE B 48 -27.16 18.81 24.11
CA PHE B 48 -27.25 17.35 24.15
C PHE B 48 -28.64 16.87 24.53
N SER B 49 -29.62 17.76 24.65
CA SER B 49 -30.98 17.34 24.92
C SER B 49 -31.63 16.64 23.74
N TYR B 50 -31.12 16.87 22.53
CA TYR B 50 -31.74 16.27 21.35
C TYR B 50 -31.52 14.77 21.32
N ILE B 51 -30.42 14.28 21.89
CA ILE B 51 -30.17 12.84 21.94
C ILE B 51 -31.14 12.22 22.93
N VAL B 52 -30.98 12.57 24.21
CA VAL B 52 -31.87 12.15 25.29
C VAL B 52 -31.89 13.27 26.32
N PRO B 53 -33.05 13.85 26.63
CA PRO B 53 -33.10 14.86 27.69
C PRO B 53 -32.84 14.25 29.05
N GLU B 54 -32.14 15.02 29.90
CA GLU B 54 -31.94 14.78 31.34
C GLU B 54 -31.46 13.34 31.61
N GLY B 55 -30.23 13.07 31.18
CA GLY B 55 -29.59 11.85 31.59
C GLY B 55 -28.30 11.52 30.87
N PRO B 56 -27.59 10.50 31.35
CA PRO B 56 -26.41 10.02 30.65
C PRO B 56 -26.77 9.38 29.31
N ILE B 57 -25.96 9.66 28.31
CA ILE B 57 -26.26 9.29 26.94
C ILE B 57 -25.60 7.96 26.55
N THR B 58 -25.10 7.21 27.53
CA THR B 58 -24.26 6.05 27.25
C THR B 58 -25.01 4.94 26.50
N SER B 59 -26.33 4.88 26.61
CA SER B 59 -27.10 3.88 25.90
C SER B 59 -27.53 4.31 24.51
N HIS B 60 -27.31 5.58 24.16
CA HIS B 60 -27.82 6.12 22.89
C HIS B 60 -26.71 6.61 21.97
N ILE B 61 -25.45 6.50 22.37
CA ILE B 61 -24.30 6.78 21.50
C ILE B 61 -23.38 5.57 21.56
N ASP B 62 -22.91 5.13 20.41
CA ASP B 62 -22.03 3.98 20.38
C ASP B 62 -20.56 4.36 20.46
N CYS B 63 -20.15 5.48 19.86
CA CYS B 63 -18.79 5.97 19.99
C CYS B 63 -18.77 7.48 19.78
N VAL B 64 -17.77 8.13 20.37
CA VAL B 64 -17.49 9.54 20.16
C VAL B 64 -16.16 9.62 19.43
N ILE B 65 -16.05 10.58 18.51
CA ILE B 65 -14.88 10.70 17.66
C ILE B 65 -14.45 12.16 17.61
N ILE B 66 -13.21 12.43 18.00
CA ILE B 66 -12.66 13.78 18.05
C ILE B 66 -11.63 13.91 16.94
N SER B 67 -11.82 14.89 16.06
CA SER B 67 -10.91 15.07 14.94
C SER B 67 -9.58 15.67 15.39
N HIS B 68 -9.62 16.84 16.03
CA HIS B 68 -8.39 17.50 16.44
C HIS B 68 -8.62 18.27 17.75
N PHE B 69 -7.56 18.90 18.24
CA PHE B 69 -7.53 19.43 19.59
C PHE B 69 -8.02 20.86 19.71
N HIS B 70 -8.47 21.48 18.63
CA HIS B 70 -8.99 22.83 18.74
C HIS B 70 -10.29 22.84 19.52
N LEU B 71 -10.49 23.89 20.30
CA LEU B 71 -11.58 23.90 21.27
C LEU B 71 -12.95 24.03 20.63
N ASP B 72 -13.04 24.50 19.39
CA ASP B 72 -14.33 24.45 18.71
C ASP B 72 -14.69 23.04 18.25
N HIS B 73 -13.80 22.06 18.44
CA HIS B 73 -14.07 20.68 18.10
C HIS B 73 -13.89 19.69 19.25
N CYS B 74 -13.14 20.04 20.30
CA CYS B 74 -12.99 19.16 21.45
C CYS B 74 -13.33 19.85 22.76
N GLY B 75 -13.82 21.09 22.73
CA GLY B 75 -13.89 21.89 23.94
C GLY B 75 -14.87 21.41 24.97
N ALA B 76 -15.97 20.78 24.54
CA ALA B 76 -17.02 20.35 25.45
C ALA B 76 -16.84 18.92 25.91
N LEU B 77 -15.68 18.32 25.65
CA LEU B 77 -15.47 16.90 25.94
C LEU B 77 -15.60 16.55 27.43
N PRO B 78 -14.97 17.26 28.39
CA PRO B 78 -15.24 16.92 29.79
C PRO B 78 -16.64 17.26 30.22
N TYR B 79 -17.26 18.29 29.64
CA TYR B 79 -18.65 18.60 29.94
C TYR B 79 -19.55 17.45 29.53
N MET B 80 -19.35 16.92 28.32
CA MET B 80 -20.13 15.78 27.85
C MET B 80 -19.84 14.54 28.67
N SER B 81 -18.59 14.34 29.07
CA SER B 81 -18.22 13.08 29.72
C SER B 81 -18.60 13.02 31.19
N GLU B 82 -18.63 14.15 31.91
CA GLU B 82 -18.98 14.11 33.32
C GLU B 82 -20.19 14.95 33.73
N ILE B 83 -20.54 16.02 33.02
CA ILE B 83 -21.71 16.78 33.41
C ILE B 83 -22.99 16.02 33.03
N VAL B 84 -23.20 15.79 31.74
CA VAL B 84 -24.38 15.03 31.34
C VAL B 84 -24.14 13.54 31.51
N GLY B 85 -22.95 13.06 31.20
CA GLY B 85 -22.59 11.67 31.45
C GLY B 85 -22.43 10.84 30.19
N TYR B 86 -21.30 10.14 30.11
CA TYR B 86 -21.04 9.19 29.02
C TYR B 86 -19.91 8.28 29.47
N THR B 87 -20.19 6.99 29.59
CA THR B 87 -19.20 6.04 30.10
C THR B 87 -18.83 5.02 29.03
N GLY B 88 -18.66 5.48 27.79
CA GLY B 88 -18.28 4.60 26.71
C GLY B 88 -16.91 4.93 26.15
N PRO B 89 -16.65 4.49 24.92
CA PRO B 89 -15.35 4.77 24.29
C PRO B 89 -15.31 6.08 23.53
N ILE B 90 -14.19 6.77 23.64
CA ILE B 90 -13.92 8.00 22.91
C ILE B 90 -12.68 7.78 22.08
N TYR B 91 -12.78 8.00 20.77
CA TYR B 91 -11.69 7.68 19.86
C TYR B 91 -11.09 8.96 19.31
N MET B 92 -9.77 9.05 19.36
CA MET B 92 -9.03 10.18 18.81
C MET B 92 -7.60 9.69 18.58
N THR B 93 -6.80 10.55 17.97
CA THR B 93 -5.41 10.20 17.75
C THR B 93 -4.58 10.49 19.00
N HIS B 94 -3.41 9.86 19.07
CA HIS B 94 -2.52 10.03 20.22
C HIS B 94 -2.12 11.48 20.48
N PRO B 95 -1.71 12.30 19.49
CA PRO B 95 -1.44 13.71 19.81
C PRO B 95 -2.67 14.47 20.30
N THR B 96 -3.87 14.13 19.83
CA THR B 96 -5.06 14.80 20.35
C THR B 96 -5.27 14.46 21.82
N LYS B 97 -5.05 13.20 22.21
CA LYS B 97 -5.14 12.82 23.61
C LYS B 97 -4.02 13.46 24.44
N ALA B 98 -2.88 13.73 23.82
CA ALA B 98 -1.81 14.39 24.55
C ALA B 98 -2.04 15.88 24.74
N ILE B 99 -2.68 16.55 23.78
CA ILE B 99 -2.71 18.00 23.76
C ILE B 99 -4.05 18.59 24.20
N ALA B 100 -5.17 17.90 23.99
CA ALA B 100 -6.46 18.41 24.43
C ALA B 100 -6.56 18.74 25.93
N PRO B 101 -5.97 17.97 26.87
CA PRO B 101 -6.01 18.42 28.26
C PRO B 101 -5.34 19.77 28.50
N ILE B 102 -4.27 20.09 27.79
CA ILE B 102 -3.57 21.36 28.00
C ILE B 102 -4.44 22.53 27.58
N LEU B 103 -5.00 22.46 26.37
CA LEU B 103 -5.91 23.50 25.89
C LEU B 103 -7.13 23.62 26.79
N LEU B 104 -7.67 22.48 27.23
CA LEU B 104 -8.84 22.51 28.10
C LEU B 104 -8.53 23.14 29.45
N GLU B 105 -7.37 22.82 30.03
CA GLU B 105 -6.99 23.41 31.30
C GLU B 105 -6.75 24.91 31.19
N ASP B 106 -6.09 25.35 30.12
CA ASP B 106 -5.87 26.78 29.92
C ASP B 106 -7.18 27.53 29.75
N MET B 107 -8.09 26.96 28.96
CA MET B 107 -9.40 27.57 28.75
C MET B 107 -10.22 27.56 30.03
N ARG B 108 -10.06 26.55 30.88
CA ARG B 108 -10.75 26.54 32.16
C ARG B 108 -10.18 27.60 33.09
N LYS B 109 -8.86 27.82 33.06
CA LYS B 109 -8.27 28.90 33.83
C LYS B 109 -8.84 30.24 33.40
N VAL B 110 -8.82 30.52 32.10
CA VAL B 110 -9.31 31.81 31.63
C VAL B 110 -10.82 31.95 31.68
N ALA B 111 -11.56 30.86 31.90
CA ALA B 111 -13.01 30.92 31.92
C ALA B 111 -13.60 31.01 33.32
N VAL B 112 -13.01 30.32 34.30
CA VAL B 112 -13.55 30.34 35.66
C VAL B 112 -13.40 31.71 36.30
N GLU B 113 -12.31 32.42 36.00
CA GLU B 113 -12.06 33.75 36.55
C GLU B 113 -13.15 34.74 36.19
N ARG B 114 -13.33 35.00 34.90
CA ARG B 114 -14.31 35.97 34.44
C ARG B 114 -15.72 35.40 34.49
N PHE B 120 -18.80 25.24 35.47
CA PHE B 120 -17.78 24.91 34.49
C PHE B 120 -16.99 23.71 34.98
N PHE B 121 -16.36 22.97 34.07
CA PHE B 121 -15.67 21.76 34.49
C PHE B 121 -14.36 22.09 35.20
N THR B 122 -13.78 21.07 35.82
CA THR B 122 -12.62 21.21 36.70
C THR B 122 -11.45 20.39 36.16
N THR B 123 -10.32 20.49 36.87
CA THR B 123 -9.14 19.72 36.50
C THR B 123 -9.39 18.21 36.66
N GLN B 124 -10.08 17.83 37.74
CA GLN B 124 -10.33 16.42 38.00
C GLN B 124 -11.17 15.78 36.91
N MET B 125 -12.19 16.49 36.41
CA MET B 125 -13.02 15.89 35.38
C MET B 125 -12.35 15.90 34.02
N ILE B 126 -11.42 16.83 33.77
CA ILE B 126 -10.54 16.68 32.61
C ILE B 126 -9.75 15.38 32.72
N LYS B 127 -9.20 15.12 33.91
CA LYS B 127 -8.42 13.90 34.12
C LYS B 127 -9.28 12.65 33.92
N ASP B 128 -10.52 12.69 34.40
CA ASP B 128 -11.39 11.53 34.30
C ASP B 128 -11.92 11.33 32.88
N CYS B 129 -12.15 12.42 32.13
CA CYS B 129 -12.56 12.29 30.74
C CYS B 129 -11.43 11.73 29.89
N MET B 130 -10.18 12.11 30.19
CA MET B 130 -9.07 11.53 29.44
C MET B 130 -8.81 10.07 29.78
N LYS B 131 -9.42 9.53 30.83
CA LYS B 131 -9.26 8.12 31.17
C LYS B 131 -10.21 7.22 30.40
N LYS B 132 -11.19 7.79 29.71
CA LYS B 132 -12.09 7.03 28.84
C LYS B 132 -11.62 6.96 27.40
N VAL B 133 -10.59 7.69 27.04
CA VAL B 133 -10.16 7.83 25.66
C VAL B 133 -9.34 6.62 25.26
N ILE B 134 -9.76 5.94 24.19
CA ILE B 134 -8.96 4.90 23.55
C ILE B 134 -8.31 5.52 22.32
N PRO B 135 -7.00 5.70 22.30
CA PRO B 135 -6.36 6.32 21.12
C PRO B 135 -6.26 5.35 19.95
N VAL B 136 -6.09 5.92 18.78
CA VAL B 136 -6.08 5.17 17.53
C VAL B 136 -4.97 5.72 16.66
N THR B 137 -4.39 4.86 15.83
CA THR B 137 -3.27 5.23 14.98
C THR B 137 -3.75 5.52 13.57
N LEU B 138 -2.81 5.88 12.69
CA LEU B 138 -3.13 6.18 11.31
C LEU B 138 -3.52 4.92 10.55
N HIS B 139 -4.63 5.00 9.81
CA HIS B 139 -5.14 3.94 8.95
C HIS B 139 -5.41 2.61 9.65
N GLN B 140 -5.40 2.58 10.98
CA GLN B 140 -5.78 1.37 11.68
C GLN B 140 -7.30 1.22 11.65
N SER B 141 -7.78 0.06 11.21
CA SER B 141 -9.21 -0.22 11.21
C SER B 141 -9.61 -0.62 12.62
N MET B 142 -9.99 0.37 13.42
CA MET B 142 -10.39 0.13 14.79
C MET B 142 -11.78 -0.47 14.79
N MET B 143 -11.87 -1.73 15.19
CA MET B 143 -13.15 -2.43 15.20
C MET B 143 -13.86 -2.11 16.52
N VAL B 144 -14.80 -1.18 16.45
CA VAL B 144 -15.71 -0.87 17.56
C VAL B 144 -16.72 -2.01 17.47
N ASP B 145 -17.61 -2.15 18.47
CA ASP B 145 -18.54 -3.27 18.58
C ASP B 145 -19.15 -3.69 17.25
N THR B 146 -19.24 -5.01 17.05
CA THR B 146 -19.42 -5.68 15.77
C THR B 146 -20.42 -4.96 14.86
N ASP B 147 -20.05 -4.86 13.57
CA ASP B 147 -20.75 -4.09 12.54
C ASP B 147 -20.62 -2.59 12.79
N LEU B 148 -19.40 -2.14 13.12
CA LEU B 148 -19.06 -0.73 13.19
C LEU B 148 -17.56 -0.61 13.08
N GLU B 149 -17.08 0.11 12.06
CA GLU B 149 -15.66 0.22 11.77
C GLU B 149 -15.26 1.68 11.65
N ILE B 150 -14.06 1.99 12.15
CA ILE B 150 -13.53 3.35 12.25
C ILE B 150 -12.14 3.35 11.64
N LYS B 151 -11.83 4.39 10.87
CA LYS B 151 -10.49 4.50 10.29
C LYS B 151 -10.07 5.96 10.26
N ALA B 152 -8.82 6.23 10.63
CA ALA B 152 -8.30 7.59 10.68
C ALA B 152 -7.40 7.88 9.49
N TYR B 153 -7.53 9.08 8.94
CA TYR B 153 -6.75 9.59 7.83
C TYR B 153 -6.09 10.90 8.22
N TYR B 154 -4.92 11.16 7.64
CA TYR B 154 -4.22 12.41 7.89
C TYR B 154 -5.00 13.59 7.30
N ALA B 155 -5.16 14.64 8.10
CA ALA B 155 -5.91 15.81 7.68
C ALA B 155 -5.07 17.08 7.54
N GLY B 156 -3.90 17.14 8.15
CA GLY B 156 -3.16 18.38 8.24
C GLY B 156 -3.76 19.30 9.29
N HIS B 157 -3.40 20.57 9.17
CA HIS B 157 -4.02 21.75 9.78
C HIS B 157 -3.77 21.96 11.29
N VAL B 158 -3.50 20.89 12.05
CA VAL B 158 -2.89 20.93 13.39
C VAL B 158 -2.22 19.58 13.59
N LEU B 159 -1.45 19.46 14.67
CA LEU B 159 -0.76 18.21 14.94
C LEU B 159 -1.74 17.15 15.42
N GLY B 160 -1.79 16.01 14.73
CA GLY B 160 -2.64 14.92 15.12
C GLY B 160 -4.06 14.97 14.61
N ALA B 161 -4.39 15.92 13.73
CA ALA B 161 -5.74 16.02 13.20
C ALA B 161 -6.02 14.89 12.20
N ALA B 162 -7.28 14.48 12.13
CA ALA B 162 -7.66 13.34 11.32
C ALA B 162 -9.01 13.58 10.66
N MET B 163 -9.17 12.96 9.50
CA MET B 163 -10.48 12.71 8.90
C MET B 163 -10.87 11.28 9.19
N PHE B 164 -12.14 11.06 9.48
CA PHE B 164 -12.57 9.75 9.93
C PHE B 164 -13.50 9.09 8.92
N TRP B 165 -13.29 7.80 8.73
CA TRP B 165 -14.09 6.97 7.85
C TRP B 165 -14.86 5.99 8.71
N ILE B 166 -16.19 6.04 8.63
CA ILE B 166 -17.08 5.26 9.48
C ILE B 166 -17.88 4.33 8.58
N LYS B 167 -17.87 3.03 8.92
CA LYS B 167 -18.60 2.06 8.12
C LYS B 167 -19.51 1.21 8.99
N VAL B 168 -20.80 1.18 8.64
CA VAL B 168 -21.78 0.27 9.22
C VAL B 168 -22.49 -0.41 8.05
N GLY B 169 -22.33 -1.72 7.94
CA GLY B 169 -23.07 -2.57 7.03
C GLY B 169 -23.24 -2.07 5.61
N SER B 170 -22.14 -1.96 4.88
CA SER B 170 -22.06 -1.49 3.48
C SER B 170 -22.40 -0.02 3.32
N GLN B 171 -22.54 0.75 4.39
CA GLN B 171 -22.67 2.20 4.30
C GLN B 171 -21.46 2.85 4.96
N SER B 172 -20.85 3.80 4.26
CA SER B 172 -19.65 4.47 4.73
C SER B 172 -19.79 5.98 4.60
N VAL B 173 -19.23 6.70 5.57
CA VAL B 173 -19.23 8.15 5.62
C VAL B 173 -17.83 8.64 5.93
N VAL B 174 -17.38 9.67 5.22
CA VAL B 174 -16.12 10.35 5.52
C VAL B 174 -16.43 11.71 6.11
N TYR B 175 -15.86 11.98 7.29
CA TYR B 175 -15.96 13.27 7.96
C TYR B 175 -14.59 13.91 7.99
N THR B 176 -14.45 15.09 7.38
CA THR B 176 -13.12 15.70 7.27
C THR B 176 -12.68 16.38 8.55
N GLY B 177 -13.60 16.89 9.35
CA GLY B 177 -13.20 17.76 10.44
C GLY B 177 -12.66 19.04 9.84
N ASP B 178 -11.45 19.42 10.23
CA ASP B 178 -10.74 20.51 9.60
C ASP B 178 -9.51 19.97 8.91
N TYR B 179 -9.28 20.40 7.67
CA TYR B 179 -8.21 19.84 6.88
C TYR B 179 -7.67 20.92 5.95
N ASN B 180 -6.41 20.75 5.56
CA ASN B 180 -5.76 21.62 4.59
C ASN B 180 -5.18 20.74 3.49
N MET B 181 -5.47 21.09 2.24
CA MET B 181 -5.00 20.30 1.12
C MET B 181 -3.63 20.72 0.61
N THR B 182 -3.09 21.82 1.11
CA THR B 182 -1.76 22.26 0.78
C THR B 182 -0.85 22.17 2.00
N PRO B 183 0.43 21.83 1.83
CA PRO B 183 1.31 21.69 2.98
C PRO B 183 1.70 23.05 3.56
N ASP B 184 2.38 23.00 4.70
CA ASP B 184 2.97 24.18 5.30
C ASP B 184 4.34 23.78 5.84
N ARG B 185 4.90 24.62 6.71
CA ARG B 185 6.28 24.43 7.16
C ARG B 185 6.46 23.10 7.89
N HIS B 186 5.60 22.84 8.86
CA HIS B 186 5.35 21.52 9.41
C HIS B 186 4.05 21.01 8.81
N LEU B 187 3.61 19.81 9.19
CA LEU B 187 2.26 19.35 8.82
C LEU B 187 1.94 19.25 7.34
N GLY B 188 2.39 18.20 6.66
CA GLY B 188 2.01 17.97 5.29
C GLY B 188 0.52 17.91 4.97
N ALA B 189 0.17 17.68 3.71
CA ALA B 189 -1.19 17.87 3.23
C ALA B 189 -2.10 16.70 3.63
N ALA B 190 -3.40 16.94 3.49
CA ALA B 190 -4.37 15.89 3.76
C ALA B 190 -4.33 14.83 2.67
N TRP B 191 -4.51 13.58 3.07
CA TRP B 191 -4.51 12.47 2.11
C TRP B 191 -5.66 11.54 2.41
N ILE B 192 -6.51 11.32 1.40
CA ILE B 192 -7.52 10.28 1.43
C ILE B 192 -7.38 9.45 0.16
N ASP B 193 -7.82 8.20 0.23
CA ASP B 193 -7.81 7.31 -0.91
C ASP B 193 -9.19 7.31 -1.58
N LYS B 194 -9.31 6.58 -2.69
CA LYS B 194 -10.58 6.49 -3.41
C LYS B 194 -11.43 5.40 -2.78
N CYS B 195 -11.95 5.71 -1.59
CA CYS B 195 -12.79 4.79 -0.85
C CYS B 195 -14.26 4.86 -1.26
N ARG B 196 -14.64 5.86 -2.06
CA ARG B 196 -15.99 6.14 -2.54
C ARG B 196 -17.03 6.07 -1.42
N PRO B 197 -17.05 7.01 -0.49
CA PRO B 197 -18.07 7.00 0.55
C PRO B 197 -19.43 7.39 -0.01
N ASP B 198 -20.48 6.95 0.68
CA ASP B 198 -21.82 7.34 0.29
C ASP B 198 -22.07 8.82 0.55
N LEU B 199 -21.39 9.39 1.54
CA LEU B 199 -21.50 10.81 1.88
C LEU B 199 -20.16 11.32 2.36
N LEU B 200 -19.81 12.53 1.91
CA LEU B 200 -18.62 13.23 2.39
C LEU B 200 -19.06 14.51 3.09
N ILE B 201 -18.80 14.60 4.39
CA ILE B 201 -19.09 15.79 5.16
C ILE B 201 -17.83 16.64 5.22
N SER B 202 -17.87 17.84 4.64
CA SER B 202 -16.68 18.64 4.46
C SER B 202 -16.88 20.04 5.02
N GLU B 203 -15.78 20.67 5.42
CA GLU B 203 -15.78 22.01 5.96
C GLU B 203 -15.58 23.03 4.85
N SER B 204 -16.21 24.19 5.01
CA SER B 204 -16.26 25.20 3.95
C SER B 204 -16.03 26.60 4.50
N THR B 205 -15.01 26.77 5.35
CA THR B 205 -14.69 28.10 5.88
C THR B 205 -14.25 29.06 4.79
N TYR B 206 -13.51 28.55 3.80
CA TYR B 206 -12.96 29.39 2.73
C TYR B 206 -13.49 28.94 1.38
N ALA B 207 -14.80 28.73 1.28
CA ALA B 207 -15.39 28.12 0.10
C ALA B 207 -15.37 29.03 -1.13
N THR B 208 -15.23 30.34 -0.97
CA THR B 208 -15.30 31.26 -2.10
C THR B 208 -13.96 31.87 -2.47
N THR B 209 -12.87 31.44 -1.84
CA THR B 209 -11.57 32.03 -2.09
C THR B 209 -10.61 31.00 -2.67
N ILE B 210 -9.70 31.50 -3.51
CA ILE B 210 -8.53 30.75 -3.94
C ILE B 210 -7.33 31.55 -3.45
N ARG B 211 -6.68 31.07 -2.39
CA ARG B 211 -5.62 31.84 -1.77
C ARG B 211 -4.38 31.83 -2.65
N ASP B 212 -3.55 32.87 -2.47
CA ASP B 212 -2.52 33.24 -3.44
C ASP B 212 -1.47 32.16 -3.65
N SER B 213 -0.64 31.94 -2.64
CA SER B 213 0.49 31.01 -2.70
C SER B 213 1.18 31.04 -1.35
N LYS B 214 2.16 30.17 -1.19
CA LYS B 214 2.98 30.19 0.01
C LYS B 214 3.79 31.49 0.10
N ARG B 215 4.46 31.85 -1.00
CA ARG B 215 5.43 32.93 -0.94
C ARG B 215 4.77 34.30 -0.84
N CYS B 216 3.62 34.50 -1.48
CA CYS B 216 2.96 35.80 -1.39
C CYS B 216 2.48 36.06 0.03
N ARG B 217 1.86 35.07 0.67
CA ARG B 217 1.40 35.22 2.05
C ARG B 217 2.56 35.40 3.01
N GLU B 218 3.61 34.58 2.86
CA GLU B 218 4.76 34.70 3.75
C GLU B 218 5.47 36.03 3.57
N ARG B 219 5.62 36.48 2.32
CA ARG B 219 6.26 37.76 2.05
C ARG B 219 5.46 38.91 2.63
N ASP B 220 4.12 38.86 2.48
CA ASP B 220 3.30 39.93 3.04
C ASP B 220 3.43 39.99 4.56
N PHE B 221 3.37 38.83 5.22
CA PHE B 221 3.46 38.79 6.67
C PHE B 221 4.81 39.32 7.15
N LEU B 222 5.89 38.83 6.55
CA LEU B 222 7.23 39.23 6.97
C LEU B 222 7.50 40.69 6.67
N LYS B 223 7.06 41.18 5.51
CA LYS B 223 7.26 42.58 5.15
C LYS B 223 6.49 43.50 6.09
N LYS B 224 5.24 43.15 6.41
CA LYS B 224 4.46 43.99 7.32
C LYS B 224 5.07 44.02 8.71
N VAL B 225 5.48 42.85 9.21
CA VAL B 225 6.10 42.78 10.53
C VAL B 225 7.38 43.60 10.58
N HIS B 226 8.24 43.45 9.56
CA HIS B 226 9.51 44.17 9.54
C HIS B 226 9.29 45.67 9.43
N GLU B 227 8.38 46.10 8.55
CA GLU B 227 8.13 47.52 8.37
C GLU B 227 7.57 48.14 9.64
N CYS B 228 6.65 47.43 10.32
CA CYS B 228 6.10 47.96 11.56
C CYS B 228 7.14 48.02 12.67
N VAL B 229 7.96 46.98 12.80
CA VAL B 229 8.86 46.91 13.95
C VAL B 229 10.09 47.80 13.75
N ALA B 230 10.49 48.06 12.50
CA ALA B 230 11.66 48.89 12.26
C ALA B 230 11.39 50.37 12.49
N LYS B 231 10.13 50.77 12.64
CA LYS B 231 9.76 52.14 12.97
C LYS B 231 9.56 52.34 14.47
N GLY B 232 9.97 51.37 15.28
CA GLY B 232 9.76 51.44 16.71
C GLY B 232 8.40 50.97 17.19
N GLY B 233 7.58 50.41 16.30
CA GLY B 233 6.27 49.92 16.68
C GLY B 233 6.28 48.52 17.23
N LYS B 234 5.14 48.11 17.77
CA LYS B 234 4.99 46.82 18.41
C LYS B 234 3.90 46.01 17.72
N VAL B 235 4.10 44.70 17.64
CA VAL B 235 3.20 43.80 16.93
C VAL B 235 2.65 42.78 17.92
N LEU B 236 1.34 42.60 17.90
CA LEU B 236 0.66 41.62 18.73
C LEU B 236 0.08 40.52 17.85
N ILE B 237 0.38 39.27 18.16
CA ILE B 237 -0.16 38.12 17.44
C ILE B 237 -0.94 37.26 18.41
N PRO B 238 -2.27 37.28 18.36
CA PRO B 238 -3.08 36.41 19.24
C PRO B 238 -3.20 35.01 18.65
N VAL B 239 -2.70 34.02 19.39
CA VAL B 239 -2.67 32.63 18.97
C VAL B 239 -3.14 31.76 20.13
N PHE B 240 -3.15 30.45 19.90
CA PHE B 240 -3.36 29.47 20.96
C PHE B 240 -2.03 28.82 21.29
N ALA B 241 -1.98 28.19 22.47
CA ALA B 241 -0.70 27.70 23.00
C ALA B 241 -0.09 26.64 22.12
N LEU B 242 -0.90 25.80 21.48
CA LEU B 242 -0.45 24.79 20.55
C LEU B 242 -1.34 24.82 19.33
N GLY B 243 -0.75 24.62 18.15
CA GLY B 243 -1.52 24.66 16.93
C GLY B 243 -0.88 25.46 15.82
N ARG B 244 -1.54 26.54 15.39
CA ARG B 244 -1.04 27.34 14.28
C ARG B 244 0.10 28.27 14.68
N ALA B 245 0.32 28.48 15.98
CA ALA B 245 1.37 29.39 16.41
C ALA B 245 2.75 28.87 16.07
N GLN B 246 2.92 27.54 16.02
CA GLN B 246 4.23 26.96 15.77
C GLN B 246 4.75 27.29 14.38
N GLU B 247 3.87 27.32 13.37
CA GLU B 247 4.32 27.69 12.04
C GLU B 247 4.77 29.15 11.97
N LEU B 248 4.02 30.05 12.60
CA LEU B 248 4.40 31.46 12.63
C LEU B 248 5.72 31.64 13.36
N CYS B 249 5.91 30.91 14.46
CA CYS B 249 7.19 30.95 15.16
C CYS B 249 8.32 30.45 14.28
N ILE B 250 8.08 29.36 13.55
CA ILE B 250 9.12 28.79 12.69
C ILE B 250 9.54 29.77 11.62
N LEU B 251 8.56 30.37 10.94
CA LEU B 251 8.92 31.25 9.82
C LEU B 251 9.45 32.59 10.29
N LEU B 252 8.96 33.12 11.42
CA LEU B 252 9.53 34.35 11.96
C LEU B 252 10.95 34.14 12.45
N GLU B 253 11.23 33.00 13.09
CA GLU B 253 12.59 32.69 13.52
C GLU B 253 13.50 32.47 12.32
N THR B 254 12.98 31.86 11.24
CA THR B 254 13.77 31.69 10.02
C THR B 254 14.10 33.03 9.39
N TYR B 255 13.11 33.93 9.31
CA TYR B 255 13.35 35.25 8.72
C TYR B 255 14.31 36.08 9.54
N TRP B 256 14.27 35.93 10.87
CA TRP B 256 15.14 36.74 11.71
C TRP B 256 16.51 36.10 11.92
N GLU B 257 16.66 34.83 11.55
CA GLU B 257 17.99 34.27 11.35
C GLU B 257 18.56 34.70 10.01
N ARG B 258 17.71 34.87 9.00
CA ARG B 258 18.20 35.25 7.67
C ARG B 258 18.61 36.71 7.63
N MET B 259 17.68 37.62 7.92
CA MET B 259 17.99 39.05 7.93
C MET B 259 18.78 39.49 9.16
N ASN B 260 18.99 38.58 10.13
CA ASN B 260 19.85 38.80 11.28
C ASN B 260 19.38 39.97 12.15
N LEU B 261 18.07 40.14 12.29
CA LEU B 261 17.53 41.23 13.09
C LEU B 261 17.78 40.98 14.58
N LYS B 262 17.61 42.04 15.37
CA LYS B 262 17.91 41.99 16.79
C LYS B 262 16.77 42.47 17.68
N TYR B 263 15.59 42.74 17.11
CA TYR B 263 14.45 43.11 17.93
C TYR B 263 14.01 41.91 18.76
N PRO B 264 13.34 42.14 19.90
CA PRO B 264 12.87 41.01 20.71
C PRO B 264 11.53 40.45 20.24
N ILE B 265 11.42 39.13 20.33
CA ILE B 265 10.19 38.41 20.02
C ILE B 265 9.92 37.41 21.14
N TYR B 266 8.72 37.48 21.71
CA TYR B 266 8.37 36.71 22.90
C TYR B 266 7.17 35.81 22.63
N PHE B 267 7.16 34.64 23.27
CA PHE B 267 6.00 33.77 23.28
C PHE B 267 5.47 33.74 24.71
N ALA B 268 4.26 34.28 24.91
CA ALA B 268 3.72 34.50 26.24
C ALA B 268 3.17 33.21 26.84
N LEU B 269 4.09 32.31 27.17
CA LEU B 269 3.78 31.12 27.97
C LEU B 269 5.06 30.51 28.53
N GLU B 273 5.34 25.30 30.13
CA GLU B 273 6.29 25.62 29.06
C GLU B 273 6.80 24.36 28.40
N LYS B 274 6.00 23.29 28.46
CA LYS B 274 6.32 22.01 27.84
C LYS B 274 5.60 21.82 26.52
N ALA B 275 5.24 22.91 25.85
CA ALA B 275 4.44 22.82 24.63
C ALA B 275 5.22 22.19 23.48
N ASN B 276 6.49 22.56 23.30
CA ASN B 276 7.26 22.07 22.17
C ASN B 276 7.76 20.65 22.35
N THR B 277 7.79 20.14 23.59
CA THR B 277 8.17 18.74 23.77
C THR B 277 7.11 17.80 23.23
N TYR B 278 5.86 18.24 23.11
CA TYR B 278 4.85 17.40 22.48
C TYR B 278 5.07 17.30 20.97
N TYR B 279 5.49 18.40 20.34
CA TYR B 279 5.91 18.33 18.95
C TYR B 279 7.17 17.50 18.78
N LYS B 280 8.01 17.46 19.81
CA LYS B 280 9.19 16.60 19.75
C LYS B 280 8.84 15.13 19.89
N MET B 281 7.86 14.79 20.75
CA MET B 281 7.48 13.40 20.94
C MET B 281 6.74 12.80 19.74
N PHE B 282 6.12 13.63 18.91
CA PHE B 282 5.24 13.13 17.86
C PHE B 282 5.72 13.54 16.47
N ILE B 283 7.00 13.32 16.19
CA ILE B 283 7.60 13.70 14.92
C ILE B 283 7.01 12.90 13.75
N THR B 284 6.44 11.73 14.03
CA THR B 284 5.83 10.94 12.96
C THR B 284 4.52 11.51 12.45
N TRP B 285 4.00 12.56 13.07
CA TRP B 285 2.80 13.22 12.60
C TRP B 285 3.09 14.51 11.86
N THR B 286 4.36 14.87 11.70
CA THR B 286 4.75 16.06 10.96
C THR B 286 5.09 15.68 9.52
N ASN B 287 5.65 16.61 8.75
CA ASN B 287 5.89 16.37 7.33
C ASN B 287 7.25 15.69 7.12
N GLN B 288 7.68 15.60 5.86
CA GLN B 288 8.90 14.87 5.55
C GLN B 288 10.16 15.64 5.96
N LYS B 289 10.17 16.96 5.75
CA LYS B 289 11.40 17.71 5.96
C LYS B 289 11.75 17.89 7.43
N ILE B 290 10.82 17.62 8.34
CA ILE B 290 11.17 17.59 9.76
C ILE B 290 11.61 16.19 10.18
N ARG B 291 10.96 15.15 9.67
CA ARG B 291 11.41 13.79 9.94
C ARG B 291 12.81 13.54 9.37
N LYS B 292 13.19 14.28 8.33
CA LYS B 292 14.52 14.13 7.75
C LYS B 292 15.59 14.82 8.59
N THR B 293 15.25 15.92 9.27
CA THR B 293 16.25 16.77 9.90
C THR B 293 16.12 16.87 11.41
N PHE B 294 15.26 16.08 12.04
CA PHE B 294 15.02 16.26 13.46
C PHE B 294 16.16 15.73 14.33
N VAL B 295 17.00 14.84 13.82
CA VAL B 295 18.07 14.30 14.62
C VAL B 295 19.12 15.36 14.93
N HIS B 296 19.51 16.14 13.93
CA HIS B 296 20.61 17.08 14.05
C HIS B 296 20.16 18.52 14.25
N ARG B 297 19.17 18.99 13.48
CA ARG B 297 18.72 20.38 13.52
C ARG B 297 17.24 20.36 13.85
N ASN B 298 16.92 20.40 15.15
CA ASN B 298 15.53 20.39 15.56
C ASN B 298 14.93 21.80 15.43
N MET B 299 13.74 21.87 14.84
CA MET B 299 13.11 23.15 14.53
C MET B 299 12.18 23.64 15.62
N PHE B 300 12.05 22.91 16.72
CA PHE B 300 11.07 23.24 17.74
C PHE B 300 11.69 23.87 18.98
N ASP B 301 12.98 24.17 18.95
CA ASP B 301 13.59 25.15 19.84
C ASP B 301 14.23 26.24 18.99
N PHE B 302 14.08 27.49 19.42
CA PHE B 302 14.19 28.60 18.49
C PHE B 302 15.40 29.50 18.71
N LYS B 303 15.86 29.67 19.95
CA LYS B 303 16.96 30.57 20.36
C LYS B 303 16.83 31.99 19.82
N HIS B 304 15.63 32.36 19.38
CA HIS B 304 15.23 33.74 19.15
C HIS B 304 13.93 34.10 19.85
N ILE B 305 13.08 33.12 20.13
CA ILE B 305 11.85 33.33 20.87
C ILE B 305 12.17 33.31 22.36
N LYS B 306 11.74 34.34 23.07
CA LYS B 306 12.01 34.37 24.50
C LYS B 306 10.72 34.21 25.30
N PRO B 307 10.80 33.70 26.52
CA PRO B 307 9.66 33.77 27.43
C PRO B 307 9.31 35.23 27.74
N PHE B 308 8.03 35.47 27.98
CA PHE B 308 7.48 36.81 28.09
C PHE B 308 7.11 37.11 29.53
N ASP B 309 7.31 38.37 29.93
CA ASP B 309 6.98 38.86 31.26
C ASP B 309 6.01 40.02 31.14
N LYS B 310 5.18 40.19 32.16
CA LYS B 310 4.11 41.19 32.11
C LYS B 310 4.67 42.61 32.06
N ALA B 311 5.75 42.88 32.78
CA ALA B 311 6.31 44.22 32.87
C ALA B 311 6.83 44.73 31.53
N TYR B 312 6.97 43.86 30.54
CA TYR B 312 7.39 44.26 29.21
C TYR B 312 6.26 44.88 28.39
N ILE B 313 5.02 44.89 28.90
CA ILE B 313 3.92 45.48 28.13
C ILE B 313 4.13 46.97 27.95
N ASP B 314 4.55 47.67 29.00
CA ASP B 314 4.68 49.13 28.96
C ASP B 314 6.11 49.59 28.69
N ASN B 315 6.93 48.73 28.08
CA ASN B 315 8.26 49.14 27.66
C ASN B 315 8.15 50.08 26.46
N PRO B 316 9.17 50.91 26.23
CA PRO B 316 9.12 51.84 25.09
C PRO B 316 9.76 51.31 23.80
N GLY B 317 10.36 50.12 23.81
CA GLY B 317 11.02 49.61 22.64
C GLY B 317 10.10 49.12 21.54
N ALA B 318 10.60 48.24 20.68
CA ALA B 318 9.83 47.65 19.59
C ALA B 318 9.93 46.13 19.70
N MET B 319 8.79 45.45 19.70
CA MET B 319 8.80 44.02 19.92
C MET B 319 7.64 43.37 19.18
N VAL B 320 7.71 42.06 19.05
CA VAL B 320 6.64 41.21 18.55
C VAL B 320 6.28 40.22 19.64
N VAL B 321 5.00 40.14 19.99
CA VAL B 321 4.55 39.30 21.11
C VAL B 321 3.51 38.32 20.60
N PHE B 322 3.79 37.03 20.79
CA PHE B 322 2.80 35.97 20.60
C PHE B 322 2.05 35.81 21.92
N ALA B 323 0.77 36.16 21.94
CA ALA B 323 0.01 36.12 23.18
C ALA B 323 -0.82 34.86 23.27
N THR B 324 -1.23 34.52 24.48
CA THR B 324 -1.67 33.16 24.80
C THR B 324 -3.08 32.80 24.33
N PRO B 325 -4.11 33.66 24.48
CA PRO B 325 -5.42 33.31 23.87
C PRO B 325 -5.60 33.89 22.48
N GLY B 326 -5.96 33.05 21.52
CA GLY B 326 -6.26 33.53 20.19
C GLY B 326 -7.60 34.23 20.15
N MET B 327 -7.84 34.93 19.04
CA MET B 327 -9.04 35.71 18.73
C MET B 327 -9.23 36.93 19.62
N LEU B 328 -8.33 37.17 20.59
CA LEU B 328 -8.44 38.26 21.56
C LEU B 328 -9.77 38.21 22.33
N HIS B 329 -10.11 37.03 22.86
CA HIS B 329 -11.44 36.94 23.45
C HIS B 329 -11.45 37.00 24.97
N ALA B 330 -10.50 36.37 25.68
CA ALA B 330 -10.71 36.24 27.11
C ALA B 330 -9.48 36.36 28.00
N GLY B 331 -8.30 36.74 27.51
CA GLY B 331 -7.09 36.68 28.30
C GLY B 331 -6.07 37.74 28.01
N LEU B 332 -4.79 37.34 28.06
CA LEU B 332 -3.68 38.28 28.02
C LEU B 332 -3.59 39.01 26.69
N SER B 333 -3.97 38.36 25.59
CA SER B 333 -3.97 39.01 24.29
C SER B 333 -4.92 40.20 24.28
N LEU B 334 -6.09 40.06 24.91
CA LEU B 334 -7.01 41.18 25.01
C LEU B 334 -6.46 42.29 25.87
N GLN B 335 -5.67 41.95 26.91
CA GLN B 335 -5.05 42.98 27.74
C GLN B 335 -4.02 43.79 26.97
N ILE B 336 -3.14 43.09 26.23
CA ILE B 336 -2.14 43.80 25.44
C ILE B 336 -2.80 44.60 24.33
N PHE B 337 -3.89 44.08 23.75
CA PHE B 337 -4.64 44.83 22.74
C PHE B 337 -5.26 46.09 23.32
N LYS B 338 -5.77 46.01 24.56
CA LYS B 338 -6.25 47.20 25.25
C LYS B 338 -5.13 48.21 25.45
N LYS B 339 -3.95 47.73 25.85
CA LYS B 339 -2.85 48.65 26.16
C LYS B 339 -2.30 49.32 24.92
N TRP B 340 -2.22 48.59 23.80
CA TRP B 340 -1.58 49.12 22.58
C TRP B 340 -2.57 49.64 21.56
N ALA B 341 -3.89 49.52 21.81
CA ALA B 341 -4.86 49.92 20.79
C ALA B 341 -4.87 51.42 20.52
N PRO B 342 -4.92 52.36 21.54
CA PRO B 342 -4.98 53.80 21.22
C PRO B 342 -3.64 54.40 20.83
N ASN B 343 -2.94 53.75 19.90
CA ASN B 343 -1.68 54.22 19.38
C ASN B 343 -1.61 53.94 17.89
N GLU B 344 -0.99 54.86 17.14
CA GLU B 344 -0.66 54.60 15.76
C GLU B 344 0.68 53.85 15.70
N ASN B 345 1.14 53.60 14.48
CA ASN B 345 2.41 52.94 14.14
C ASN B 345 2.69 51.69 14.97
N ASN B 346 1.65 50.97 15.37
CA ASN B 346 1.77 49.62 15.89
C ASN B 346 0.52 48.86 15.46
N MET B 347 0.61 47.54 15.43
CA MET B 347 -0.46 46.78 14.80
C MET B 347 -0.72 45.46 15.53
N VAL B 348 -1.86 44.86 15.20
CA VAL B 348 -2.21 43.51 15.57
C VAL B 348 -2.45 42.71 14.29
N ILE B 349 -1.95 41.49 14.26
CA ILE B 349 -2.09 40.62 13.09
C ILE B 349 -3.02 39.48 13.48
N MET B 350 -4.15 39.40 12.79
CA MET B 350 -5.10 38.32 13.02
C MET B 350 -4.77 37.17 12.07
N PRO B 351 -4.24 36.06 12.55
CA PRO B 351 -3.79 34.99 11.65
C PRO B 351 -4.81 33.88 11.39
N GLY B 352 -5.98 33.93 12.03
CA GLY B 352 -6.93 32.86 11.86
C GLY B 352 -8.34 33.33 11.57
N TYR B 353 -9.32 32.47 11.86
CA TYR B 353 -10.72 32.79 11.67
C TYR B 353 -11.33 33.20 13.01
N CYS B 354 -11.95 34.37 13.04
CA CYS B 354 -12.57 34.88 14.25
C CYS B 354 -14.04 34.49 14.26
N VAL B 355 -14.41 33.58 15.16
CA VAL B 355 -15.81 33.21 15.34
C VAL B 355 -16.56 34.42 15.86
N GLN B 356 -17.69 34.73 15.23
CA GLN B 356 -18.42 35.95 15.52
C GLN B 356 -18.97 35.95 16.94
N GLY B 357 -19.00 37.13 17.55
CA GLY B 357 -19.20 37.27 18.97
C GLY B 357 -17.93 37.52 19.75
N THR B 358 -16.77 37.39 19.11
CA THR B 358 -15.48 37.67 19.71
C THR B 358 -15.02 39.07 19.32
N VAL B 359 -14.00 39.56 20.03
CA VAL B 359 -13.48 40.89 19.76
C VAL B 359 -12.84 40.96 18.38
N GLY B 360 -12.08 39.92 18.01
CA GLY B 360 -11.38 39.93 16.73
C GLY B 360 -12.30 40.01 15.53
N ASN B 361 -13.48 39.41 15.62
CA ASN B 361 -14.46 39.54 14.55
C ASN B 361 -14.90 40.98 14.37
N LYS B 362 -15.17 41.68 15.48
CA LYS B 362 -15.53 43.09 15.40
C LYS B 362 -14.38 43.93 14.84
N ILE B 363 -13.15 43.61 15.24
CA ILE B 363 -11.99 44.33 14.74
C ILE B 363 -11.83 44.15 13.24
N LEU B 364 -12.00 42.92 12.75
CA LEU B 364 -11.86 42.67 11.32
C LEU B 364 -13.05 43.18 10.53
N GLY B 365 -14.20 43.38 11.17
CA GLY B 365 -15.35 43.93 10.48
C GLY B 365 -15.28 45.40 10.18
N GLY B 366 -14.22 46.09 10.62
CA GLY B 366 -14.06 47.50 10.38
C GLY B 366 -14.48 48.40 11.51
N ALA B 367 -14.82 47.85 12.68
CA ALA B 367 -15.24 48.67 13.80
C ALA B 367 -14.06 49.43 14.38
N LYS B 368 -14.24 50.73 14.61
CA LYS B 368 -13.22 51.57 15.23
C LYS B 368 -13.54 51.92 16.67
N LYS B 369 -14.62 51.36 17.23
CA LYS B 369 -15.00 51.59 18.62
C LYS B 369 -15.23 50.23 19.26
N VAL B 370 -14.46 49.93 20.31
CA VAL B 370 -14.60 48.67 21.03
C VAL B 370 -15.12 48.98 22.43
N GLU B 371 -16.30 48.45 22.75
CA GLU B 371 -16.92 48.67 24.05
C GLU B 371 -16.72 47.41 24.90
N PHE B 372 -16.07 47.57 26.04
CA PHE B 372 -15.74 46.47 26.91
C PHE B 372 -16.73 46.40 28.08
N GLU B 373 -16.43 45.54 29.05
CA GLU B 373 -17.22 45.48 30.26
C GLU B 373 -17.03 46.75 31.08
N ASN B 374 -17.99 47.02 31.96
CA ASN B 374 -18.04 48.18 32.88
C ASN B 374 -17.74 49.50 32.17
N ARG B 375 -18.28 49.63 30.96
CA ARG B 375 -18.23 50.87 30.17
C ARG B 375 -16.79 51.33 29.91
N GLN B 376 -16.05 50.51 29.18
CA GLN B 376 -14.72 50.84 28.70
C GLN B 376 -14.78 50.95 27.18
N VAL B 377 -14.46 52.12 26.65
CA VAL B 377 -14.52 52.40 25.22
C VAL B 377 -13.12 52.66 24.72
N VAL B 378 -12.73 51.97 23.65
CA VAL B 378 -11.38 52.04 23.11
C VAL B 378 -11.46 52.37 21.62
N GLU B 379 -10.67 53.35 21.19
CA GLU B 379 -10.50 53.67 19.78
C GLU B 379 -9.29 52.91 19.25
N VAL B 380 -9.51 52.09 18.22
CA VAL B 380 -8.43 51.25 17.68
C VAL B 380 -7.72 52.05 16.61
N LYS B 381 -6.77 52.88 17.06
CA LYS B 381 -5.92 53.63 16.14
C LYS B 381 -4.81 52.77 15.54
N MET B 382 -4.63 51.55 16.04
CA MET B 382 -3.58 50.68 15.52
C MET B 382 -3.95 50.19 14.12
N ALA B 383 -2.94 49.71 13.42
CA ALA B 383 -3.20 49.05 12.14
C ALA B 383 -3.81 47.68 12.39
N VAL B 384 -4.81 47.34 11.59
CA VAL B 384 -5.51 46.06 11.70
C VAL B 384 -5.29 45.32 10.39
N GLU B 385 -4.56 44.22 10.44
CA GLU B 385 -4.17 43.47 9.25
C GLU B 385 -4.61 42.02 9.40
N TYR B 386 -5.74 41.67 8.79
CA TYR B 386 -6.13 40.27 8.70
C TYR B 386 -5.26 39.57 7.67
N MET B 387 -4.71 38.42 8.04
CA MET B 387 -4.04 37.54 7.10
C MET B 387 -4.44 36.10 7.37
N SER B 388 -4.26 35.26 6.37
CA SER B 388 -4.73 33.88 6.41
C SER B 388 -3.53 32.95 6.63
N PHE B 389 -3.36 32.51 7.88
CA PHE B 389 -2.45 31.43 8.21
C PHE B 389 -3.19 30.35 9.00
N SER B 390 -4.49 30.24 8.78
CA SER B 390 -5.33 29.30 9.52
C SER B 390 -5.23 27.88 9.01
N ALA B 391 -4.65 27.68 7.83
CA ALA B 391 -4.46 26.36 7.22
C ALA B 391 -5.78 25.61 7.06
N HIS B 392 -6.74 26.26 6.42
CA HIS B 392 -7.97 25.61 6.00
C HIS B 392 -7.94 25.39 4.50
N ALA B 393 -8.82 24.52 4.03
CA ALA B 393 -8.90 24.23 2.60
C ALA B 393 -9.74 25.28 1.89
N ASP B 394 -9.23 25.79 0.78
CA ASP B 394 -9.94 26.75 -0.04
C ASP B 394 -10.83 26.01 -1.03
N ALA B 395 -11.39 26.74 -2.00
CA ALA B 395 -12.30 26.11 -2.97
C ALA B 395 -11.60 25.05 -3.80
N LYS B 396 -10.36 25.33 -4.23
CA LYS B 396 -9.60 24.34 -4.99
C LYS B 396 -9.34 23.09 -4.17
N GLY B 397 -9.05 23.26 -2.87
CA GLY B 397 -8.81 22.09 -2.02
C GLY B 397 -10.05 21.26 -1.82
N ILE B 398 -11.21 21.90 -1.71
CA ILE B 398 -12.47 21.18 -1.58
C ILE B 398 -12.76 20.39 -2.86
N MET B 399 -12.59 21.02 -4.03
CA MET B 399 -12.80 20.31 -5.28
C MET B 399 -11.82 19.17 -5.47
N GLN B 400 -10.58 19.34 -5.01
CA GLN B 400 -9.60 18.28 -5.13
C GLN B 400 -9.92 17.11 -4.20
N LEU B 401 -10.43 17.38 -3.00
CA LEU B 401 -10.85 16.29 -2.12
C LEU B 401 -12.05 15.54 -2.72
N ILE B 402 -12.99 16.29 -3.30
CA ILE B 402 -14.14 15.67 -3.96
C ILE B 402 -13.68 14.74 -5.07
N GLN B 403 -12.74 15.20 -5.90
CA GLN B 403 -12.24 14.36 -6.98
C GLN B 403 -11.43 13.18 -6.45
N ASN B 404 -10.71 13.36 -5.35
CA ASN B 404 -9.83 12.30 -4.85
C ASN B 404 -10.63 11.14 -4.27
N CYS B 405 -11.62 11.44 -3.43
CA CYS B 405 -12.30 10.34 -2.76
C CYS B 405 -13.53 9.82 -3.52
N GLU B 406 -14.09 10.62 -4.42
CA GLU B 406 -15.23 10.28 -5.27
C GLU B 406 -16.47 9.85 -4.49
N PRO B 407 -17.12 10.74 -3.78
CA PRO B 407 -18.33 10.35 -3.05
C PRO B 407 -19.57 10.41 -3.93
N LYS B 408 -20.66 9.86 -3.42
CA LYS B 408 -21.94 9.94 -4.10
C LYS B 408 -22.72 11.18 -3.71
N ASN B 409 -22.50 11.69 -2.50
CA ASN B 409 -23.12 12.91 -2.02
C ASN B 409 -22.06 13.76 -1.32
N VAL B 410 -22.35 15.05 -1.19
CA VAL B 410 -21.47 15.99 -0.50
C VAL B 410 -22.30 16.73 0.54
N MET B 411 -21.66 17.14 1.63
CA MET B 411 -22.31 17.93 2.65
C MET B 411 -21.34 18.96 3.19
N LEU B 412 -21.83 20.17 3.45
CA LEU B 412 -21.02 21.29 3.90
C LEU B 412 -21.52 21.74 5.27
N VAL B 413 -20.58 21.91 6.21
CA VAL B 413 -20.94 22.27 7.59
C VAL B 413 -20.21 23.50 8.13
N HIS B 414 -18.89 23.52 8.09
CA HIS B 414 -18.08 24.47 8.84
C HIS B 414 -17.81 25.69 7.97
N GLY B 415 -18.80 26.57 7.89
CA GLY B 415 -18.67 27.72 7.00
C GLY B 415 -19.90 28.60 7.04
N GLU B 416 -19.93 29.56 6.12
CA GLU B 416 -20.99 30.56 6.04
C GLU B 416 -21.90 30.26 4.85
N ALA B 417 -23.18 30.61 4.99
CA ALA B 417 -24.23 30.08 4.11
C ALA B 417 -24.05 30.49 2.65
N GLY B 418 -23.70 31.74 2.40
CA GLY B 418 -23.55 32.19 1.01
C GLY B 418 -22.40 31.52 0.29
N LYS B 419 -21.29 31.31 1.00
CA LYS B 419 -20.16 30.58 0.43
C LYS B 419 -20.53 29.13 0.16
N MET B 420 -21.33 28.52 1.05
CA MET B 420 -21.84 27.19 0.78
C MET B 420 -22.71 27.16 -0.48
N LYS B 421 -23.56 28.15 -0.67
CA LYS B 421 -24.41 28.17 -1.86
C LYS B 421 -23.58 28.31 -3.13
N PHE B 422 -22.57 29.18 -3.11
CA PHE B 422 -21.70 29.33 -4.28
C PHE B 422 -20.97 28.02 -4.58
N LEU B 423 -20.42 27.39 -3.55
CA LEU B 423 -19.68 26.15 -3.78
C LEU B 423 -20.60 25.02 -4.18
N ARG B 424 -21.86 25.03 -3.73
CA ARG B 424 -22.82 24.01 -4.16
C ARG B 424 -23.16 24.18 -5.63
N SER B 425 -23.32 25.42 -6.09
CA SER B 425 -23.53 25.64 -7.52
C SER B 425 -22.34 25.15 -8.34
N LYS B 426 -21.12 25.45 -7.87
CA LYS B 426 -19.93 24.98 -8.58
C LYS B 426 -19.84 23.45 -8.56
N ILE B 427 -20.20 22.83 -7.44
CA ILE B 427 -20.14 21.37 -7.32
C ILE B 427 -21.11 20.71 -8.28
N LYS B 428 -22.34 21.23 -8.34
CA LYS B 428 -23.31 20.68 -9.29
C LYS B 428 -22.86 20.88 -10.72
N ASP B 429 -22.25 22.03 -11.01
CA ASP B 429 -21.80 22.30 -12.38
C ASP B 429 -20.63 21.41 -12.79
N GLU B 430 -19.73 21.08 -11.85
CA GLU B 430 -18.51 20.37 -12.20
C GLU B 430 -18.62 18.86 -12.05
N PHE B 431 -19.22 18.37 -10.96
CA PHE B 431 -19.26 16.94 -10.67
C PHE B 431 -20.64 16.32 -10.82
N ASN B 432 -21.69 17.12 -11.01
CA ASN B 432 -23.07 16.65 -11.09
C ASN B 432 -23.47 15.87 -9.84
N LEU B 433 -23.05 16.37 -8.68
CA LEU B 433 -23.32 15.76 -7.40
C LEU B 433 -24.34 16.60 -6.62
N GLU B 434 -25.02 15.94 -5.69
CA GLU B 434 -25.96 16.63 -4.80
C GLU B 434 -25.25 17.02 -3.51
N THR B 435 -25.23 18.31 -3.22
CA THR B 435 -24.59 18.85 -2.03
C THR B 435 -25.65 19.36 -1.08
N TYR B 436 -25.56 18.94 0.17
CA TYR B 436 -26.50 19.35 1.21
C TYR B 436 -25.83 20.33 2.17
N MET B 437 -26.66 21.07 2.89
CA MET B 437 -26.19 22.04 3.87
C MET B 437 -27.24 22.27 4.97
N PRO B 438 -27.47 21.28 5.83
CA PRO B 438 -28.50 21.43 6.85
C PRO B 438 -28.11 22.49 7.88
N ALA B 439 -29.12 23.19 8.37
CA ALA B 439 -28.91 24.18 9.42
C ALA B 439 -28.84 23.48 10.78
N ASN B 440 -28.57 24.25 11.82
CA ASN B 440 -28.42 23.69 13.15
C ASN B 440 -29.76 23.16 13.66
N GLY B 441 -29.77 21.91 14.10
CA GLY B 441 -30.95 21.31 14.68
C GLY B 441 -31.81 20.51 13.72
N GLU B 442 -31.66 20.70 12.42
CA GLU B 442 -32.50 20.00 11.44
C GLU B 442 -31.73 18.85 10.80
N THR B 443 -32.44 17.76 10.56
CA THR B 443 -31.84 16.52 10.08
C THR B 443 -31.87 16.47 8.56
N CYS B 444 -30.79 15.96 7.97
CA CYS B 444 -30.78 15.58 6.56
C CYS B 444 -30.75 14.06 6.47
N VAL B 445 -31.49 13.52 5.52
CA VAL B 445 -31.60 12.07 5.31
C VAL B 445 -31.20 11.77 3.88
N ILE B 446 -30.33 10.78 3.71
CA ILE B 446 -29.79 10.41 2.41
C ILE B 446 -30.04 8.93 2.16
N SER B 447 -30.51 8.60 0.96
CA SER B 447 -30.88 7.25 0.59
C SER B 447 -29.72 6.53 -0.09
N THR B 448 -29.68 5.21 0.07
CA THR B 448 -28.61 4.36 -0.42
C THR B 448 -29.20 3.02 -0.81
N PRO B 449 -28.79 2.44 -1.96
CA PRO B 449 -29.33 1.13 -2.37
C PRO B 449 -29.01 -0.01 -1.41
N VAL B 450 -29.55 -1.21 -1.70
CA VAL B 450 -29.50 -2.32 -0.75
C VAL B 450 -28.26 -3.18 -0.96
N LYS B 451 -28.12 -3.78 -2.14
CA LYS B 451 -26.91 -4.51 -2.56
C LYS B 451 -26.64 -5.70 -1.63
N ILE B 452 -27.53 -6.68 -1.68
CA ILE B 452 -27.39 -7.93 -0.91
C ILE B 452 -26.34 -8.85 -1.53
N PRO B 453 -25.43 -9.43 -0.73
CA PRO B 453 -24.36 -10.27 -1.28
C PRO B 453 -24.69 -11.75 -1.34
N VAL B 454 -24.00 -12.44 -2.25
CA VAL B 454 -24.23 -13.85 -2.57
C VAL B 454 -22.90 -14.57 -2.57
N ASP B 455 -22.88 -15.81 -2.09
CA ASP B 455 -21.68 -16.66 -2.11
C ASP B 455 -21.76 -17.59 -3.32
N ALA B 456 -21.31 -17.11 -4.47
CA ALA B 456 -21.37 -17.89 -5.69
C ALA B 456 -20.25 -18.94 -5.72
N SER B 457 -20.40 -19.90 -6.62
CA SER B 457 -19.46 -20.99 -6.75
C SER B 457 -18.33 -20.60 -7.71
N VAL B 458 -17.10 -20.98 -7.35
CA VAL B 458 -15.94 -20.59 -8.15
C VAL B 458 -15.97 -21.28 -9.52
N SER B 459 -16.45 -22.52 -9.56
CA SER B 459 -16.52 -23.25 -10.82
C SER B 459 -17.50 -22.59 -11.79
N LEU B 460 -18.64 -22.11 -11.28
CA LEU B 460 -19.60 -21.41 -12.11
C LEU B 460 -19.00 -20.16 -12.72
N LEU B 461 -18.31 -19.36 -11.90
CA LEU B 461 -17.68 -18.14 -12.39
C LEU B 461 -16.56 -18.46 -13.37
N LYS B 462 -15.80 -19.52 -13.11
CA LYS B 462 -14.74 -19.92 -14.04
C LYS B 462 -15.31 -20.35 -15.38
N ALA B 463 -16.42 -21.08 -15.37
CA ALA B 463 -17.06 -21.48 -16.63
C ALA B 463 -17.58 -20.27 -17.38
N GLU B 464 -18.19 -19.32 -16.68
CA GLU B 464 -18.68 -18.12 -17.35
C GLU B 464 -17.54 -17.30 -17.93
N ALA B 465 -16.43 -17.18 -17.19
CA ALA B 465 -15.29 -16.44 -17.70
C ALA B 465 -14.63 -17.14 -18.88
N ARG B 466 -14.62 -18.47 -18.87
CA ARG B 466 -14.11 -19.21 -20.02
C ARG B 466 -14.99 -18.98 -21.26
N SER B 467 -16.32 -18.97 -21.06
CA SER B 467 -17.21 -18.70 -22.20
C SER B 467 -17.03 -17.27 -22.72
N TYR B 468 -16.90 -16.29 -21.82
CA TYR B 468 -16.78 -14.91 -22.28
C TYR B 468 -15.44 -14.65 -22.95
N ASN B 469 -14.36 -15.22 -22.42
CA ASN B 469 -13.01 -15.00 -22.96
C ASN B 469 -12.82 -15.86 -24.22
N ALA B 470 -13.55 -15.48 -25.26
CA ALA B 470 -13.35 -16.01 -26.60
C ALA B 470 -13.23 -14.93 -27.64
N GLN B 471 -13.62 -13.71 -27.33
CA GLN B 471 -13.46 -12.53 -28.17
C GLN B 471 -12.87 -11.42 -27.30
N PRO B 472 -12.22 -10.43 -27.92
CA PRO B 472 -11.56 -9.38 -27.14
C PRO B 472 -12.56 -8.58 -26.32
N PRO B 473 -12.13 -8.03 -25.18
CA PRO B 473 -13.10 -7.49 -24.20
C PRO B 473 -13.76 -6.20 -24.61
N ASP B 474 -14.71 -6.26 -25.53
CA ASP B 474 -15.50 -5.08 -25.86
C ASP B 474 -16.45 -4.78 -24.73
N PRO B 475 -16.44 -3.57 -24.16
CA PRO B 475 -17.37 -3.25 -23.07
C PRO B 475 -18.81 -3.02 -23.53
N LYS B 476 -19.08 -3.03 -24.83
CA LYS B 476 -20.44 -2.82 -25.32
C LYS B 476 -21.27 -4.10 -25.35
N ARG B 477 -20.63 -5.27 -25.39
CA ARG B 477 -21.37 -6.53 -25.34
C ARG B 477 -21.64 -6.92 -23.88
N ARG B 478 -22.53 -7.89 -23.72
CA ARG B 478 -23.03 -8.27 -22.41
C ARG B 478 -22.68 -9.72 -22.10
N ARG B 479 -22.70 -10.04 -20.81
CA ARG B 479 -22.47 -11.39 -20.31
C ARG B 479 -23.77 -11.91 -19.70
N LEU B 480 -23.92 -13.24 -19.69
CA LEU B 480 -25.22 -13.87 -19.48
C LEU B 480 -25.10 -15.00 -18.45
N ILE B 481 -24.54 -14.68 -17.29
CA ILE B 481 -24.45 -15.62 -16.17
C ILE B 481 -25.83 -16.18 -15.81
N HIS B 482 -25.87 -17.44 -15.39
CA HIS B 482 -27.12 -18.12 -15.07
C HIS B 482 -26.82 -19.31 -14.19
N GLY B 483 -27.67 -19.53 -13.19
CA GLY B 483 -27.46 -20.63 -12.27
C GLY B 483 -28.62 -20.78 -11.32
N VAL B 484 -28.42 -21.61 -10.31
CA VAL B 484 -29.45 -21.91 -9.31
C VAL B 484 -29.10 -21.15 -8.04
N LEU B 485 -30.07 -20.43 -7.49
CA LEU B 485 -29.88 -19.63 -6.28
C LEU B 485 -30.46 -20.42 -5.11
N VAL B 486 -29.60 -20.86 -4.21
CA VAL B 486 -29.98 -21.69 -3.07
C VAL B 486 -29.60 -21.01 -1.77
N MET B 487 -30.52 -21.03 -0.80
CA MET B 487 -30.25 -20.46 0.52
C MET B 487 -30.75 -21.41 1.60
N LYS B 488 -29.85 -21.78 2.52
CA LYS B 488 -30.23 -22.72 3.56
C LYS B 488 -30.58 -22.05 4.89
N ASP B 489 -29.59 -21.51 5.60
CA ASP B 489 -29.88 -20.89 6.89
C ASP B 489 -30.16 -19.39 6.79
N ASN B 490 -29.12 -18.61 6.53
CA ASN B 490 -29.19 -17.20 6.20
C ASN B 490 -28.17 -16.88 5.11
N ARG B 491 -27.77 -17.92 4.36
CA ARG B 491 -26.65 -17.86 3.45
C ARG B 491 -27.13 -18.18 2.05
N ILE B 492 -26.96 -17.24 1.13
CA ILE B 492 -27.42 -17.38 -0.24
C ILE B 492 -26.25 -17.87 -1.09
N MET B 493 -26.53 -18.83 -1.98
CA MET B 493 -25.48 -19.49 -2.75
C MET B 493 -25.92 -19.61 -4.20
N LEU B 494 -25.05 -19.20 -5.12
CA LEU B 494 -25.30 -19.33 -6.56
C LEU B 494 -24.55 -20.57 -7.05
N GLN B 495 -25.28 -21.66 -7.27
CA GLN B 495 -24.68 -22.93 -7.66
C GLN B 495 -25.17 -23.36 -9.04
N ASN B 496 -24.53 -24.40 -9.55
CA ASN B 496 -24.99 -25.07 -10.77
C ASN B 496 -26.18 -25.98 -10.45
N LEU B 497 -26.88 -26.40 -11.50
CA LEU B 497 -27.98 -27.34 -11.34
C LEU B 497 -27.52 -28.68 -10.77
N THR B 498 -26.47 -29.24 -11.36
CA THR B 498 -26.01 -30.57 -10.96
C THR B 498 -25.53 -30.57 -9.52
N ASP B 499 -24.74 -29.56 -9.14
CA ASP B 499 -24.20 -29.50 -7.78
C ASP B 499 -25.30 -29.31 -6.75
N ALA B 500 -26.24 -28.40 -7.02
CA ALA B 500 -27.31 -28.14 -6.06
C ALA B 500 -28.22 -29.35 -5.91
N LEU B 501 -28.57 -29.99 -7.03
CA LEU B 501 -29.42 -31.18 -6.97
C LEU B 501 -28.72 -32.34 -6.28
N LYS B 502 -27.41 -32.51 -6.53
CA LYS B 502 -26.65 -33.53 -5.83
C LYS B 502 -26.62 -33.28 -4.33
N GLU B 503 -26.42 -32.01 -3.93
CA GLU B 503 -26.36 -31.69 -2.51
C GLU B 503 -27.70 -31.94 -1.83
N ILE B 504 -28.79 -31.49 -2.45
CA ILE B 504 -30.09 -31.63 -1.80
C ILE B 504 -30.58 -33.08 -1.84
N GLY B 505 -30.14 -33.85 -2.82
CA GLY B 505 -30.56 -35.22 -2.99
C GLY B 505 -31.70 -35.41 -3.97
N ILE B 506 -32.39 -34.34 -4.35
CA ILE B 506 -33.48 -34.45 -5.31
C ILE B 506 -32.90 -34.66 -6.71
N ASN B 507 -33.55 -35.51 -7.49
CA ASN B 507 -33.13 -35.80 -8.85
C ASN B 507 -33.91 -34.89 -9.79
N ARG B 508 -33.68 -35.02 -11.10
CA ARG B 508 -34.24 -34.09 -12.07
C ARG B 508 -35.00 -34.84 -13.15
N HIS B 509 -36.17 -34.30 -13.50
CA HIS B 509 -37.00 -34.82 -14.59
C HIS B 509 -36.82 -33.93 -15.81
N VAL B 510 -36.67 -34.53 -16.98
CA VAL B 510 -36.57 -33.81 -18.23
C VAL B 510 -37.71 -34.24 -19.15
N MET B 511 -38.38 -33.27 -19.75
CA MET B 511 -39.43 -33.51 -20.73
C MET B 511 -38.87 -33.22 -22.11
N ARG B 512 -38.94 -34.21 -22.99
CA ARG B 512 -38.06 -34.27 -24.15
C ARG B 512 -38.94 -34.36 -25.39
N PHE B 513 -38.92 -33.33 -26.23
CA PHE B 513 -39.94 -33.15 -27.26
C PHE B 513 -39.34 -33.25 -28.66
N THR B 514 -39.67 -34.33 -29.36
CA THR B 514 -39.40 -34.47 -30.79
C THR B 514 -40.72 -34.55 -31.57
N SER B 515 -40.63 -34.24 -32.86
CA SER B 515 -41.80 -34.20 -33.72
C SER B 515 -41.39 -34.53 -35.15
N LYS B 516 -42.35 -35.00 -35.95
CA LYS B 516 -42.11 -35.38 -37.34
C LYS B 516 -42.68 -34.32 -38.26
N VAL B 517 -41.87 -33.84 -39.20
CA VAL B 517 -42.28 -32.89 -40.22
C VAL B 517 -42.06 -33.53 -41.58
N LYS B 518 -43.08 -33.49 -42.43
CA LYS B 518 -43.03 -34.10 -43.75
C LYS B 518 -42.90 -33.02 -44.82
N MET B 519 -41.92 -33.19 -45.70
CA MET B 519 -41.72 -32.29 -46.82
C MET B 519 -41.48 -33.07 -48.10
N ASP B 520 -41.46 -32.35 -49.22
CA ASP B 520 -41.42 -32.96 -50.55
C ASP B 520 -40.01 -32.84 -51.13
N ASP B 521 -39.35 -33.98 -51.29
CA ASP B 521 -38.07 -34.06 -51.97
C ASP B 521 -37.91 -35.44 -52.60
N SER B 522 -37.05 -35.50 -53.62
CA SER B 522 -36.73 -36.76 -54.29
C SER B 522 -35.29 -37.19 -54.12
N GLY B 523 -34.39 -36.29 -53.74
CA GLY B 523 -32.99 -36.64 -53.56
C GLY B 523 -32.73 -37.27 -52.22
N PRO B 524 -31.45 -37.53 -51.95
CA PRO B 524 -31.08 -38.13 -50.66
C PRO B 524 -31.36 -37.19 -49.50
N VAL B 525 -31.56 -37.78 -48.31
CA VAL B 525 -31.87 -37.01 -47.12
C VAL B 525 -30.68 -36.18 -46.66
N ILE B 526 -29.46 -36.49 -47.13
CA ILE B 526 -28.30 -35.71 -46.76
C ILE B 526 -28.37 -34.32 -47.40
N ARG B 527 -28.84 -34.25 -48.65
CA ARG B 527 -29.09 -32.97 -49.29
C ARG B 527 -30.15 -32.18 -48.53
N THR B 528 -31.20 -32.87 -48.05
CA THR B 528 -32.23 -32.21 -47.26
C THR B 528 -31.65 -31.63 -45.97
N SER B 529 -30.78 -32.39 -45.30
CA SER B 529 -30.15 -31.91 -44.07
C SER B 529 -29.25 -30.70 -44.33
N GLU B 530 -28.48 -30.74 -45.43
CA GLU B 530 -27.62 -29.61 -45.76
C GLU B 530 -28.45 -28.37 -46.12
N ARG B 531 -29.55 -28.57 -46.86
CA ARG B 531 -30.44 -27.45 -47.17
C ARG B 531 -31.04 -26.86 -45.91
N LEU B 532 -31.45 -27.72 -44.97
CA LEU B 532 -31.97 -27.24 -43.69
C LEU B 532 -30.91 -26.46 -42.93
N LYS B 533 -29.68 -26.96 -42.91
CA LYS B 533 -28.60 -26.24 -42.21
C LYS B 533 -28.37 -24.87 -42.82
N THR B 534 -28.34 -24.79 -44.16
CA THR B 534 -28.15 -23.51 -44.83
C THR B 534 -29.30 -22.54 -44.51
N LEU B 535 -30.53 -23.04 -44.56
CA LEU B 535 -31.69 -22.17 -44.31
C LEU B 535 -31.72 -21.69 -42.86
N LEU B 536 -31.43 -22.57 -41.90
CA LEU B 536 -31.42 -22.17 -40.50
C LEU B 536 -30.30 -21.18 -40.22
N GLU B 537 -29.12 -21.39 -40.80
CA GLU B 537 -28.03 -20.45 -40.61
C GLU B 537 -28.34 -19.10 -41.24
N GLU B 538 -29.06 -19.08 -42.36
CA GLU B 538 -29.39 -17.82 -42.99
C GLU B 538 -30.48 -17.08 -42.23
N LYS B 539 -31.47 -17.80 -41.68
CA LYS B 539 -32.60 -17.14 -41.05
C LYS B 539 -32.34 -16.78 -39.60
N LEU B 540 -31.64 -17.62 -38.84
CA LEU B 540 -31.31 -17.29 -37.45
C LEU B 540 -30.09 -16.39 -37.37
N ALA B 541 -28.94 -16.90 -37.83
CA ALA B 541 -27.66 -16.19 -37.88
C ALA B 541 -27.20 -15.69 -36.52
N GLY B 542 -27.64 -16.32 -35.43
CA GLY B 542 -27.23 -15.92 -34.11
C GLY B 542 -27.07 -17.08 -33.13
N TRP B 543 -27.16 -18.30 -33.65
CA TRP B 543 -27.08 -19.50 -32.84
C TRP B 543 -26.08 -20.47 -33.45
N THR B 544 -25.44 -21.25 -32.59
CA THR B 544 -24.45 -22.23 -33.04
C THR B 544 -25.17 -23.47 -33.57
N VAL B 545 -24.95 -23.77 -34.85
CA VAL B 545 -25.56 -24.93 -35.51
C VAL B 545 -24.43 -25.86 -35.94
N THR B 546 -24.47 -27.09 -35.45
CA THR B 546 -23.44 -28.09 -35.74
C THR B 546 -24.08 -29.29 -36.43
N MET B 547 -23.50 -29.68 -37.57
CA MET B 547 -23.95 -30.86 -38.30
C MET B 547 -23.11 -32.05 -37.84
N GLN B 548 -23.61 -32.82 -36.89
CA GLN B 548 -22.95 -34.04 -36.47
C GLN B 548 -22.98 -35.06 -37.61
N GLU B 549 -21.83 -35.71 -37.82
CA GLU B 549 -21.55 -36.53 -39.00
C GLU B 549 -22.43 -37.77 -39.12
N ASN B 550 -23.27 -38.01 -38.12
CA ASN B 550 -24.33 -38.99 -38.22
C ASN B 550 -25.52 -38.49 -39.03
N GLY B 551 -25.36 -37.38 -39.75
CA GLY B 551 -26.46 -36.72 -40.42
C GLY B 551 -27.46 -36.13 -39.46
N SER B 552 -26.99 -35.56 -38.35
CA SER B 552 -27.88 -35.05 -37.31
C SER B 552 -27.57 -33.59 -37.03
N ILE B 553 -28.57 -32.74 -37.12
CA ILE B 553 -28.38 -31.31 -36.89
C ILE B 553 -28.48 -31.04 -35.40
N ALA B 554 -27.77 -30.01 -34.92
CA ALA B 554 -27.88 -29.63 -33.52
C ALA B 554 -27.79 -28.12 -33.37
N ILE B 555 -28.72 -27.55 -32.60
CA ILE B 555 -28.64 -26.17 -32.13
C ILE B 555 -28.76 -26.17 -30.61
N GLU B 556 -27.63 -26.36 -29.92
CA GLU B 556 -27.37 -26.03 -28.53
C GLU B 556 -28.23 -26.76 -27.50
N SER B 557 -29.39 -27.21 -27.92
CA SER B 557 -30.15 -28.23 -27.21
C SER B 557 -31.01 -29.04 -28.16
N VAL B 558 -30.97 -28.77 -29.47
CA VAL B 558 -31.88 -29.35 -30.45
C VAL B 558 -31.09 -30.30 -31.32
N GLU B 559 -31.60 -31.51 -31.51
CA GLU B 559 -31.07 -32.39 -32.55
C GLU B 559 -32.17 -32.80 -33.53
N VAL B 560 -31.79 -32.86 -34.80
CA VAL B 560 -32.70 -33.09 -35.91
C VAL B 560 -32.20 -34.31 -36.66
N LYS B 561 -33.09 -35.29 -36.84
CA LYS B 561 -32.74 -36.59 -37.41
C LYS B 561 -33.67 -36.98 -38.55
N VAL B 562 -33.50 -38.21 -39.07
CA VAL B 562 -34.33 -38.74 -40.15
C VAL B 562 -34.77 -40.15 -39.77
N GLU B 563 -36.07 -40.42 -39.91
CA GLU B 563 -36.62 -41.75 -39.63
C GLU B 563 -36.68 -42.60 -40.88
N GLU B 564 -36.47 -43.90 -40.68
CA GLU B 564 -36.81 -44.97 -41.62
C GLU B 564 -36.07 -44.88 -42.96
N ASP B 565 -35.10 -43.98 -43.09
CA ASP B 565 -34.34 -43.73 -44.31
C ASP B 565 -35.22 -43.36 -45.50
N GLU B 566 -36.46 -42.94 -45.25
CA GLU B 566 -37.40 -42.47 -46.28
C GLU B 566 -37.62 -43.52 -47.37
N LYS B 567 -38.29 -44.61 -46.97
CA LYS B 567 -38.58 -45.70 -47.88
C LYS B 567 -39.32 -45.21 -49.13
N ASP B 568 -40.35 -44.40 -48.94
CA ASP B 568 -41.07 -43.83 -50.07
C ASP B 568 -40.30 -42.64 -50.61
N PRO B 569 -39.90 -42.65 -51.88
CA PRO B 569 -39.22 -41.48 -52.45
C PRO B 569 -40.15 -40.30 -52.59
N LYS B 570 -39.54 -39.12 -52.71
CA LYS B 570 -40.17 -37.79 -52.77
C LYS B 570 -40.75 -37.35 -51.42
N GLN B 571 -40.71 -38.21 -50.41
CA GLN B 571 -41.22 -37.88 -49.08
C GLN B 571 -40.06 -37.82 -48.10
N LYS B 572 -40.00 -36.76 -47.30
CA LYS B 572 -38.99 -36.61 -46.26
C LYS B 572 -39.67 -36.44 -44.92
N ASN B 573 -39.34 -37.32 -43.97
CA ASN B 573 -39.79 -37.22 -42.60
C ASN B 573 -38.61 -36.80 -41.74
N ILE B 574 -38.76 -35.69 -41.03
CA ILE B 574 -37.68 -35.02 -40.33
C ILE B 574 -38.04 -34.96 -38.85
N LEU B 575 -37.12 -35.40 -38.00
CA LEU B 575 -37.30 -35.34 -36.55
C LEU B 575 -36.70 -34.06 -36.01
N ILE B 576 -37.54 -33.22 -35.39
CA ILE B 576 -37.11 -32.00 -34.72
C ILE B 576 -37.23 -32.27 -33.23
N SER B 577 -36.11 -32.28 -32.52
CA SER B 577 -36.07 -32.77 -31.15
C SER B 577 -35.47 -31.71 -30.24
N TRP B 578 -36.27 -31.24 -29.27
CA TRP B 578 -35.87 -30.15 -28.39
C TRP B 578 -36.44 -30.39 -27.00
N THR B 579 -35.78 -29.80 -26.00
CA THR B 579 -36.24 -29.90 -24.63
C THR B 579 -37.13 -28.72 -24.27
N ASN B 580 -37.71 -28.79 -23.07
CA ASN B 580 -38.51 -27.69 -22.55
C ASN B 580 -37.63 -26.46 -22.31
N GLN B 581 -36.39 -26.66 -21.84
CA GLN B 581 -35.54 -25.57 -21.41
C GLN B 581 -35.21 -24.58 -22.52
N ASP B 582 -35.34 -24.99 -23.77
CA ASP B 582 -35.11 -24.13 -24.92
C ASP B 582 -36.34 -24.10 -25.83
N GLU B 583 -37.52 -24.14 -25.20
CA GLU B 583 -38.77 -24.43 -25.91
C GLU B 583 -39.02 -23.44 -27.04
N ASP B 584 -38.72 -22.15 -26.81
CA ASP B 584 -38.88 -21.14 -27.85
C ASP B 584 -38.09 -21.50 -29.10
N ILE B 585 -36.79 -21.80 -28.94
CA ILE B 585 -35.98 -22.12 -30.11
C ILE B 585 -36.26 -23.54 -30.58
N GLY B 586 -37.12 -24.28 -29.88
CA GLY B 586 -37.58 -25.56 -30.37
C GLY B 586 -38.95 -25.47 -31.02
N ALA B 587 -39.61 -24.32 -30.90
CA ALA B 587 -40.96 -24.17 -31.42
C ALA B 587 -41.03 -23.21 -32.60
N TYR B 588 -40.57 -21.96 -32.40
CA TYR B 588 -40.72 -20.93 -33.42
C TYR B 588 -40.07 -21.33 -34.74
N ILE B 589 -38.87 -21.92 -34.66
CA ILE B 589 -38.16 -22.31 -35.88
C ILE B 589 -38.94 -23.38 -36.64
N LEU B 590 -39.66 -24.25 -35.92
CA LEU B 590 -40.50 -25.23 -36.60
C LEU B 590 -41.60 -24.54 -37.40
N ASN B 591 -42.15 -23.44 -36.85
CA ASN B 591 -43.11 -22.64 -37.59
C ASN B 591 -42.49 -22.10 -38.88
N VAL B 592 -41.20 -21.79 -38.85
CA VAL B 592 -40.50 -21.36 -40.07
C VAL B 592 -40.58 -22.45 -41.11
N LEU B 593 -40.37 -23.71 -40.69
CA LEU B 593 -40.60 -24.85 -41.58
C LEU B 593 -42.02 -24.83 -42.13
N GLN B 594 -43.01 -24.61 -41.26
CA GLN B 594 -44.39 -24.55 -41.68
C GLN B 594 -44.69 -23.28 -42.49
N ASN B 595 -43.78 -22.32 -42.52
CA ASN B 595 -43.89 -21.16 -43.38
C ASN B 595 -43.13 -21.32 -44.69
N MET B 596 -42.47 -22.45 -44.91
CA MET B 596 -41.70 -22.66 -46.12
C MET B 596 -42.11 -23.91 -46.89
N CYS B 597 -42.53 -24.97 -46.22
CA CYS B 597 -42.94 -26.20 -46.90
C CYS B 597 -44.24 -26.01 -47.66
N MET C 1 -2.78 -23.87 -3.03
CA MET C 1 -1.68 -22.93 -2.94
C MET C 1 -0.36 -23.67 -2.73
N ARG C 2 0.73 -23.10 -3.24
CA ARG C 2 2.05 -23.66 -3.02
C ARG C 2 2.74 -22.94 -1.87
N LEU C 3 3.81 -23.53 -1.40
CA LEU C 3 4.73 -22.86 -0.47
C LEU C 3 6.14 -23.20 -0.91
N TYR C 4 6.81 -22.23 -1.51
CA TYR C 4 8.20 -22.31 -1.91
C TYR C 4 9.04 -21.94 -0.69
N CYS C 5 9.95 -22.82 -0.31
CA CYS C 5 10.89 -22.55 0.76
C CYS C 5 12.23 -22.18 0.13
N LEU C 6 12.74 -21.00 0.48
CA LEU C 6 13.93 -20.46 -0.17
C LEU C 6 15.10 -20.29 0.80
N SER C 7 14.95 -20.74 2.04
CA SER C 7 15.92 -20.44 3.09
C SER C 7 16.23 -21.70 3.89
N GLY C 8 17.50 -22.07 3.93
CA GLY C 8 17.96 -23.17 4.76
C GLY C 8 18.38 -22.79 6.15
N ASP C 9 18.28 -21.51 6.50
CA ASP C 9 18.61 -21.03 7.83
C ASP C 9 17.31 -20.84 8.60
N LEU C 10 17.21 -21.50 9.75
CA LEU C 10 15.98 -21.46 10.53
C LEU C 10 15.72 -20.08 11.11
N ALA C 11 16.78 -19.33 11.45
CA ALA C 11 16.61 -18.03 12.07
C ALA C 11 16.15 -16.97 11.07
N LYS C 12 16.52 -17.12 9.79
CA LYS C 12 16.24 -16.11 8.77
C LYS C 12 15.37 -16.72 7.68
N PRO C 13 14.05 -16.54 7.74
CA PRO C 13 13.18 -17.15 6.75
C PRO C 13 13.27 -16.47 5.39
N CYS C 14 12.70 -17.15 4.40
CA CYS C 14 12.23 -16.51 3.17
C CYS C 14 11.29 -17.50 2.49
N TYR C 15 10.00 -17.18 2.44
CA TYR C 15 9.06 -18.10 1.80
C TYR C 15 8.32 -17.37 0.69
N ILE C 16 7.79 -18.15 -0.25
CA ILE C 16 6.91 -17.61 -1.27
C ILE C 16 5.63 -18.43 -1.25
N ILE C 17 4.48 -17.75 -1.23
CA ILE C 17 3.21 -18.43 -1.34
C ILE C 17 2.46 -17.87 -2.54
N THR C 18 1.67 -18.74 -3.18
CA THR C 18 0.83 -18.31 -4.33
C THR C 18 -0.62 -18.37 -3.87
N PHE C 19 -1.28 -17.23 -3.66
CA PHE C 19 -2.67 -17.32 -3.11
C PHE C 19 -3.73 -17.23 -4.22
N LYS C 20 -3.61 -16.28 -5.15
CA LYS C 20 -4.64 -16.09 -6.20
C LYS C 20 -3.96 -15.46 -7.41
N GLY C 21 -3.29 -16.27 -8.24
CA GLY C 21 -2.51 -15.73 -9.32
C GLY C 21 -1.44 -14.78 -8.88
N LEU C 22 -1.24 -14.63 -7.57
CA LEU C 22 -0.27 -13.73 -7.00
C LEU C 22 0.78 -14.52 -6.23
N ARG C 23 2.04 -14.12 -6.39
CA ARG C 23 3.17 -14.67 -5.66
C ARG C 23 3.59 -13.65 -4.60
N ILE C 24 3.54 -14.05 -3.34
CA ILE C 24 3.83 -13.17 -2.21
C ILE C 24 5.04 -13.71 -1.50
N MET C 25 6.07 -12.89 -1.36
CA MET C 25 7.25 -13.23 -0.58
C MET C 25 7.02 -12.85 0.88
N LEU C 26 7.43 -13.73 1.78
CA LEU C 26 7.32 -13.53 3.22
C LEU C 26 8.71 -13.49 3.81
N ASP C 27 9.10 -12.32 4.32
CA ASP C 27 10.32 -12.09 5.09
C ASP C 27 11.62 -12.42 4.40
N CYS C 28 12.04 -11.61 3.44
CA CYS C 28 13.33 -11.81 2.79
C CYS C 28 14.46 -11.46 3.76
N GLY C 29 15.07 -12.49 4.36
CA GLY C 29 16.10 -12.28 5.36
C GLY C 29 17.50 -12.67 4.94
N LEU C 30 18.51 -12.14 5.63
CA LEU C 30 19.92 -12.36 5.31
C LEU C 30 20.55 -13.30 6.33
N THR C 31 21.15 -14.38 5.84
CA THR C 31 21.96 -15.26 6.69
C THR C 31 23.29 -14.61 6.96
N GLU C 32 23.43 -13.98 8.12
CA GLU C 32 24.68 -13.34 8.50
C GLU C 32 25.66 -14.30 9.15
N GLN C 33 25.26 -15.53 9.43
CA GLN C 33 26.12 -16.46 10.16
C GLN C 33 27.25 -17.01 9.32
N THR C 34 27.25 -16.78 8.01
CA THR C 34 28.35 -17.26 7.17
C THR C 34 29.57 -16.36 7.23
N VAL C 35 29.50 -15.23 7.93
CA VAL C 35 30.67 -14.36 8.01
C VAL C 35 31.69 -14.90 9.01
N LEU C 36 31.31 -15.85 9.85
CA LEU C 36 32.21 -16.39 10.84
C LEU C 36 33.24 -17.34 10.25
N ASN C 37 33.12 -17.68 8.97
CA ASN C 37 34.12 -18.49 8.29
C ASN C 37 35.32 -17.67 7.84
N PHE C 38 35.20 -16.35 7.81
CA PHE C 38 36.24 -15.47 7.32
C PHE C 38 37.00 -14.87 8.49
N LEU C 39 38.04 -14.12 8.18
CA LEU C 39 38.87 -13.50 9.21
C LEU C 39 38.32 -12.14 9.59
N PRO C 40 38.71 -11.60 10.75
CA PRO C 40 38.23 -10.27 11.13
C PRO C 40 38.78 -9.16 10.25
N LEU C 41 37.99 -8.09 10.13
CA LEU C 41 38.29 -6.91 9.32
C LEU C 41 38.56 -5.72 10.23
N PRO C 42 39.80 -5.49 10.63
CA PRO C 42 40.07 -4.35 11.52
C PRO C 42 40.25 -3.06 10.76
N PHE C 43 40.19 -1.95 11.49
CA PHE C 43 40.27 -0.62 10.90
C PHE C 43 41.68 -0.33 10.41
N VAL C 44 42.62 -0.24 11.36
CA VAL C 44 44.04 -0.17 11.07
C VAL C 44 44.73 -1.09 12.07
N GLN C 45 45.55 -2.00 11.58
CA GLN C 45 45.92 -3.13 12.42
C GLN C 45 47.32 -3.61 12.11
N SER C 46 47.94 -4.22 13.12
CA SER C 46 49.33 -4.67 13.08
C SER C 46 49.46 -5.98 12.31
N LEU C 47 50.58 -6.67 12.50
CA LEU C 47 50.88 -7.88 11.75
C LEU C 47 50.31 -9.14 12.39
N LYS C 48 49.24 -9.03 13.19
CA LYS C 48 48.63 -10.23 13.76
C LYS C 48 47.90 -11.03 12.69
N TRP C 49 47.09 -10.36 11.86
CA TRP C 49 46.41 -11.06 10.78
C TRP C 49 47.28 -11.20 9.55
N SER C 50 48.38 -10.45 9.48
CA SER C 50 49.44 -10.78 8.56
C SER C 50 50.28 -11.91 9.14
N ASN C 51 51.15 -12.48 8.30
CA ASN C 51 52.11 -13.54 8.66
C ASN C 51 51.46 -14.72 9.38
N LEU C 52 50.16 -14.92 9.20
CA LEU C 52 49.51 -16.13 9.68
C LEU C 52 49.98 -17.32 8.83
N PRO C 53 50.12 -18.50 9.43
CA PRO C 53 50.54 -19.67 8.65
C PRO C 53 49.49 -20.06 7.62
N ASN C 54 49.97 -20.55 6.49
CA ASN C 54 49.08 -21.08 5.47
C ASN C 54 48.56 -22.44 5.89
N PHE C 55 47.47 -22.86 5.24
CA PHE C 55 46.90 -24.17 5.46
C PHE C 55 47.07 -25.01 4.19
N VAL C 56 47.66 -26.18 4.34
CA VAL C 56 47.79 -27.17 3.28
C VAL C 56 47.05 -28.43 3.70
N PRO C 57 46.01 -28.86 2.97
CA PRO C 57 45.12 -29.92 3.43
C PRO C 57 45.59 -31.36 3.16
N SER C 58 46.87 -31.61 3.41
CA SER C 58 47.45 -32.95 3.52
C SER C 58 47.31 -33.82 2.27
N ARG C 59 46.94 -33.23 1.14
CA ARG C 59 46.74 -33.99 -0.11
C ARG C 59 47.29 -33.14 -1.24
N ASP C 60 46.88 -33.44 -2.47
CA ASP C 60 47.26 -32.64 -3.61
C ASP C 60 46.84 -31.18 -3.41
N HIS C 61 47.78 -30.26 -3.62
CA HIS C 61 47.54 -28.84 -3.41
C HIS C 61 47.54 -28.12 -4.75
N ASP C 62 47.39 -26.80 -4.68
CA ASP C 62 47.45 -25.93 -5.83
C ASP C 62 48.32 -24.73 -5.51
N PRO C 63 49.00 -24.16 -6.51
CA PRO C 63 49.72 -22.91 -6.29
C PRO C 63 48.81 -21.74 -5.97
N GLN C 64 47.52 -21.84 -6.28
CA GLN C 64 46.58 -20.73 -6.10
C GLN C 64 45.83 -20.78 -4.79
N MET C 65 45.43 -21.97 -4.32
CA MET C 65 44.65 -22.03 -3.09
C MET C 65 45.48 -21.71 -1.86
N ASP C 66 46.80 -21.85 -1.93
CA ASP C 66 47.65 -21.45 -0.81
C ASP C 66 47.57 -19.95 -0.60
N GLY C 67 47.38 -19.53 0.65
CA GLY C 67 47.13 -18.16 1.01
C GLY C 67 45.67 -17.81 1.17
N GLU C 68 44.77 -18.61 0.60
CA GLU C 68 43.35 -18.37 0.80
C GLU C 68 42.88 -18.82 2.17
N LEU C 69 43.46 -19.90 2.70
CA LEU C 69 43.07 -20.44 3.99
C LEU C 69 44.25 -20.36 4.95
N LYS C 70 44.02 -19.79 6.12
CA LYS C 70 45.05 -19.65 7.13
C LYS C 70 44.50 -20.13 8.48
N ASP C 71 45.38 -20.67 9.31
CA ASP C 71 44.93 -21.21 10.59
C ASP C 71 45.24 -20.25 11.73
N CYS C 72 44.41 -20.33 12.76
CA CYS C 72 44.50 -19.47 13.94
C CYS C 72 44.75 -20.34 15.16
N CYS C 73 45.71 -21.25 15.03
CA CYS C 73 46.30 -22.17 16.00
C CYS C 73 45.38 -23.34 16.35
N GLY C 74 44.11 -23.33 15.97
CA GLY C 74 43.33 -24.56 16.01
C GLY C 74 42.39 -24.74 14.85
N ARG C 75 42.14 -23.67 14.10
CA ARG C 75 41.02 -23.58 13.19
C ARG C 75 41.44 -22.87 11.92
N VAL C 76 40.64 -23.02 10.87
CA VAL C 76 40.98 -22.54 9.54
C VAL C 76 39.99 -21.47 9.11
N PHE C 77 40.50 -20.40 8.50
CA PHE C 77 39.72 -19.22 8.17
C PHE C 77 40.10 -18.71 6.79
N VAL C 78 39.11 -18.15 6.10
CA VAL C 78 39.26 -17.67 4.73
C VAL C 78 39.63 -16.19 4.77
N ASP C 79 40.68 -15.81 4.05
CA ASP C 79 41.15 -14.43 4.04
C ASP C 79 40.46 -13.67 2.91
N SER C 80 39.24 -13.21 3.19
CA SER C 80 38.42 -12.53 2.18
C SER C 80 37.31 -11.77 2.88
N THR C 81 36.59 -10.97 2.09
CA THR C 81 35.45 -10.21 2.58
C THR C 81 34.32 -11.15 2.99
N PRO C 82 33.43 -10.70 3.90
CA PRO C 82 32.53 -11.64 4.59
C PRO C 82 31.63 -12.53 3.72
N GLU C 83 31.13 -12.08 2.57
CA GLU C 83 30.30 -12.93 1.69
C GLU C 83 29.09 -13.57 2.35
N PHE C 84 28.02 -12.78 2.56
CA PHE C 84 26.79 -13.24 3.16
C PHE C 84 26.05 -14.24 2.27
N ASN C 85 25.10 -14.96 2.87
CA ASN C 85 24.26 -15.93 2.19
C ASN C 85 22.81 -15.44 2.19
N LEU C 86 22.06 -15.85 1.16
CA LEU C 86 20.80 -15.21 0.83
C LEU C 86 19.80 -16.25 0.29
N PRO C 87 18.54 -15.89 0.04
CA PRO C 87 17.60 -16.86 -0.57
C PRO C 87 18.02 -17.29 -1.96
N MET C 88 17.62 -18.52 -2.32
CA MET C 88 17.86 -19.03 -3.66
C MET C 88 17.07 -18.23 -4.69
N ASP C 89 17.71 -17.95 -5.82
CA ASP C 89 17.18 -17.04 -6.82
C ASP C 89 16.53 -17.74 -8.01
N LYS C 90 16.52 -19.07 -8.06
CA LYS C 90 16.06 -19.78 -9.25
C LYS C 90 14.93 -20.76 -8.99
N MET C 91 14.42 -20.85 -7.77
CA MET C 91 13.13 -21.50 -7.57
C MET C 91 12.00 -20.62 -8.08
N LEU C 92 12.21 -19.31 -8.08
CA LEU C 92 11.33 -18.32 -8.66
C LEU C 92 12.18 -17.09 -8.95
N ASP C 93 11.74 -16.28 -9.90
CA ASP C 93 12.63 -15.35 -10.58
C ASP C 93 12.66 -13.95 -9.98
N PHE C 94 11.97 -13.72 -8.87
CA PHE C 94 11.96 -12.45 -8.11
C PHE C 94 11.25 -11.34 -8.88
N SER C 95 10.93 -11.57 -10.15
CA SER C 95 10.07 -10.68 -10.91
C SER C 95 8.68 -11.25 -11.08
N GLU C 96 8.52 -12.55 -10.87
CA GLU C 96 7.21 -13.14 -10.70
C GLU C 96 6.55 -12.63 -9.42
N VAL C 97 7.36 -12.33 -8.40
CA VAL C 97 6.84 -11.88 -7.11
C VAL C 97 6.14 -10.54 -7.29
N ASP C 98 4.95 -10.43 -6.72
CA ASP C 98 4.18 -9.20 -6.83
C ASP C 98 4.20 -8.37 -5.55
N VAL C 99 4.31 -9.00 -4.38
CA VAL C 99 4.25 -8.32 -3.10
C VAL C 99 5.25 -8.98 -2.16
N ILE C 100 6.00 -8.17 -1.42
CA ILE C 100 6.88 -8.65 -0.35
C ILE C 100 6.35 -8.12 0.98
N LEU C 101 6.13 -9.00 1.94
CA LEU C 101 5.67 -8.65 3.27
C LEU C 101 6.78 -8.91 4.27
N ILE C 102 7.15 -7.89 5.04
CA ILE C 102 8.27 -7.95 5.96
C ILE C 102 7.74 -7.83 7.38
N SER C 103 8.22 -8.71 8.27
CA SER C 103 7.74 -8.74 9.65
C SER C 103 8.66 -7.97 10.60
N ASN C 104 9.95 -8.33 10.65
CA ASN C 104 10.94 -7.65 11.46
C ASN C 104 11.91 -6.90 10.57
N TYR C 105 12.67 -5.98 11.17
CA TYR C 105 13.80 -5.43 10.45
C TYR C 105 14.89 -6.48 10.27
N LEU C 106 15.06 -7.38 11.25
CA LEU C 106 16.09 -8.40 11.16
C LEU C 106 15.84 -9.39 10.03
N ASN C 107 14.57 -9.64 9.70
CA ASN C 107 14.22 -10.50 8.58
C ASN C 107 14.15 -9.70 7.29
N MET C 108 14.85 -8.58 7.23
CA MET C 108 14.70 -7.62 6.15
C MET C 108 15.96 -7.39 5.34
N LEU C 109 17.12 -7.80 5.84
CA LEU C 109 18.39 -7.27 5.39
C LEU C 109 18.85 -7.79 4.04
N ALA C 110 18.09 -8.68 3.40
CA ALA C 110 18.42 -9.15 2.06
C ALA C 110 17.53 -8.55 0.99
N LEU C 111 16.77 -7.51 1.33
CA LEU C 111 15.91 -6.84 0.35
C LEU C 111 16.65 -6.20 -0.83
N PRO C 112 17.79 -5.49 -0.66
CA PRO C 112 18.47 -4.95 -1.85
C PRO C 112 18.98 -6.01 -2.80
N TYR C 113 19.18 -7.25 -2.34
CA TYR C 113 19.56 -8.32 -3.24
C TYR C 113 18.42 -8.73 -4.14
N ILE C 114 17.18 -8.57 -3.69
CA ILE C 114 16.03 -9.01 -4.45
C ILE C 114 15.49 -7.91 -5.35
N THR C 115 15.35 -6.70 -4.83
CA THR C 115 14.51 -5.71 -5.49
C THR C 115 15.22 -4.86 -6.53
N GLU C 116 16.56 -4.84 -6.56
CA GLU C 116 17.25 -3.77 -7.27
C GLU C 116 17.63 -4.11 -8.70
N ASN C 117 18.49 -5.11 -8.90
CA ASN C 117 19.01 -5.39 -10.24
C ASN C 117 18.35 -6.60 -10.87
N THR C 118 17.39 -7.20 -10.20
CA THR C 118 16.54 -8.23 -10.81
C THR C 118 15.45 -7.53 -11.61
N GLY C 119 14.44 -8.27 -12.05
CA GLY C 119 13.36 -7.66 -12.79
C GLY C 119 12.17 -7.28 -11.93
N PHE C 120 12.38 -7.18 -10.63
CA PHE C 120 11.28 -6.98 -9.68
C PHE C 120 10.59 -5.64 -9.91
N LYS C 121 9.25 -5.68 -9.89
CA LYS C 121 8.45 -4.48 -10.15
C LYS C 121 7.30 -4.30 -9.17
N GLY C 122 7.20 -5.11 -8.13
CA GLY C 122 6.08 -5.08 -7.21
C GLY C 122 6.27 -4.11 -6.07
N LYS C 123 5.43 -4.28 -5.05
CA LYS C 123 5.42 -3.43 -3.87
C LYS C 123 6.08 -4.15 -2.69
N VAL C 124 6.57 -3.35 -1.74
CA VAL C 124 7.13 -3.85 -0.49
C VAL C 124 6.36 -3.21 0.65
N TYR C 125 5.93 -4.02 1.61
CA TYR C 125 5.06 -3.57 2.69
C TYR C 125 5.69 -3.89 4.03
N ALA C 126 5.74 -2.90 4.91
CA ALA C 126 6.27 -3.05 6.26
C ALA C 126 5.72 -1.93 7.11
N THR C 127 5.92 -2.05 8.42
CA THR C 127 5.55 -0.97 9.32
C THR C 127 6.63 0.11 9.30
N GLU C 128 6.30 1.26 9.87
CA GLU C 128 7.24 2.38 9.89
C GLU C 128 8.49 2.08 10.72
N PRO C 129 8.41 1.54 11.94
CA PRO C 129 9.66 1.22 12.66
C PRO C 129 10.49 0.15 12.00
N THR C 130 9.87 -0.84 11.33
CA THR C 130 10.69 -1.85 10.65
C THR C 130 11.45 -1.24 9.50
N LEU C 131 10.82 -0.36 8.72
CA LEU C 131 11.54 0.30 7.63
C LEU C 131 12.67 1.18 8.17
N GLN C 132 12.42 1.94 9.23
CA GLN C 132 13.44 2.85 9.73
C GLN C 132 14.61 2.10 10.38
N ILE C 133 14.32 1.12 11.23
CA ILE C 133 15.38 0.39 11.90
C ILE C 133 16.09 -0.55 10.93
N GLY C 134 15.39 -1.09 9.94
CA GLY C 134 16.07 -1.82 8.88
C GLY C 134 16.97 -0.94 8.05
N ARG C 135 16.57 0.31 7.84
CA ARG C 135 17.46 1.29 7.21
C ARG C 135 18.71 1.49 8.04
N PHE C 136 18.57 1.58 9.36
CA PHE C 136 19.73 1.69 10.24
C PHE C 136 20.66 0.48 10.09
N PHE C 137 20.09 -0.72 10.12
CA PHE C 137 20.90 -1.94 10.05
C PHE C 137 21.62 -2.06 8.70
N LEU C 138 20.92 -1.75 7.61
CA LEU C 138 21.54 -1.85 6.29
C LEU C 138 22.65 -0.82 6.13
N GLU C 139 22.39 0.41 6.57
CA GLU C 139 23.41 1.45 6.51
C GLU C 139 24.61 1.09 7.37
N GLU C 140 24.39 0.41 8.50
CA GLU C 140 25.52 0.07 9.35
C GLU C 140 26.33 -1.09 8.79
N LEU C 141 25.69 -2.09 8.16
CA LEU C 141 26.49 -3.12 7.48
C LEU C 141 27.32 -2.54 6.35
N VAL C 142 26.71 -1.68 5.52
CA VAL C 142 27.48 -1.05 4.45
C VAL C 142 28.63 -0.23 5.04
N ASP C 143 28.36 0.49 6.13
CA ASP C 143 29.37 1.33 6.76
C ASP C 143 30.53 0.51 7.30
N TYR C 144 30.24 -0.53 8.09
CA TYR C 144 31.28 -1.36 8.67
C TYR C 144 32.12 -2.06 7.61
N ILE C 145 31.49 -2.55 6.54
CA ILE C 145 32.30 -3.23 5.54
C ILE C 145 33.09 -2.22 4.71
N GLU C 146 32.60 -1.00 4.54
CA GLU C 146 33.31 -0.04 3.70
C GLU C 146 34.31 0.83 4.45
N VAL C 147 34.36 0.78 5.79
CA VAL C 147 35.31 1.61 6.52
C VAL C 147 36.74 1.17 6.23
N SER C 148 37.04 -0.11 6.40
CA SER C 148 38.37 -0.66 6.15
C SER C 148 38.24 -1.91 5.30
N PRO C 149 38.05 -1.75 3.99
CA PRO C 149 37.65 -2.89 3.16
C PRO C 149 38.82 -3.81 2.83
N LYS C 150 38.45 -5.01 2.40
CA LYS C 150 39.36 -6.00 1.83
C LYS C 150 38.90 -6.32 0.41
N ALA C 151 39.53 -7.32 -0.21
CA ALA C 151 39.24 -7.70 -1.58
C ALA C 151 38.79 -9.15 -1.64
N CYS C 152 37.82 -9.43 -2.51
CA CYS C 152 37.28 -10.77 -2.70
C CYS C 152 38.21 -11.54 -3.63
N THR C 153 39.19 -12.22 -3.05
CA THR C 153 40.22 -12.94 -3.80
C THR C 153 40.44 -14.34 -3.24
N ALA C 154 39.35 -15.03 -2.89
CA ALA C 154 39.45 -16.33 -2.24
C ALA C 154 38.40 -17.31 -2.78
N ARG C 155 38.35 -17.49 -4.10
CA ARG C 155 37.31 -18.36 -4.65
C ARG C 155 37.66 -19.84 -4.63
N LEU C 156 38.95 -20.19 -4.67
CA LEU C 156 39.34 -21.58 -5.00
C LEU C 156 38.99 -22.59 -3.90
N TRP C 157 38.80 -22.15 -2.66
CA TRP C 157 38.37 -23.10 -1.63
C TRP C 157 36.95 -23.61 -1.90
N LYS C 158 36.12 -22.78 -2.54
CA LYS C 158 34.70 -23.08 -2.68
C LYS C 158 34.49 -24.35 -3.51
N GLU C 159 35.34 -24.58 -4.50
CA GLU C 159 35.23 -25.74 -5.38
C GLU C 159 35.65 -27.03 -4.70
N LYS C 160 36.14 -27.00 -3.47
CA LYS C 160 36.70 -28.21 -2.86
C LYS C 160 36.57 -28.13 -1.34
N LEU C 161 35.63 -28.90 -0.80
CA LEU C 161 35.25 -28.84 0.61
C LEU C 161 35.55 -30.11 1.38
N HIS C 162 35.64 -31.27 0.72
CA HIS C 162 35.97 -32.50 1.42
C HIS C 162 37.41 -32.51 1.93
N LEU C 163 38.28 -31.71 1.34
CA LEU C 163 39.65 -31.61 1.83
C LEU C 163 39.70 -30.95 3.20
N LEU C 164 38.96 -29.87 3.37
CA LEU C 164 39.12 -28.93 4.46
C LEU C 164 38.52 -29.50 5.75
N PRO C 165 38.97 -29.02 6.92
CA PRO C 165 38.53 -29.64 8.18
C PRO C 165 37.11 -29.28 8.60
N SER C 166 36.78 -29.68 9.84
CA SER C 166 35.39 -29.84 10.28
C SER C 166 34.47 -28.62 10.14
N PRO C 167 34.83 -27.40 10.56
CA PRO C 167 33.78 -26.37 10.67
C PRO C 167 33.27 -25.85 9.35
N LEU C 168 34.15 -25.59 8.37
CA LEU C 168 33.72 -25.03 7.10
C LEU C 168 33.58 -26.09 6.01
N SER C 169 33.80 -27.36 6.32
CA SER C 169 33.51 -28.41 5.36
C SER C 169 32.02 -28.66 5.20
N GLU C 170 31.18 -28.06 6.05
CA GLU C 170 29.73 -28.14 5.91
C GLU C 170 29.14 -26.83 5.43
N ALA C 171 29.88 -26.08 4.60
CA ALA C 171 29.33 -24.87 4.02
C ALA C 171 28.14 -25.22 3.14
N PHE C 172 27.02 -24.52 3.37
CA PHE C 172 25.74 -24.90 2.81
C PHE C 172 25.73 -24.89 1.29
N ARG C 173 25.86 -23.71 0.69
CA ARG C 173 25.88 -23.60 -0.76
C ARG C 173 27.23 -23.08 -1.26
N ALA C 174 27.64 -21.91 -0.76
CA ALA C 174 29.00 -21.40 -0.83
C ALA C 174 29.41 -20.97 -2.23
N LYS C 175 28.63 -21.30 -3.24
CA LYS C 175 28.89 -20.80 -4.58
C LYS C 175 27.98 -19.65 -4.94
N LYS C 176 26.87 -19.50 -4.23
CA LYS C 176 25.98 -18.36 -4.38
C LYS C 176 26.11 -17.37 -3.22
N TRP C 177 27.24 -17.40 -2.51
CA TRP C 177 27.53 -16.39 -1.51
C TRP C 177 27.91 -15.08 -2.20
N ARG C 178 27.31 -13.97 -1.75
CA ARG C 178 27.57 -12.66 -2.31
C ARG C 178 28.23 -11.78 -1.27
N THR C 179 29.07 -10.85 -1.71
CA THR C 179 29.90 -10.10 -0.77
C THR C 179 29.10 -9.06 0.00
N ILE C 180 28.63 -8.02 -0.68
CA ILE C 180 27.72 -7.03 -0.10
C ILE C 180 27.13 -6.17 -1.21
N PHE C 181 25.90 -5.73 -1.00
CA PHE C 181 25.25 -4.65 -1.70
C PHE C 181 25.81 -3.28 -1.28
N SER C 182 25.50 -2.26 -2.08
CA SER C 182 26.04 -0.93 -1.91
C SER C 182 24.98 0.02 -1.35
N LEU C 183 25.40 1.27 -1.11
CA LEU C 183 24.51 2.23 -0.47
C LEU C 183 23.39 2.69 -1.38
N LYS C 184 23.69 2.94 -2.65
CA LYS C 184 22.62 3.38 -3.56
C LYS C 184 21.66 2.22 -3.85
N ASP C 185 22.13 0.98 -3.75
CA ASP C 185 21.22 -0.15 -3.79
C ASP C 185 20.26 -0.12 -2.59
N VAL C 186 20.76 0.26 -1.42
CA VAL C 186 19.90 0.44 -0.25
C VAL C 186 18.87 1.53 -0.51
N GLN C 187 19.30 2.65 -1.07
CA GLN C 187 18.38 3.76 -1.31
C GLN C 187 17.29 3.36 -2.31
N GLY C 188 17.68 2.74 -3.41
CA GLY C 188 16.72 2.29 -4.39
C GLY C 188 15.80 1.21 -3.89
N SER C 189 16.30 0.30 -3.05
CA SER C 189 15.47 -0.77 -2.50
C SER C 189 14.44 -0.20 -1.53
N LEU C 190 14.88 0.65 -0.61
CA LEU C 190 13.98 1.19 0.40
C LEU C 190 13.05 2.26 -0.16
N SER C 191 13.32 2.78 -1.36
CA SER C 191 12.36 3.64 -2.02
C SER C 191 11.11 2.90 -2.47
N LYS C 192 11.18 1.57 -2.59
CA LYS C 192 10.03 0.78 -3.01
C LYS C 192 9.16 0.33 -1.86
N VAL C 193 9.53 0.61 -0.62
CA VAL C 193 8.77 0.20 0.55
C VAL C 193 7.72 1.25 0.84
N THR C 194 6.52 0.81 1.20
CA THR C 194 5.41 1.70 1.51
C THR C 194 4.92 1.40 2.93
N ILE C 195 4.76 2.45 3.72
CA ILE C 195 4.50 2.31 5.15
C ILE C 195 3.10 1.77 5.37
N MET C 196 3.00 0.78 6.26
CA MET C 196 1.72 0.36 6.82
C MET C 196 1.77 0.48 8.34
N GLY C 197 0.60 0.29 8.95
CA GLY C 197 0.49 0.29 10.39
C GLY C 197 -0.25 -0.94 10.86
N TYR C 198 -0.23 -1.14 12.16
CA TYR C 198 -0.99 -2.21 12.79
C TYR C 198 -2.47 -2.15 12.43
N ASP C 199 -2.99 -3.26 11.92
CA ASP C 199 -4.41 -3.47 11.64
C ASP C 199 -4.93 -2.51 10.56
N GLU C 200 -4.20 -2.41 9.44
CA GLU C 200 -4.57 -1.40 8.45
C GLU C 200 -5.60 -1.90 7.44
N LYS C 201 -5.57 -3.18 7.08
CA LYS C 201 -6.49 -3.78 6.09
C LYS C 201 -6.33 -3.14 4.71
N LEU C 202 -5.19 -3.41 4.08
CA LEU C 202 -4.93 -2.89 2.74
C LEU C 202 -5.28 -3.91 1.66
N ASP C 203 -5.94 -3.45 0.60
CA ASP C 203 -6.32 -4.31 -0.50
C ASP C 203 -5.17 -4.48 -1.48
N ILE C 204 -4.86 -5.73 -1.82
CA ILE C 204 -3.73 -6.06 -2.68
C ILE C 204 -4.27 -6.44 -4.06
N LEU C 205 -4.34 -5.46 -4.96
CA LEU C 205 -4.66 -5.63 -6.37
C LEU C 205 -6.02 -6.28 -6.62
N GLY C 206 -6.92 -6.23 -5.63
CA GLY C 206 -8.22 -6.84 -5.76
C GLY C 206 -8.29 -8.30 -5.35
N ALA C 207 -7.16 -8.94 -5.09
CA ALA C 207 -7.14 -10.38 -4.81
C ALA C 207 -7.41 -10.71 -3.35
N PHE C 208 -6.84 -9.96 -2.41
CA PHE C 208 -7.06 -10.23 -0.99
C PHE C 208 -6.75 -8.96 -0.19
N ILE C 209 -6.83 -9.09 1.13
CA ILE C 209 -6.53 -8.01 2.07
C ILE C 209 -5.37 -8.44 2.94
N ALA C 210 -4.36 -7.58 3.05
CA ALA C 210 -3.19 -7.81 3.88
C ALA C 210 -3.26 -6.95 5.14
N THR C 211 -2.79 -7.52 6.27
CA THR C 211 -2.85 -6.83 7.56
C THR C 211 -1.74 -7.28 8.51
N PRO C 212 -0.88 -6.36 8.99
CA PRO C 212 0.11 -6.72 10.02
C PRO C 212 -0.46 -6.59 11.42
N VAL C 213 -0.17 -7.58 12.27
CA VAL C 213 -0.96 -7.71 13.49
C VAL C 213 -0.11 -7.84 14.75
N SER C 214 1.06 -7.19 14.77
CA SER C 214 1.77 -6.86 16.02
C SER C 214 2.17 -8.09 16.86
N SER C 215 3.12 -8.84 16.33
CA SER C 215 3.85 -9.79 17.17
C SER C 215 4.72 -9.03 18.16
N GLY C 216 4.50 -9.25 19.45
CA GLY C 216 5.13 -8.42 20.45
C GLY C 216 6.61 -8.65 20.69
N TYR C 217 7.42 -8.55 19.65
CA TYR C 217 8.80 -9.01 19.68
C TYR C 217 9.81 -7.87 19.56
N CYS C 218 9.67 -7.01 18.56
CA CYS C 218 10.57 -5.90 18.30
C CYS C 218 9.77 -4.61 18.20
N LEU C 219 10.46 -3.50 17.97
CA LEU C 219 9.80 -2.26 17.62
C LEU C 219 9.16 -2.39 16.25
N GLY C 220 7.84 -2.42 16.21
CA GLY C 220 7.12 -2.52 14.96
C GLY C 220 7.08 -3.90 14.35
N SER C 221 7.48 -4.94 15.06
CA SER C 221 7.40 -6.29 14.53
C SER C 221 5.96 -6.73 14.42
N SER C 222 5.67 -7.56 13.42
CA SER C 222 4.29 -7.90 13.11
C SER C 222 4.19 -9.32 12.60
N ASN C 223 3.00 -9.89 12.78
CA ASN C 223 2.59 -11.11 12.10
C ASN C 223 1.60 -10.71 11.02
N TRP C 224 1.50 -11.52 9.97
CA TRP C 224 0.75 -11.09 8.80
C TRP C 224 -0.49 -11.95 8.60
N VAL C 225 -1.59 -11.30 8.22
CA VAL C 225 -2.85 -11.96 7.96
C VAL C 225 -3.32 -11.57 6.57
N LEU C 226 -3.49 -12.55 5.69
CA LEU C 226 -4.10 -12.35 4.38
C LEU C 226 -5.50 -12.95 4.40
N SER C 227 -6.49 -12.16 4.00
CA SER C 227 -7.87 -12.60 4.10
C SER C 227 -8.64 -12.32 2.83
N THR C 228 -9.50 -13.25 2.48
CA THR C 228 -10.62 -13.08 1.57
C THR C 228 -11.87 -13.36 2.42
N ALA C 229 -13.06 -13.24 1.83
CA ALA C 229 -14.29 -13.49 2.58
C ALA C 229 -14.46 -14.96 2.98
N HIS C 230 -13.65 -15.87 2.45
CA HIS C 230 -13.80 -17.29 2.74
C HIS C 230 -12.52 -18.00 3.11
N GLU C 231 -11.36 -17.35 3.01
CA GLU C 231 -10.10 -17.94 3.43
C GLU C 231 -9.38 -17.00 4.40
N LYS C 232 -8.34 -17.53 5.04
CA LYS C 232 -7.54 -16.76 5.98
C LYS C 232 -6.20 -17.45 6.14
N ILE C 233 -5.13 -16.78 5.74
CA ILE C 233 -3.76 -17.28 5.88
C ILE C 233 -3.04 -16.42 6.91
N CYS C 234 -2.42 -17.05 7.90
CA CYS C 234 -1.71 -16.34 8.94
C CYS C 234 -0.26 -16.76 8.95
N TYR C 235 0.64 -15.78 9.00
CA TYR C 235 2.07 -15.99 9.03
C TYR C 235 2.60 -15.43 10.35
N VAL C 236 3.34 -16.25 11.09
CA VAL C 236 3.80 -15.94 12.44
C VAL C 236 5.32 -16.06 12.45
N SER C 237 6.00 -14.92 12.67
CA SER C 237 7.47 -14.94 12.70
C SER C 237 8.07 -14.55 14.05
N GLY C 238 7.83 -13.33 14.54
CA GLY C 238 8.58 -12.85 15.69
C GLY C 238 8.09 -13.31 17.05
N SER C 239 6.92 -12.83 17.45
CA SER C 239 6.09 -13.47 18.46
C SER C 239 6.74 -13.69 19.82
N SER C 240 6.80 -12.67 20.66
CA SER C 240 7.16 -12.86 22.06
C SER C 240 5.92 -12.82 22.94
N THR C 241 5.85 -13.71 23.93
CA THR C 241 4.75 -13.70 24.90
C THR C 241 5.10 -12.98 26.20
N LEU C 242 6.37 -12.85 26.54
CA LEU C 242 6.75 -12.17 27.77
C LEU C 242 6.48 -10.67 27.66
N THR C 243 6.55 -10.00 28.80
CA THR C 243 6.32 -8.57 28.88
C THR C 243 7.64 -7.82 28.78
N THR C 244 7.68 -6.86 27.87
CA THR C 244 8.86 -6.05 27.60
C THR C 244 8.41 -4.78 26.90
N HIS C 245 9.35 -4.01 26.36
CA HIS C 245 8.99 -2.67 25.89
C HIS C 245 8.12 -2.58 24.63
N PRO C 246 8.18 -3.49 23.64
CA PRO C 246 7.27 -3.33 22.49
C PRO C 246 5.83 -3.66 22.83
N ARG C 247 4.95 -3.24 21.94
CA ARG C 247 3.53 -3.49 22.08
C ARG C 247 3.26 -4.99 22.08
N PRO C 248 2.49 -5.51 23.03
CA PRO C 248 2.43 -6.97 23.24
C PRO C 248 1.73 -7.70 22.10
N ILE C 249 1.82 -9.03 22.17
CA ILE C 249 1.34 -9.89 21.11
C ILE C 249 -0.18 -9.80 20.98
N ASN C 250 -0.65 -9.71 19.74
CA ASN C 250 -2.08 -9.74 19.41
C ASN C 250 -2.34 -11.11 18.80
N GLN C 251 -2.73 -12.06 19.63
CA GLN C 251 -3.13 -13.38 19.15
C GLN C 251 -4.63 -13.50 18.92
N SER C 252 -5.37 -12.41 19.15
CA SER C 252 -6.80 -12.42 18.87
C SER C 252 -7.07 -12.61 17.38
N ALA C 253 -6.30 -11.94 16.53
CA ALA C 253 -6.61 -11.88 15.11
C ALA C 253 -5.94 -12.97 14.30
N LEU C 254 -5.26 -13.91 14.95
CA LEU C 254 -4.71 -15.08 14.32
C LEU C 254 -5.59 -16.31 14.53
N LYS C 255 -6.84 -16.09 14.97
CA LYS C 255 -7.56 -17.11 15.71
C LYS C 255 -8.10 -18.24 14.85
N HIS C 256 -8.53 -17.98 13.63
CA HIS C 256 -9.25 -19.01 12.86
C HIS C 256 -8.70 -19.12 11.45
N ALA C 257 -7.38 -19.22 11.34
CA ALA C 257 -6.74 -19.33 10.04
C ALA C 257 -7.00 -20.70 9.42
N ASP C 258 -7.13 -20.70 8.10
CA ASP C 258 -7.18 -21.95 7.35
C ASP C 258 -5.81 -22.57 7.23
N VAL C 259 -4.79 -21.73 7.05
CA VAL C 259 -3.39 -22.13 7.06
C VAL C 259 -2.67 -21.29 8.10
N LEU C 260 -1.86 -21.93 8.93
CA LEU C 260 -0.99 -21.22 9.86
C LEU C 260 0.44 -21.62 9.58
N ILE C 261 1.26 -20.66 9.14
CA ILE C 261 2.67 -20.89 8.90
C ILE C 261 3.45 -20.35 10.10
N MET C 262 4.28 -21.19 10.70
CA MET C 262 5.05 -20.80 11.88
C MET C 262 6.53 -20.88 11.56
N THR C 263 7.28 -19.82 11.90
CA THR C 263 8.68 -19.75 11.51
C THR C 263 9.66 -19.68 12.68
N GLY C 264 9.55 -18.69 13.55
CA GLY C 264 10.70 -18.32 14.36
C GLY C 264 10.63 -18.58 15.85
N LEU C 265 11.40 -19.56 16.31
CA LEU C 265 11.52 -19.90 17.72
C LEU C 265 12.87 -19.43 18.25
N THR C 266 13.16 -19.80 19.51
CA THR C 266 14.15 -19.07 20.30
C THR C 266 15.56 -19.18 19.74
N GLN C 267 15.94 -20.36 19.23
CA GLN C 267 17.29 -20.75 18.85
C GLN C 267 18.21 -20.89 20.06
N ALA C 268 17.64 -20.90 21.26
CA ALA C 268 18.28 -21.18 22.54
C ALA C 268 17.19 -21.56 23.53
N PRO C 269 16.50 -22.69 23.33
CA PRO C 269 15.19 -22.89 23.98
C PRO C 269 15.21 -23.40 25.40
N THR C 270 16.38 -23.76 25.95
CA THR C 270 16.49 -24.21 27.34
C THR C 270 16.89 -23.07 28.28
N VAL C 271 16.47 -21.84 27.96
CA VAL C 271 17.02 -20.63 28.56
C VAL C 271 15.88 -19.72 28.97
N ASN C 272 15.96 -19.18 30.18
CA ASN C 272 15.07 -18.12 30.64
C ASN C 272 15.76 -16.79 30.42
N PRO C 273 15.21 -15.88 29.62
CA PRO C 273 15.93 -14.63 29.33
C PRO C 273 16.12 -13.73 30.55
N ASP C 274 15.25 -13.82 31.55
CA ASP C 274 15.37 -12.94 32.71
C ASP C 274 16.55 -13.32 33.59
N THR C 275 16.74 -14.61 33.84
CA THR C 275 17.90 -15.01 34.63
C THR C 275 19.20 -14.81 33.87
N LYS C 276 19.15 -14.83 32.52
CA LYS C 276 20.35 -14.50 31.76
C LYS C 276 20.65 -13.01 31.78
N LEU C 277 19.61 -12.17 31.81
CA LEU C 277 19.82 -10.75 32.05
C LEU C 277 20.45 -10.52 33.42
N GLY C 278 19.97 -11.26 34.43
CA GLY C 278 20.56 -11.17 35.76
C GLY C 278 22.01 -11.61 35.80
N GLU C 279 22.35 -12.67 35.06
CA GLU C 279 23.74 -13.12 35.00
C GLU C 279 24.62 -12.12 34.28
N LEU C 280 24.10 -11.48 33.22
CA LEU C 280 24.78 -10.36 32.61
C LEU C 280 25.13 -9.28 33.62
N CYS C 281 24.13 -8.85 34.41
CA CYS C 281 24.38 -7.77 35.36
C CYS C 281 25.35 -8.18 36.46
N MET C 282 25.22 -9.42 36.95
CA MET C 282 26.18 -9.95 37.92
C MET C 282 27.60 -9.93 37.37
N ASN C 283 27.79 -10.44 36.15
CA ASN C 283 29.13 -10.55 35.58
C ASN C 283 29.74 -9.18 35.31
N VAL C 284 28.93 -8.24 34.82
CA VAL C 284 29.48 -6.92 34.53
C VAL C 284 29.82 -6.17 35.81
N ALA C 285 29.00 -6.34 36.87
CA ALA C 285 29.35 -5.70 38.14
C ALA C 285 30.60 -6.33 38.73
N LEU C 286 30.77 -7.64 38.58
CA LEU C 286 31.94 -8.29 39.14
C LEU C 286 33.21 -7.89 38.38
N THR C 287 33.13 -7.69 37.07
CA THR C 287 34.33 -7.24 36.37
C THR C 287 34.59 -5.75 36.54
N ILE C 288 33.56 -4.95 36.82
CA ILE C 288 33.80 -3.55 37.19
C ILE C 288 34.48 -3.49 38.55
N ARG C 289 34.07 -4.33 39.49
CA ARG C 289 34.66 -4.30 40.83
C ARG C 289 36.14 -4.67 40.81
N ASN C 290 36.56 -5.48 39.85
CA ASN C 290 37.95 -5.92 39.77
C ASN C 290 38.80 -5.03 38.86
N ASN C 291 38.41 -3.77 38.70
CA ASN C 291 39.11 -2.79 37.87
C ASN C 291 39.32 -3.28 36.44
N GLY C 292 38.30 -3.93 35.89
CA GLY C 292 38.29 -4.35 34.51
C GLY C 292 37.20 -3.64 33.73
N SER C 293 37.21 -3.86 32.43
CA SER C 293 36.23 -3.28 31.52
C SER C 293 35.30 -4.36 31.00
N ALA C 294 34.21 -3.93 30.37
CA ALA C 294 33.24 -4.86 29.82
C ALA C 294 32.85 -4.42 28.43
N LEU C 295 32.85 -5.35 27.49
CA LEU C 295 32.45 -5.09 26.11
C LEU C 295 31.25 -5.98 25.80
N ILE C 296 30.17 -5.37 25.34
CA ILE C 296 28.95 -6.08 25.01
C ILE C 296 28.65 -5.90 23.52
N PRO C 297 29.03 -6.86 22.67
CA PRO C 297 28.72 -6.73 21.24
C PRO C 297 27.23 -6.90 21.00
N CYS C 298 26.67 -5.99 20.20
CA CYS C 298 25.23 -5.87 20.15
C CYS C 298 24.81 -5.20 18.84
N TYR C 299 23.53 -5.36 18.52
CA TYR C 299 22.89 -4.68 17.39
C TYR C 299 22.47 -3.28 17.80
N PRO C 300 22.38 -2.34 16.84
CA PRO C 300 22.18 -0.93 17.22
C PRO C 300 20.82 -0.60 17.82
N SER C 301 19.79 -1.42 17.59
CA SER C 301 18.48 -1.02 18.09
C SER C 301 17.68 -2.19 18.64
N GLY C 302 18.35 -3.18 19.23
CA GLY C 302 17.64 -4.37 19.66
C GLY C 302 17.27 -4.38 21.13
N VAL C 303 18.01 -5.16 21.91
CA VAL C 303 17.80 -5.25 23.35
C VAL C 303 18.73 -4.31 24.11
N VAL C 304 19.46 -3.44 23.40
CA VAL C 304 20.33 -2.48 24.06
C VAL C 304 19.50 -1.48 24.86
N TYR C 305 18.28 -1.19 24.43
CA TYR C 305 17.42 -0.26 25.15
C TYR C 305 17.06 -0.79 26.52
N ASP C 306 16.97 -2.11 26.67
CA ASP C 306 16.75 -2.73 27.96
C ASP C 306 18.05 -2.96 28.72
N LEU C 307 19.15 -3.17 27.99
CA LEU C 307 20.44 -3.37 28.62
C LEU C 307 20.88 -2.12 29.37
N PHE C 308 20.66 -0.95 28.77
CA PHE C 308 20.99 0.32 29.43
C PHE C 308 20.29 0.44 30.78
N GLU C 309 18.96 0.25 30.78
CA GLU C 309 18.17 0.46 31.99
C GLU C 309 18.52 -0.55 33.07
N CYS C 310 18.51 -1.84 32.72
CA CYS C 310 18.80 -2.86 33.72
C CYS C 310 20.23 -2.76 34.23
N LEU C 311 21.15 -2.34 33.36
CA LEU C 311 22.54 -2.16 33.73
C LEU C 311 22.71 -1.03 34.74
N THR C 312 22.08 0.12 34.47
CA THR C 312 22.16 1.23 35.43
C THR C 312 21.55 0.85 36.76
N GLN C 313 20.39 0.19 36.74
CA GLN C 313 19.73 -0.15 38.00
C GLN C 313 20.58 -1.09 38.84
N ASN C 314 21.10 -2.16 38.23
CA ASN C 314 21.85 -3.11 39.04
C ASN C 314 23.20 -2.54 39.45
N LEU C 315 23.84 -1.73 38.60
CA LEU C 315 25.12 -1.13 38.97
C LEU C 315 24.96 -0.12 40.11
N GLU C 316 23.92 0.71 40.07
CA GLU C 316 23.76 1.67 41.15
C GLU C 316 23.19 1.05 42.41
N ASN C 317 22.50 -0.09 42.31
CA ASN C 317 22.13 -0.83 43.51
C ASN C 317 23.27 -1.68 44.04
N ALA C 318 24.34 -1.87 43.27
CA ALA C 318 25.51 -2.60 43.73
C ALA C 318 26.56 -1.70 44.35
N GLY C 319 26.24 -0.44 44.59
CA GLY C 319 27.20 0.48 45.16
C GLY C 319 28.23 1.01 44.19
N LEU C 320 27.96 0.92 42.90
CA LEU C 320 28.86 1.43 41.86
C LEU C 320 28.20 2.61 41.15
N ASN C 321 28.91 3.72 41.09
CA ASN C 321 28.45 4.90 40.38
C ASN C 321 29.61 5.47 39.58
N ASN C 322 29.31 6.48 38.77
CA ASN C 322 30.26 7.12 37.84
C ASN C 322 30.86 6.12 36.84
N VAL C 323 30.18 5.00 36.59
CA VAL C 323 30.66 4.03 35.62
C VAL C 323 30.14 4.46 34.25
N PRO C 324 31.02 4.80 33.31
CA PRO C 324 30.56 5.32 32.02
C PRO C 324 30.09 4.20 31.09
N MET C 325 29.15 4.56 30.22
CA MET C 325 28.76 3.71 29.11
C MET C 325 28.93 4.47 27.81
N PHE C 326 29.43 3.79 26.80
CA PHE C 326 29.61 4.35 25.48
C PHE C 326 28.87 3.50 24.46
N PHE C 327 28.08 4.14 23.63
CA PHE C 327 27.39 3.50 22.50
C PHE C 327 28.11 3.97 21.25
N ILE C 328 28.79 3.04 20.58
CA ILE C 328 29.66 3.37 19.46
C ILE C 328 29.13 2.63 18.24
N SER C 329 28.52 3.38 17.33
CA SER C 329 27.91 2.83 16.13
C SER C 329 27.60 3.98 15.18
N PRO C 330 27.80 3.82 13.88
CA PRO C 330 27.58 4.94 12.95
C PRO C 330 26.12 5.30 12.76
N VAL C 331 25.23 4.65 13.49
CA VAL C 331 23.79 4.92 13.45
C VAL C 331 23.28 5.05 14.87
N ALA C 332 24.20 5.24 15.84
CA ALA C 332 23.82 5.23 17.25
C ALA C 332 23.08 6.50 17.64
N ASP C 333 23.50 7.66 17.13
CA ASP C 333 22.74 8.88 17.38
C ASP C 333 21.37 8.80 16.73
N SER C 334 21.31 8.29 15.49
CA SER C 334 20.04 8.12 14.81
C SER C 334 19.13 7.16 15.56
N SER C 335 19.67 6.06 16.06
CA SER C 335 18.87 5.09 16.80
C SER C 335 18.36 5.66 18.11
N LEU C 336 19.24 6.33 18.87
CA LEU C 336 18.85 6.88 20.15
C LEU C 336 17.84 8.01 20.01
N ALA C 337 17.96 8.82 18.96
CA ALA C 337 16.98 9.87 18.72
C ALA C 337 15.66 9.29 18.24
N TYR C 338 15.69 8.33 17.32
CA TYR C 338 14.48 7.79 16.74
C TYR C 338 13.72 6.92 17.72
N SER C 339 14.40 6.33 18.70
CA SER C 339 13.71 5.46 19.65
C SER C 339 12.71 6.21 20.50
N ASN C 340 12.93 7.50 20.76
CA ASN C 340 12.04 8.32 21.56
C ASN C 340 10.93 8.95 20.74
N ILE C 341 10.81 8.59 19.47
CA ILE C 341 9.74 9.06 18.59
C ILE C 341 8.57 8.07 18.56
N LEU C 342 8.74 6.89 19.12
CA LEU C 342 7.85 5.77 18.85
C LEU C 342 7.00 5.40 20.06
N ALA C 343 6.41 6.40 20.72
CA ALA C 343 5.56 6.13 21.87
C ALA C 343 4.34 5.30 21.50
N GLU C 344 3.86 5.41 20.26
CA GLU C 344 2.68 4.68 19.81
C GLU C 344 2.96 3.22 19.53
N TRP C 345 4.22 2.79 19.53
CA TRP C 345 4.60 1.42 19.26
C TRP C 345 5.08 0.69 20.50
N LEU C 346 4.95 1.30 21.67
CA LEU C 346 5.53 0.77 22.90
C LEU C 346 4.46 0.12 23.77
N SER C 347 4.93 -0.58 24.79
CA SER C 347 4.04 -1.16 25.79
C SER C 347 3.50 -0.04 26.68
N SER C 348 2.53 -0.41 27.52
CA SER C 348 1.77 0.60 28.27
C SER C 348 2.65 1.37 29.25
N ALA C 349 3.59 0.69 29.91
CA ALA C 349 4.41 1.32 30.93
C ALA C 349 5.26 2.44 30.36
N LYS C 350 5.83 2.24 29.17
CA LYS C 350 6.61 3.28 28.52
C LYS C 350 5.76 4.24 27.71
N GLN C 351 4.63 3.78 27.17
CA GLN C 351 3.78 4.66 26.37
C GLN C 351 3.12 5.73 27.23
N ASN C 352 2.73 5.36 28.46
CA ASN C 352 2.05 6.31 29.33
C ASN C 352 2.92 7.47 29.75
N LYS C 353 4.23 7.39 29.54
CA LYS C 353 5.17 8.42 29.95
C LYS C 353 5.28 9.57 28.96
N VAL C 354 4.40 9.67 27.97
CA VAL C 354 4.42 10.79 27.04
C VAL C 354 3.17 11.66 27.13
N TYR C 355 2.15 11.23 27.86
CA TYR C 355 1.02 12.11 28.11
C TYR C 355 1.41 13.21 29.10
N LEU C 356 2.10 12.83 30.17
CA LEU C 356 3.00 13.77 30.83
C LEU C 356 4.26 13.85 29.97
N PRO C 357 4.69 15.03 29.57
CA PRO C 357 5.70 15.12 28.50
C PRO C 357 7.08 14.65 28.94
N ASP C 358 7.27 13.34 29.03
CA ASP C 358 8.54 12.73 29.40
C ASP C 358 9.01 11.80 28.29
N ASP C 359 10.29 11.46 28.33
CA ASP C 359 10.86 10.53 27.37
C ASP C 359 10.47 9.10 27.73
N PRO C 360 9.83 8.35 26.82
CA PRO C 360 9.48 6.96 27.14
C PRO C 360 10.68 6.08 27.44
N PHE C 361 11.79 6.31 26.74
CA PHE C 361 12.94 5.47 27.06
C PHE C 361 13.89 6.20 27.98
N PRO C 362 14.40 5.51 29.01
CA PRO C 362 15.25 6.20 30.00
C PRO C 362 16.57 6.72 29.46
N HIS C 363 17.08 6.17 28.35
CA HIS C 363 18.44 6.51 27.95
C HIS C 363 18.59 7.94 27.46
N ALA C 364 17.49 8.60 27.08
CA ALA C 364 17.54 10.02 26.80
C ALA C 364 17.99 10.79 28.02
N PHE C 365 17.47 10.42 29.20
CA PHE C 365 17.94 10.98 30.45
C PHE C 365 19.44 10.76 30.61
N TYR C 366 19.93 9.57 30.25
CA TYR C 366 21.35 9.28 30.39
C TYR C 366 22.20 10.12 29.45
N LEU C 367 21.60 10.71 28.42
CA LEU C 367 22.32 11.62 27.55
C LEU C 367 22.27 13.06 28.03
N ARG C 368 21.27 13.42 28.86
CA ARG C 368 21.26 14.76 29.43
C ARG C 368 22.27 14.90 30.55
N ASN C 369 22.55 13.81 31.26
CA ASN C 369 23.75 13.68 32.06
C ASN C 369 24.87 13.24 31.15
N ASN C 370 25.98 12.80 31.72
CA ASN C 370 27.06 12.23 30.91
C ASN C 370 27.31 10.77 31.25
N LYS C 371 26.26 10.07 31.69
CA LYS C 371 26.38 8.65 32.00
C LYS C 371 26.49 7.81 30.74
N LEU C 372 25.73 8.15 29.71
CA LEU C 372 25.78 7.47 28.42
C LEU C 372 26.26 8.46 27.37
N LYS C 373 27.30 8.07 26.64
CA LYS C 373 27.77 8.87 25.51
C LYS C 373 27.63 8.04 24.25
N HIS C 374 27.70 8.69 23.09
CA HIS C 374 27.63 7.96 21.84
C HIS C 374 28.52 8.61 20.80
N TYR C 375 29.17 7.76 20.02
CA TYR C 375 30.10 8.20 18.98
C TYR C 375 29.89 7.35 17.74
N ASN C 376 30.18 7.93 16.58
CA ASN C 376 30.06 7.19 15.34
C ASN C 376 31.06 6.04 15.29
N HIS C 377 32.29 6.28 15.72
CA HIS C 377 33.33 5.26 15.69
C HIS C 377 34.30 5.52 16.82
N VAL C 378 35.23 4.58 17.02
CA VAL C 378 36.29 4.74 17.99
C VAL C 378 37.26 5.85 17.57
N PHE C 379 37.42 6.08 16.27
CA PHE C 379 38.30 7.11 15.77
C PHE C 379 37.61 8.47 15.64
N SER C 380 36.33 8.56 15.95
CA SER C 380 35.61 9.81 15.83
C SER C 380 36.13 10.84 16.82
N GLU C 381 35.99 12.11 16.46
CA GLU C 381 36.62 13.18 17.24
C GLU C 381 35.78 13.46 18.48
N GLY C 382 36.46 13.59 19.62
CA GLY C 382 35.82 13.73 20.90
C GLY C 382 35.77 12.46 21.72
N PHE C 383 35.99 11.30 21.10
CA PHE C 383 36.01 10.05 21.84
C PHE C 383 37.24 9.93 22.72
N SER C 384 38.41 10.34 22.21
CA SER C 384 39.63 10.23 22.97
C SER C 384 39.64 11.14 24.19
N LYS C 385 38.87 12.22 24.17
CA LYS C 385 38.77 13.08 25.34
C LYS C 385 37.94 12.44 26.44
N ASP C 386 36.80 11.84 26.08
CA ASP C 386 35.84 11.35 27.06
C ASP C 386 36.04 9.89 27.43
N PHE C 387 37.06 9.22 26.91
CA PHE C 387 37.23 7.80 27.20
C PHE C 387 37.87 7.61 28.57
N ARG C 388 37.22 6.80 29.41
CA ARG C 388 37.68 6.50 30.75
C ARG C 388 37.56 5.00 30.99
N GLN C 389 38.35 4.49 31.93
CA GLN C 389 38.34 3.08 32.28
C GLN C 389 38.40 2.93 33.79
N PRO C 390 37.64 2.00 34.39
CA PRO C 390 36.71 0.98 33.86
C PRO C 390 35.45 1.52 33.18
N CYS C 391 34.96 0.81 32.18
CA CYS C 391 33.79 1.25 31.45
C CYS C 391 33.08 0.04 30.86
N VAL C 392 31.84 0.25 30.45
CA VAL C 392 31.06 -0.71 29.69
C VAL C 392 30.84 -0.11 28.30
N VAL C 393 31.22 -0.85 27.27
CA VAL C 393 31.14 -0.37 25.90
C VAL C 393 30.12 -1.21 25.15
N PHE C 394 29.06 -0.56 24.67
CA PHE C 394 28.11 -1.16 23.76
C PHE C 394 28.51 -0.79 22.34
N CYS C 395 29.01 -1.78 21.59
CA CYS C 395 29.66 -1.38 20.31
C CYS C 395 29.13 -1.99 19.03
N GLY C 396 30.06 -2.33 18.13
CA GLY C 396 29.66 -2.78 16.80
C GLY C 396 29.26 -4.24 16.72
N HIS C 397 29.57 -4.90 15.60
CA HIS C 397 28.84 -6.10 15.20
C HIS C 397 29.00 -7.27 16.16
N PRO C 398 27.91 -7.98 16.50
CA PRO C 398 28.00 -9.16 17.38
C PRO C 398 28.81 -10.29 16.80
N SER C 399 29.06 -10.31 15.50
CA SER C 399 29.85 -11.38 14.90
C SER C 399 31.34 -11.23 15.16
N LEU C 400 31.79 -10.03 15.51
CA LEU C 400 33.18 -9.66 15.79
C LEU C 400 34.06 -9.76 14.56
N ARG C 401 33.50 -9.84 13.36
CA ARG C 401 34.29 -9.91 12.14
C ARG C 401 34.46 -8.56 11.46
N PHE C 402 33.61 -7.58 11.78
CA PHE C 402 33.78 -6.22 11.30
C PHE C 402 33.15 -5.27 12.30
N GLY C 403 33.58 -4.02 12.24
CA GLY C 403 33.03 -2.99 13.09
C GLY C 403 34.02 -2.53 14.13
N ASP C 404 33.51 -1.69 15.04
CA ASP C 404 34.34 -1.14 16.11
C ASP C 404 34.81 -2.22 17.07
N ALA C 405 33.99 -3.26 17.25
CA ALA C 405 34.22 -4.25 18.31
C ALA C 405 35.55 -4.95 18.15
N VAL C 406 35.96 -5.19 16.90
CA VAL C 406 37.23 -5.84 16.62
C VAL C 406 38.37 -5.10 17.31
N HIS C 407 38.36 -3.76 17.18
CA HIS C 407 39.38 -2.93 17.80
C HIS C 407 39.47 -3.17 19.29
N PHE C 408 38.30 -3.26 19.95
CA PHE C 408 38.30 -3.45 21.39
C PHE C 408 38.89 -4.80 21.78
N ILE C 409 38.64 -5.84 20.97
CA ILE C 409 39.21 -7.14 21.28
C ILE C 409 40.73 -7.09 21.21
N GLU C 410 41.27 -6.20 20.36
CA GLU C 410 42.72 -6.06 20.32
C GLU C 410 43.24 -5.30 21.52
N MET C 411 42.46 -4.33 22.00
CA MET C 411 42.99 -3.45 23.04
C MET C 411 42.77 -4.01 24.44
N TRP C 412 41.60 -4.58 24.71
CA TRP C 412 41.26 -5.11 26.02
C TRP C 412 41.54 -6.60 26.16
N GLY C 413 42.13 -7.22 25.13
CA GLY C 413 42.16 -8.67 25.09
C GLY C 413 43.03 -9.31 26.16
N ASN C 414 44.23 -8.78 26.37
CA ASN C 414 45.24 -9.48 27.15
C ASN C 414 45.20 -9.17 28.64
N ASN C 415 44.30 -8.29 29.10
CA ASN C 415 44.14 -8.03 30.51
C ASN C 415 43.09 -8.98 31.08
N PRO C 416 43.44 -9.85 32.04
CA PRO C 416 42.46 -10.83 32.54
C PRO C 416 41.27 -10.22 33.25
N ASN C 417 41.34 -8.96 33.70
CA ASN C 417 40.21 -8.37 34.40
C ASN C 417 39.11 -7.88 33.46
N ASN C 418 39.38 -7.79 32.17
CA ASN C 418 38.35 -7.42 31.19
C ASN C 418 37.46 -8.63 30.90
N SER C 419 36.31 -8.38 30.27
CA SER C 419 35.37 -9.46 30.01
C SER C 419 34.46 -9.12 28.83
N ILE C 420 34.24 -10.11 27.97
CA ILE C 420 33.22 -10.07 26.91
C ILE C 420 31.97 -10.74 27.46
N ILE C 421 30.79 -10.25 27.09
CA ILE C 421 29.57 -11.03 27.21
C ILE C 421 28.84 -10.98 25.88
N PHE C 422 28.54 -12.15 25.32
CA PHE C 422 27.77 -12.27 24.09
C PHE C 422 26.31 -12.49 24.45
N THR C 423 25.41 -11.71 23.85
CA THR C 423 23.98 -11.78 24.15
C THR C 423 23.14 -12.09 22.93
N GLU C 424 23.74 -12.60 21.85
CA GLU C 424 23.01 -12.88 20.62
C GLU C 424 23.10 -14.37 20.30
N PRO C 425 21.98 -15.10 20.29
CA PRO C 425 22.05 -16.55 20.01
C PRO C 425 22.37 -16.88 18.57
N ASP C 426 22.27 -15.91 17.65
CA ASP C 426 22.52 -16.16 16.24
C ASP C 426 23.99 -16.43 15.94
N PHE C 427 24.84 -16.11 16.91
CA PHE C 427 26.30 -16.30 16.71
C PHE C 427 26.90 -17.15 17.83
N PRO C 428 27.14 -18.46 17.61
CA PRO C 428 27.85 -19.29 18.59
C PRO C 428 29.10 -18.56 19.10
N TYR C 429 29.33 -18.47 20.40
CA TYR C 429 30.34 -17.57 20.93
C TYR C 429 31.74 -18.14 20.81
N LEU C 430 31.89 -19.45 20.92
CA LEU C 430 33.21 -20.07 20.79
C LEU C 430 33.67 -20.11 19.35
N GLN C 431 32.73 -20.11 18.41
CA GLN C 431 33.04 -19.87 17.00
C GLN C 431 33.42 -18.42 16.76
N VAL C 432 32.75 -17.49 17.45
CA VAL C 432 32.94 -16.05 17.18
C VAL C 432 34.36 -15.62 17.53
N LEU C 433 34.83 -15.95 18.74
CA LEU C 433 36.15 -15.53 19.17
C LEU C 433 37.22 -16.56 18.86
N ALA C 434 36.99 -17.42 17.88
CA ALA C 434 37.98 -18.42 17.48
C ALA C 434 39.31 -17.85 16.99
N PRO C 435 39.39 -16.81 16.15
CA PRO C 435 40.70 -16.29 15.75
C PRO C 435 41.36 -15.37 16.77
N PHE C 436 40.77 -15.20 17.96
CA PHE C 436 41.36 -14.40 19.03
C PHE C 436 41.93 -15.25 20.16
N GLN C 437 42.23 -16.52 19.90
CA GLN C 437 42.33 -17.51 20.97
C GLN C 437 43.43 -17.33 22.01
N PRO C 438 44.57 -16.72 21.71
CA PRO C 438 45.40 -16.26 22.84
C PRO C 438 44.77 -15.04 23.49
N LEU C 439 43.69 -15.25 24.24
CA LEU C 439 42.92 -14.12 24.76
C LEU C 439 43.29 -13.74 26.19
N ALA C 440 43.06 -14.64 27.14
CA ALA C 440 43.12 -14.45 28.60
C ALA C 440 42.01 -13.55 29.13
N MET C 441 41.03 -13.15 28.33
CA MET C 441 39.89 -12.37 28.76
C MET C 441 38.70 -13.31 28.97
N LYS C 442 37.66 -12.82 29.66
CA LYS C 442 36.73 -13.74 30.32
C LYS C 442 35.70 -14.37 29.38
N ALA C 443 35.01 -13.56 28.55
CA ALA C 443 34.13 -14.08 27.50
C ALA C 443 32.97 -14.95 27.99
N PHE C 444 31.96 -14.35 28.62
CA PHE C 444 31.01 -15.11 29.44
C PHE C 444 29.82 -15.71 28.70
N TYR C 445 29.28 -15.08 27.65
CA TYR C 445 28.16 -15.61 26.87
C TYR C 445 26.86 -15.83 27.67
N CYS C 446 26.14 -14.76 27.98
CA CYS C 446 24.81 -14.89 28.57
C CYS C 446 23.74 -14.62 27.53
N PRO C 447 23.02 -15.64 27.04
CA PRO C 447 22.11 -15.43 25.88
C PRO C 447 20.71 -14.93 26.22
N ILE C 448 20.38 -13.72 25.78
CA ILE C 448 19.04 -13.15 25.93
C ILE C 448 18.31 -13.27 24.61
N ASP C 449 17.13 -13.88 24.62
CA ASP C 449 16.29 -13.97 23.43
C ASP C 449 14.85 -14.20 23.90
N THR C 450 13.99 -13.22 23.69
CA THR C 450 12.59 -13.33 24.09
C THR C 450 11.73 -13.65 22.87
N SER C 451 11.77 -14.91 22.44
CA SER C 451 10.90 -15.31 21.33
C SER C 451 10.57 -16.80 21.46
N LEU C 452 9.47 -17.11 22.14
CA LEU C 452 8.74 -18.38 22.04
C LEU C 452 9.57 -19.65 22.09
N ASN C 453 10.06 -20.06 23.26
CA ASN C 453 10.52 -21.43 23.36
C ASN C 453 9.36 -22.40 23.09
N TYR C 454 9.70 -23.68 22.94
CA TYR C 454 8.75 -24.66 22.40
C TYR C 454 7.53 -24.83 23.29
N GLN C 455 7.69 -24.69 24.61
CA GLN C 455 6.56 -24.90 25.51
C GLN C 455 5.53 -23.78 25.38
N GLN C 456 5.96 -22.56 25.06
CA GLN C 456 5.02 -21.49 24.76
C GLN C 456 4.41 -21.62 23.37
N ALA C 457 5.19 -22.12 22.40
CA ALA C 457 4.67 -22.27 21.04
C ALA C 457 3.59 -23.35 20.97
N ASN C 458 3.76 -24.45 21.71
CA ASN C 458 2.71 -25.47 21.75
C ASN C 458 1.41 -24.90 22.30
N LYS C 459 1.50 -24.13 23.38
CA LYS C 459 0.34 -23.49 23.97
C LYS C 459 -0.30 -22.52 23.00
N LEU C 460 0.52 -21.74 22.29
CA LEU C 460 0.00 -20.78 21.32
C LEU C 460 -0.74 -21.47 20.19
N ILE C 461 -0.19 -22.58 19.68
CA ILE C 461 -0.84 -23.27 18.56
C ILE C 461 -2.12 -23.94 19.02
N LYS C 462 -2.12 -24.63 20.17
CA LYS C 462 -3.35 -25.29 20.59
C LYS C 462 -4.36 -24.32 21.19
N GLU C 463 -3.97 -23.08 21.44
CA GLU C 463 -4.96 -22.04 21.74
C GLU C 463 -5.51 -21.45 20.46
N LEU C 464 -4.66 -21.25 19.45
CA LEU C 464 -5.10 -20.70 18.17
C LEU C 464 -5.99 -21.68 17.43
N LYS C 465 -5.65 -22.97 17.46
CA LYS C 465 -6.36 -24.04 16.76
C LYS C 465 -6.55 -23.75 15.27
N PRO C 466 -5.49 -23.75 14.47
CA PRO C 466 -5.67 -23.60 13.03
C PRO C 466 -6.15 -24.91 12.40
N ASN C 467 -6.66 -24.78 11.17
CA ASN C 467 -7.01 -25.97 10.40
C ASN C 467 -5.75 -26.72 9.97
N VAL C 468 -4.77 -26.00 9.42
CA VAL C 468 -3.52 -26.57 8.96
C VAL C 468 -2.39 -25.87 9.68
N LEU C 469 -1.33 -26.62 10.00
CA LEU C 469 -0.15 -26.09 10.67
C LEU C 469 1.07 -26.44 9.84
N VAL C 470 1.71 -25.44 9.25
CA VAL C 470 2.84 -25.61 8.35
C VAL C 470 4.08 -25.11 9.06
N ILE C 471 5.04 -26.01 9.27
CA ILE C 471 6.24 -25.69 10.04
C ILE C 471 7.47 -26.31 9.39
N PRO C 472 8.65 -25.85 9.78
CA PRO C 472 9.89 -26.53 9.38
C PRO C 472 9.98 -27.94 9.96
N GLU C 473 10.81 -28.76 9.31
CA GLU C 473 10.99 -30.15 9.75
C GLU C 473 11.72 -30.25 11.07
N ALA C 474 12.67 -29.36 11.31
CA ALA C 474 13.47 -29.42 12.54
C ALA C 474 12.63 -29.16 13.78
N TYR C 475 11.45 -28.55 13.64
CA TYR C 475 10.62 -28.28 14.82
C TYR C 475 10.03 -29.57 15.38
N THR C 476 9.44 -30.41 14.53
CA THR C 476 8.90 -31.70 14.96
C THR C 476 10.01 -32.74 15.00
N LYS C 477 10.92 -32.54 15.95
CA LYS C 477 12.10 -33.37 16.02
C LYS C 477 12.71 -33.27 17.42
N PRO C 478 12.91 -34.39 18.12
CA PRO C 478 13.45 -34.38 19.48
C PRO C 478 14.92 -33.99 19.55
N PRO C 483 14.38 -34.49 26.10
CA PRO C 483 14.03 -33.19 26.67
C PRO C 483 12.84 -32.56 25.96
N ASN C 484 12.13 -33.39 25.17
CA ASN C 484 10.90 -33.11 24.43
C ASN C 484 10.79 -31.70 23.90
N LEU C 485 11.82 -31.24 23.19
CA LEU C 485 11.82 -29.91 22.58
C LEU C 485 11.35 -30.02 21.13
N PHE C 486 10.05 -30.24 20.98
CA PHE C 486 9.45 -30.40 19.67
C PHE C 486 7.98 -30.05 19.74
N ILE C 487 7.43 -29.63 18.61
CA ILE C 487 6.02 -29.25 18.52
C ILE C 487 5.21 -30.50 18.23
N GLU C 488 4.29 -30.84 19.14
CA GLU C 488 3.34 -31.91 18.90
C GLU C 488 1.92 -31.40 19.11
N GLN C 489 1.09 -31.59 18.09
CA GLN C 489 -0.35 -31.32 18.15
C GLN C 489 -1.05 -32.54 17.56
N PRO C 490 -1.32 -33.56 18.37
CA PRO C 490 -1.87 -34.82 17.83
C PRO C 490 -3.28 -34.69 17.28
N ASP C 491 -4.03 -33.65 17.63
CA ASP C 491 -5.41 -33.51 17.21
C ASP C 491 -5.57 -32.80 15.88
N LYS C 492 -4.48 -32.46 15.21
CA LYS C 492 -4.55 -31.76 13.93
C LYS C 492 -3.40 -32.23 13.05
N LYS C 493 -3.47 -31.85 11.78
CA LYS C 493 -2.47 -32.28 10.80
C LYS C 493 -1.36 -31.25 10.70
N ILE C 494 -0.13 -31.75 10.57
CA ILE C 494 1.06 -30.92 10.53
C ILE C 494 1.77 -31.19 9.21
N ILE C 495 2.00 -30.14 8.44
CA ILE C 495 2.75 -30.22 7.20
C ILE C 495 4.10 -29.56 7.43
N THR C 496 5.08 -30.00 6.65
CA THR C 496 6.48 -29.98 7.07
C THR C 496 7.35 -29.67 5.87
N PHE C 497 8.07 -28.55 5.91
CA PHE C 497 8.89 -28.16 4.75
C PHE C 497 10.36 -28.06 5.14
N LYS C 498 11.20 -28.63 4.29
CA LYS C 498 12.65 -28.49 4.40
C LYS C 498 13.10 -27.33 3.52
N CYS C 499 14.42 -27.26 3.26
CA CYS C 499 15.02 -26.07 2.69
C CYS C 499 14.51 -25.78 1.28
N GLY C 500 14.57 -26.74 0.37
CA GLY C 500 14.28 -26.43 -1.01
C GLY C 500 13.03 -27.08 -1.56
N GLU C 501 11.98 -27.15 -0.76
CA GLU C 501 10.80 -27.93 -1.10
C GLU C 501 9.65 -27.04 -1.59
N ILE C 502 8.98 -27.51 -2.63
CA ILE C 502 7.70 -26.96 -3.08
C ILE C 502 6.63 -27.94 -2.61
N ILE C 503 5.73 -27.48 -1.76
CA ILE C 503 5.04 -28.38 -0.84
C ILE C 503 3.55 -28.56 -1.14
N ARG C 504 2.91 -27.67 -1.89
CA ARG C 504 1.54 -27.86 -2.36
C ARG C 504 0.55 -28.02 -1.19
N LEU C 505 0.33 -26.90 -0.50
CA LEU C 505 -0.57 -26.90 0.64
C LEU C 505 -2.01 -27.18 0.22
N PRO C 506 -2.78 -27.90 1.05
CA PRO C 506 -4.20 -28.23 0.79
C PRO C 506 -5.23 -27.19 1.22
N LEU C 507 -5.42 -26.17 0.39
CA LEU C 507 -6.47 -25.19 0.57
C LEU C 507 -7.18 -25.03 -0.76
N LYS C 508 -8.46 -25.38 -0.82
CA LYS C 508 -9.24 -25.33 -2.04
C LYS C 508 -10.35 -24.31 -1.90
N ARG C 509 -10.41 -23.36 -2.83
CA ARG C 509 -11.47 -22.38 -2.86
C ARG C 509 -12.72 -22.98 -3.47
N LYS C 510 -13.84 -22.84 -2.77
CA LYS C 510 -15.12 -23.35 -3.25
C LYS C 510 -16.18 -22.27 -3.42
N LEU C 511 -16.02 -21.11 -2.80
CA LEU C 511 -17.02 -20.06 -2.82
C LEU C 511 -16.35 -18.75 -3.21
N ASP C 512 -17.18 -17.77 -3.58
CA ASP C 512 -16.69 -16.46 -3.97
C ASP C 512 -17.81 -15.45 -3.72
N ARG C 513 -17.44 -14.26 -3.27
CA ARG C 513 -18.40 -13.27 -2.82
C ARG C 513 -18.75 -12.34 -3.97
N ILE C 514 -20.01 -12.38 -4.42
CA ILE C 514 -20.51 -11.49 -5.46
C ILE C 514 -21.72 -10.76 -4.91
N TYR C 515 -22.30 -9.87 -5.72
CA TYR C 515 -23.43 -9.06 -5.30
C TYR C 515 -24.51 -9.07 -6.37
N ILE C 516 -25.75 -8.86 -5.94
CA ILE C 516 -26.88 -8.70 -6.84
C ILE C 516 -27.57 -7.39 -6.47
N THR C 517 -28.34 -6.86 -7.43
CA THR C 517 -29.05 -5.61 -7.21
C THR C 517 -30.41 -5.87 -6.57
N SER C 518 -31.13 -4.80 -6.28
CA SER C 518 -32.40 -4.93 -5.56
C SER C 518 -33.50 -5.50 -6.44
N GLU C 519 -33.55 -5.10 -7.72
CA GLU C 519 -34.61 -5.55 -8.61
C GLU C 519 -34.52 -7.05 -8.86
N LEU C 520 -33.32 -7.54 -9.15
CA LEU C 520 -33.15 -8.97 -9.40
C LEU C 520 -33.33 -9.78 -8.12
N ALA C 521 -32.99 -9.20 -6.97
CA ALA C 521 -33.31 -9.85 -5.70
C ALA C 521 -34.80 -9.96 -5.50
N GLN C 522 -35.55 -8.92 -5.91
CA GLN C 522 -37.01 -8.96 -5.81
C GLN C 522 -37.60 -10.00 -6.76
N LYS C 523 -36.99 -10.19 -7.93
CA LYS C 523 -37.50 -11.16 -8.89
C LYS C 523 -37.37 -12.61 -8.41
N ILE C 524 -36.63 -12.87 -7.34
CA ILE C 524 -36.40 -14.23 -6.86
C ILE C 524 -37.70 -14.81 -6.31
N SER C 525 -37.99 -16.05 -6.69
CA SER C 525 -39.19 -16.77 -6.26
C SER C 525 -38.78 -18.06 -5.56
N PRO C 526 -38.64 -18.04 -4.24
CA PRO C 526 -38.22 -19.25 -3.52
C PRO C 526 -39.29 -20.35 -3.58
N LYS C 527 -38.82 -21.60 -3.61
CA LYS C 527 -39.69 -22.77 -3.65
C LYS C 527 -39.11 -23.81 -2.71
N GLU C 528 -39.93 -24.28 -1.77
CA GLU C 528 -39.47 -25.24 -0.76
C GLU C 528 -39.27 -26.61 -1.41
N VAL C 529 -38.03 -27.08 -1.43
CA VAL C 529 -37.72 -28.37 -2.05
C VAL C 529 -37.36 -29.43 -1.02
N ALA C 530 -36.80 -29.05 0.13
CA ALA C 530 -36.48 -29.99 1.19
C ALA C 530 -36.83 -29.33 2.51
N ALA C 531 -36.30 -29.88 3.61
CA ALA C 531 -36.68 -29.47 4.96
C ALA C 531 -36.38 -28.00 5.24
N GLY C 532 -35.10 -27.63 5.20
CA GLY C 532 -34.73 -26.26 5.54
C GLY C 532 -33.97 -25.54 4.45
N VAL C 533 -34.21 -25.92 3.19
CA VAL C 533 -33.48 -25.37 2.05
C VAL C 533 -34.46 -25.18 0.90
N THR C 534 -34.36 -24.02 0.23
CA THR C 534 -35.21 -23.68 -0.90
C THR C 534 -34.36 -23.41 -2.13
N PHE C 535 -34.96 -23.59 -3.31
CA PHE C 535 -34.29 -23.33 -4.57
C PHE C 535 -34.95 -22.18 -5.31
N SER C 536 -34.15 -21.57 -6.19
CA SER C 536 -34.63 -20.57 -7.13
C SER C 536 -33.66 -20.56 -8.30
N THR C 537 -34.12 -20.02 -9.43
CA THR C 537 -33.31 -19.94 -10.63
C THR C 537 -33.00 -18.49 -10.92
N LEU C 538 -31.73 -18.20 -11.20
CA LEU C 538 -31.25 -16.84 -11.38
C LEU C 538 -30.75 -16.65 -12.80
N THR C 539 -30.98 -15.45 -13.35
CA THR C 539 -30.46 -15.06 -14.64
C THR C 539 -30.26 -13.56 -14.63
N GLY C 540 -29.15 -13.10 -15.22
CA GLY C 540 -28.87 -11.68 -15.24
C GLY C 540 -27.64 -11.39 -16.08
N VAL C 541 -27.27 -10.11 -16.10
CA VAL C 541 -26.12 -9.63 -16.85
C VAL C 541 -25.04 -9.19 -15.86
N LEU C 542 -23.80 -9.62 -16.13
CA LEU C 542 -22.70 -9.49 -15.20
C LEU C 542 -21.79 -8.32 -15.56
N GLN C 543 -21.28 -7.63 -14.54
CA GLN C 543 -20.34 -6.51 -14.71
C GLN C 543 -19.25 -6.65 -13.64
N VAL C 544 -18.17 -7.34 -13.99
CA VAL C 544 -17.12 -7.67 -13.02
C VAL C 544 -16.26 -6.46 -12.69
N LYS C 545 -15.53 -5.98 -13.69
CA LYS C 545 -14.77 -4.73 -13.83
C LYS C 545 -13.52 -4.62 -12.96
N ASP C 546 -13.40 -5.38 -11.86
CA ASP C 546 -12.07 -5.76 -11.41
C ASP C 546 -11.99 -7.23 -11.01
N LYS C 547 -12.62 -7.52 -9.86
CA LYS C 547 -13.02 -8.84 -9.40
C LYS C 547 -14.33 -8.72 -8.64
N VAL C 548 -14.90 -7.52 -8.57
CA VAL C 548 -16.07 -7.24 -7.74
C VAL C 548 -17.28 -7.36 -8.66
N HIS C 549 -17.80 -8.58 -8.75
CA HIS C 549 -18.92 -8.84 -9.64
C HIS C 549 -20.19 -8.16 -9.14
N CYS C 550 -21.11 -7.95 -10.06
CA CYS C 550 -22.42 -7.40 -9.73
C CYS C 550 -23.40 -7.88 -10.78
N ILE C 551 -24.50 -8.48 -10.35
CA ILE C 551 -25.45 -9.12 -11.25
C ILE C 551 -26.58 -8.14 -11.51
N GLN C 552 -26.58 -7.51 -12.67
CA GLN C 552 -27.70 -6.65 -13.04
C GLN C 552 -28.81 -7.48 -13.68
N PRO C 553 -30.06 -7.04 -13.57
CA PRO C 553 -31.15 -7.77 -14.22
C PRO C 553 -31.20 -7.53 -15.71
N CYS C 554 -31.94 -8.40 -16.39
CA CYS C 554 -32.07 -8.32 -17.85
C CYS C 554 -33.23 -7.41 -18.24
N LYS C 571 -30.54 -16.82 -25.95
CA LYS C 571 -29.68 -15.69 -26.28
C LYS C 571 -30.16 -14.41 -25.59
N GLU C 572 -30.64 -14.58 -24.35
CA GLU C 572 -31.28 -13.63 -23.45
C GLU C 572 -32.75 -13.42 -23.83
N ASP C 573 -33.22 -13.95 -24.96
CA ASP C 573 -34.66 -13.95 -25.21
C ASP C 573 -35.35 -15.11 -24.49
N VAL C 574 -34.75 -16.30 -24.55
CA VAL C 574 -35.32 -17.49 -23.93
C VAL C 574 -34.59 -17.87 -22.64
N LEU C 575 -33.33 -17.45 -22.48
CA LEU C 575 -32.53 -17.89 -21.34
C LEU C 575 -33.07 -17.33 -20.03
N LYS C 576 -33.55 -16.09 -20.03
CA LYS C 576 -34.13 -15.55 -18.79
C LYS C 576 -35.58 -15.92 -18.62
N ASN C 577 -35.94 -17.18 -18.88
CA ASN C 577 -37.25 -17.72 -18.60
C ASN C 577 -37.19 -19.16 -18.13
N VAL C 578 -36.00 -19.73 -17.95
CA VAL C 578 -35.86 -21.17 -17.78
C VAL C 578 -36.17 -21.55 -16.35
N LYS C 579 -36.88 -22.66 -16.19
CA LYS C 579 -37.06 -23.32 -14.93
C LYS C 579 -36.52 -24.74 -15.04
N TYR C 580 -36.60 -25.50 -13.96
CA TYR C 580 -36.10 -26.86 -13.98
C TYR C 580 -37.09 -27.75 -13.25
N GLU C 581 -37.13 -29.02 -13.67
CA GLU C 581 -38.23 -29.91 -13.33
C GLU C 581 -37.68 -31.01 -12.42
N TYR C 582 -38.24 -31.12 -11.23
CA TYR C 582 -37.90 -32.19 -10.30
C TYR C 582 -39.17 -32.95 -9.94
N GLY C 583 -39.02 -33.99 -9.13
CA GLY C 583 -40.19 -34.73 -8.68
C GLY C 583 -40.83 -35.54 -9.80
N SER C 584 -40.17 -36.63 -10.21
CA SER C 584 -40.65 -37.47 -11.30
C SER C 584 -42.08 -37.92 -11.07
N ILE C 585 -42.92 -37.76 -12.10
CA ILE C 585 -44.36 -37.91 -11.94
C ILE C 585 -44.71 -39.38 -11.74
N ASP C 586 -45.86 -39.60 -11.10
CA ASP C 586 -46.34 -40.95 -10.83
C ASP C 586 -47.34 -41.38 -11.90
N VAL C 587 -47.82 -42.62 -11.78
CA VAL C 587 -48.60 -43.24 -12.84
C VAL C 587 -49.99 -42.62 -12.94
N ASP C 588 -50.59 -42.27 -11.81
CA ASP C 588 -52.00 -41.87 -11.77
C ASP C 588 -52.18 -40.35 -11.77
N ALA C 589 -51.30 -39.63 -12.47
CA ALA C 589 -51.40 -38.17 -12.55
C ALA C 589 -51.71 -37.66 -13.94
N VAL C 590 -51.05 -38.19 -14.98
CA VAL C 590 -51.21 -37.63 -16.32
C VAL C 590 -52.56 -38.03 -16.89
N MET C 591 -52.79 -39.34 -17.07
CA MET C 591 -54.02 -39.82 -17.68
C MET C 591 -55.24 -39.49 -16.82
N LYS C 592 -55.08 -39.51 -15.49
CA LYS C 592 -56.17 -39.12 -14.62
C LYS C 592 -56.56 -37.65 -14.82
N LYS C 593 -55.57 -36.78 -15.07
CA LYS C 593 -55.84 -35.38 -15.32
C LYS C 593 -55.95 -35.03 -16.81
N LEU C 594 -55.72 -36.00 -17.70
CA LEU C 594 -55.89 -35.74 -19.12
C LEU C 594 -57.19 -36.31 -19.66
N ALA C 595 -57.82 -37.24 -18.94
CA ALA C 595 -59.10 -37.79 -19.38
C ALA C 595 -60.20 -36.72 -19.39
N GLN C 596 -60.28 -35.91 -18.35
CA GLN C 596 -61.42 -35.02 -18.14
C GLN C 596 -61.23 -33.62 -18.72
N ASP C 597 -60.04 -33.30 -19.27
CA ASP C 597 -59.84 -31.96 -19.82
C ASP C 597 -60.58 -31.77 -21.14
N GLY C 598 -61.02 -32.85 -21.77
CA GLY C 598 -61.72 -32.76 -23.04
C GLY C 598 -61.33 -33.87 -24.00
N PHE C 599 -60.40 -34.73 -23.58
CA PHE C 599 -59.84 -35.80 -24.41
C PHE C 599 -59.83 -37.07 -23.57
N SER C 600 -60.88 -37.88 -23.68
CA SER C 600 -61.10 -39.04 -22.82
C SER C 600 -61.01 -40.35 -23.58
N ASN C 601 -60.08 -40.46 -24.52
CA ASN C 601 -59.89 -41.65 -25.33
C ASN C 601 -58.44 -42.11 -25.27
N ILE C 602 -57.91 -42.21 -24.05
CA ILE C 602 -56.49 -42.48 -23.85
C ILE C 602 -56.25 -43.98 -23.93
N LYS C 603 -55.35 -44.40 -24.81
CA LYS C 603 -54.89 -45.78 -24.88
C LYS C 603 -53.59 -45.89 -24.08
N LEU C 604 -53.59 -46.75 -23.07
CA LEU C 604 -52.45 -46.92 -22.18
C LEU C 604 -51.81 -48.28 -22.42
N ASP C 605 -50.67 -48.29 -23.09
CA ASP C 605 -49.81 -49.47 -23.13
C ASP C 605 -48.95 -49.43 -21.88
N ARG C 606 -49.34 -50.19 -20.87
CA ARG C 606 -48.61 -50.23 -19.59
C ARG C 606 -47.66 -51.42 -19.64
N THR C 607 -46.48 -51.20 -20.22
CA THR C 607 -45.48 -52.26 -20.29
C THR C 607 -44.83 -52.44 -18.92
N GLY C 608 -44.26 -53.62 -18.72
CA GLY C 608 -43.71 -54.05 -17.43
C GLY C 608 -42.74 -53.13 -16.74
N GLY C 609 -42.21 -52.13 -17.46
CA GLY C 609 -41.34 -51.16 -16.87
C GLY C 609 -41.64 -49.72 -17.25
N ALA C 610 -42.62 -49.51 -18.13
CA ALA C 610 -42.84 -48.17 -18.67
C ALA C 610 -44.30 -47.98 -19.06
N LEU C 611 -44.65 -46.75 -19.39
CA LEU C 611 -45.99 -46.43 -19.87
C LEU C 611 -45.92 -45.81 -21.26
N THR C 612 -47.00 -45.97 -22.01
CA THR C 612 -47.11 -45.45 -23.36
C THR C 612 -48.53 -44.96 -23.58
N LEU C 613 -48.67 -43.76 -24.12
CA LEU C 613 -49.99 -43.15 -24.33
C LEU C 613 -50.20 -42.92 -25.81
N ASN C 614 -51.25 -43.53 -26.35
CA ASN C 614 -51.71 -43.29 -27.71
C ASN C 614 -53.05 -42.58 -27.66
N LEU C 615 -53.25 -41.63 -28.58
CA LEU C 615 -54.38 -40.72 -28.50
C LEU C 615 -54.97 -40.54 -29.90
N VAL C 616 -56.26 -40.21 -29.95
CA VAL C 616 -57.02 -40.27 -31.20
C VAL C 616 -57.27 -38.91 -31.85
N ASN C 617 -57.16 -37.81 -31.10
CA ASN C 617 -57.39 -36.49 -31.69
C ASN C 617 -56.35 -36.19 -32.77
N GLU C 618 -55.10 -36.56 -32.52
CA GLU C 618 -54.08 -36.63 -33.56
C GLU C 618 -53.10 -37.72 -33.19
N ASP C 619 -52.30 -38.12 -34.17
CA ASP C 619 -51.29 -39.15 -33.93
C ASP C 619 -50.23 -38.59 -32.97
N THR C 620 -50.24 -39.09 -31.74
CA THR C 620 -49.32 -38.63 -30.72
C THR C 620 -49.16 -39.73 -29.67
N VAL C 621 -47.96 -39.81 -29.10
CA VAL C 621 -47.61 -40.83 -28.13
C VAL C 621 -46.80 -40.19 -27.01
N ILE C 622 -47.10 -40.55 -25.78
CA ILE C 622 -46.43 -40.00 -24.60
C ILE C 622 -45.81 -41.18 -23.85
N LYS C 623 -44.48 -41.24 -23.80
CA LYS C 623 -43.78 -42.36 -23.19
C LYS C 623 -43.27 -41.96 -21.81
N PHE C 624 -43.65 -42.75 -20.80
CA PHE C 624 -43.32 -42.49 -19.41
C PHE C 624 -42.29 -43.50 -18.92
N GLU C 625 -41.15 -42.99 -18.47
CA GLU C 625 -40.17 -43.74 -17.70
C GLU C 625 -40.10 -43.18 -16.29
N ASP C 626 -39.57 -43.97 -15.36
CA ASP C 626 -39.51 -43.58 -13.95
C ASP C 626 -38.62 -42.38 -13.70
N ASN C 627 -37.75 -42.02 -14.65
CA ASN C 627 -36.89 -40.85 -14.51
C ASN C 627 -36.97 -39.92 -15.71
N GLU C 628 -37.82 -40.19 -16.70
CA GLU C 628 -37.89 -39.38 -17.89
C GLU C 628 -39.27 -39.46 -18.52
N THR C 629 -39.76 -38.32 -19.01
CA THR C 629 -41.02 -38.24 -19.72
C THR C 629 -40.76 -37.60 -21.08
N HIS C 630 -41.29 -38.19 -22.15
CA HIS C 630 -41.00 -37.64 -23.47
C HIS C 630 -42.12 -38.00 -24.44
N ILE C 631 -42.14 -37.27 -25.56
CA ILE C 631 -43.09 -37.48 -26.64
C ILE C 631 -42.30 -37.80 -27.90
N ILE C 632 -42.99 -38.38 -28.88
CA ILE C 632 -42.38 -38.77 -30.15
C ILE C 632 -43.10 -38.17 -31.35
N CYS C 633 -44.42 -38.35 -31.42
CA CYS C 633 -45.19 -37.95 -32.60
C CYS C 633 -45.94 -36.65 -32.31
N GLY C 634 -45.82 -35.69 -33.23
CA GLY C 634 -46.47 -34.41 -33.12
C GLY C 634 -47.51 -34.18 -34.21
N GLY C 635 -47.77 -32.91 -34.47
CA GLY C 635 -48.74 -32.52 -35.48
C GLY C 635 -49.01 -31.03 -35.52
N LYS C 636 -50.28 -30.65 -35.56
CA LYS C 636 -50.66 -29.24 -35.52
C LYS C 636 -50.35 -28.65 -34.15
N PRO C 637 -50.02 -27.34 -34.10
CA PRO C 637 -49.40 -26.79 -32.88
C PRO C 637 -50.24 -26.90 -31.61
N THR C 638 -51.56 -26.86 -31.72
CA THR C 638 -52.40 -26.94 -30.52
C THR C 638 -52.35 -28.34 -29.89
N THR C 639 -51.98 -29.37 -30.66
CA THR C 639 -51.84 -30.71 -30.10
C THR C 639 -50.74 -30.76 -29.05
N ARG C 640 -49.67 -29.96 -29.23
CA ARG C 640 -48.58 -29.96 -28.26
C ARG C 640 -49.02 -29.40 -26.91
N LEU C 641 -49.80 -28.31 -26.91
CA LEU C 641 -49.99 -27.51 -25.70
C LEU C 641 -50.83 -28.24 -24.66
N LYS C 642 -51.79 -29.07 -25.07
CA LYS C 642 -52.54 -29.85 -24.09
C LYS C 642 -51.61 -30.83 -23.37
N LEU C 643 -50.72 -31.49 -24.11
CA LEU C 643 -49.72 -32.35 -23.48
C LEU C 643 -48.83 -31.54 -22.55
N ARG C 644 -48.38 -30.38 -23.01
CA ARG C 644 -47.55 -29.45 -22.25
C ARG C 644 -48.15 -29.16 -20.88
N ASP C 645 -49.32 -28.51 -20.87
CA ASP C 645 -49.86 -28.06 -19.58
C ASP C 645 -50.38 -29.22 -18.74
N THR C 646 -50.89 -30.29 -19.37
CA THR C 646 -51.34 -31.43 -18.60
C THR C 646 -50.20 -32.11 -17.85
N ILE C 647 -49.02 -32.20 -18.49
CA ILE C 647 -47.86 -32.72 -17.78
C ILE C 647 -47.38 -31.73 -16.73
N MET C 648 -47.35 -30.44 -17.07
CA MET C 648 -46.69 -29.46 -16.20
C MET C 648 -47.48 -29.15 -14.95
N LYS C 649 -48.81 -29.27 -14.97
CA LYS C 649 -49.59 -28.88 -13.79
C LYS C 649 -49.33 -29.76 -12.58
N CYS C 650 -49.02 -31.04 -12.79
CA CYS C 650 -48.82 -31.97 -11.69
C CYS C 650 -47.41 -32.55 -11.68
N LEU C 651 -46.41 -31.72 -12.00
CA LEU C 651 -45.01 -32.09 -11.87
C LEU C 651 -44.27 -30.91 -11.25
N GLN C 652 -43.35 -31.21 -10.34
CA GLN C 652 -42.76 -30.17 -9.50
C GLN C 652 -41.76 -29.31 -10.28
N SER C 653 -41.77 -28.02 -10.00
CA SER C 653 -40.92 -27.06 -10.69
C SER C 653 -40.27 -26.13 -9.68
N PHE C 654 -39.16 -25.51 -10.09
CA PHE C 654 -38.51 -24.49 -9.27
C PHE C 654 -39.34 -23.22 -9.27
ZN ZN D . -9.17 23.56 13.80
ZN ZN E . -13.21 24.51 13.13
C1 IHP F . -5.82 -23.65 -10.08
C2 IHP F . -4.88 -24.85 -10.05
C3 IHP F . -3.45 -24.43 -9.77
C4 IHP F . -3.36 -23.63 -8.48
C5 IHP F . -4.29 -22.44 -8.51
C6 IHP F . -5.72 -22.86 -8.78
O11 IHP F . -7.18 -24.14 -10.21
P1 IHP F . -7.93 -24.22 -11.64
O21 IHP F . -9.28 -23.54 -11.46
O31 IHP F . -7.05 -23.50 -12.63
O41 IHP F . -8.08 -25.70 -11.96
O12 IHP F . -5.33 -25.74 -8.97
P2 IHP F . -5.79 -27.25 -9.25
O22 IHP F . -5.63 -27.47 -10.75
O32 IHP F . -7.23 -27.35 -8.81
O42 IHP F . -4.86 -28.14 -8.45
O13 IHP F . -2.66 -25.65 -9.60
P3 IHP F . -1.80 -26.28 -10.80
O23 IHP F . -1.93 -25.35 -11.98
O33 IHP F . -0.37 -26.39 -10.29
O43 IHP F . -2.39 -27.65 -11.08
O14 IHP F . -1.99 -23.16 -8.34
P4 IHP F . -1.06 -23.55 -7.08
O24 IHP F . -2.01 -23.89 -5.94
O34 IHP F . -0.23 -24.73 -7.51
O44 IHP F . -0.22 -22.33 -6.78
O15 IHP F . -4.26 -21.81 -7.18
P5 IHP F . -3.70 -20.31 -6.96
O25 IHP F . -3.11 -19.87 -8.27
O35 IHP F . -2.66 -20.41 -5.86
O45 IHP F . -4.89 -19.47 -6.55
O16 IHP F . -6.54 -21.65 -8.94
P6 IHP F . -7.79 -21.36 -7.97
O26 IHP F . -9.03 -21.85 -8.71
O36 IHP F . -7.55 -22.14 -6.69
O46 IHP F . -7.83 -19.87 -7.73
#